data_3P9U
#
_entry.id   3P9U
#
_cell.length_a   87.700
_cell.length_b   67.330
_cell.length_c   153.790
_cell.angle_alpha   90.00
_cell.angle_beta   100.31
_cell.angle_gamma   90.00
#
_symmetry.space_group_name_H-M   'P 1 21 1'
#
loop_
_entity.id
_entity.type
_entity.pdbx_description
1 polymer 'TetX2 protein'
2 non-polymer 'FLAVIN-ADENINE DINUCLEOTIDE'
3 non-polymer 'SULFATE ION'
4 water water
#
_entity_poly.entity_id   1
_entity_poly.type   'polypeptide(L)'
_entity_poly.pdbx_seq_one_letter_code
;(MSE)NLLSDKNVAIIGGGPVGLT(MSE)AKLLQQNGIDVSVYERDNDREARIFGGTLDLHKGSGQEA(MSE)KKAGLLQ
TYYDLALP(MSE)GVNIADKKGNILSTKNVKPENRFDNPEINRNDLRAILLNSLENDTVIWDRKLV(MSE)LEPGKKKWT
LTFENKPSETADLVILANGG(MSE)SKVRKFVTDTEVEETGTFNIQADIHQPEINCPGFFQLCNGNRL(MSE)ASHQGNL
LFANPNNNGALHFGISFKTPDEWKNQTQVDFQNRNSVVDFLLKKFSDWDERYKELIHTTLSFVGLATRIFPLEKPWKSKR
PLPIT(MSE)IGDAAHL(MSE)PPFAGQGVNSGLVDALILSDNLADGKFNSIEEAVKNYEQQ(MSE)FIYGKEAQEESTQ
NEIE(MSE)FKPDFTFQQLLNV
;
_entity_poly.pdbx_strand_id   A,B,C,D
#
loop_
_chem_comp.id
_chem_comp.type
_chem_comp.name
_chem_comp.formula
FAD non-polymer 'FLAVIN-ADENINE DINUCLEOTIDE' 'C27 H33 N9 O15 P2'
SO4 non-polymer 'SULFATE ION' 'O4 S -2'
#
# COMPACT_ATOMS: atom_id res chain seq x y z
N LEU A 3 22.95 -11.17 34.20
CA LEU A 3 23.09 -10.97 32.74
C LEU A 3 24.43 -10.43 32.23
N LEU A 4 24.63 -10.56 30.91
CA LEU A 4 25.93 -10.31 30.27
C LEU A 4 26.43 -8.87 30.39
N SER A 5 25.70 -8.04 31.14
CA SER A 5 26.08 -6.65 31.36
C SER A 5 26.25 -6.32 32.84
N ASP A 6 27.42 -6.61 33.40
CA ASP A 6 27.79 -5.98 34.65
C ASP A 6 28.69 -4.79 34.34
N LYS A 7 28.43 -4.20 33.18
CA LYS A 7 29.21 -3.10 32.66
C LYS A 7 28.29 -1.90 32.51
N ASN A 8 28.42 -1.12 31.45
CA ASN A 8 27.49 0.00 31.23
C ASN A 8 27.21 0.38 29.76
N VAL A 9 25.94 0.63 29.46
CA VAL A 9 25.55 0.97 28.10
C VAL A 9 25.37 2.48 27.87
N ALA A 10 25.73 2.93 26.67
CA ALA A 10 25.40 4.30 26.28
C ALA A 10 24.50 4.25 25.05
N ILE A 11 23.28 4.74 25.18
CA ILE A 11 22.39 4.90 24.05
C ILE A 11 22.59 6.32 23.56
N ILE A 12 22.90 6.49 22.28
CA ILE A 12 23.00 7.83 21.72
C ILE A 12 21.72 8.14 20.99
N GLY A 13 20.83 8.90 21.63
CA GLY A 13 19.58 9.27 21.01
C GLY A 13 18.39 9.04 21.92
N GLY A 14 17.71 10.12 22.27
CA GLY A 14 16.50 10.03 23.07
C GLY A 14 15.18 10.15 22.32
N GLY A 15 15.13 9.65 21.10
CA GLY A 15 13.87 9.57 20.41
C GLY A 15 13.04 8.45 21.02
N PRO A 16 11.85 8.19 20.45
CA PRO A 16 11.01 7.07 20.89
C PRO A 16 11.76 5.73 20.90
N VAL A 17 12.55 5.43 19.88
CA VAL A 17 13.28 4.15 19.87
C VAL A 17 14.36 4.12 20.97
N GLY A 18 15.22 5.15 21.04
CA GLY A 18 16.26 5.18 22.06
C GLY A 18 15.73 5.10 23.50
N LEU A 19 14.70 5.87 23.82
CA LEU A 19 14.08 5.81 25.14
C LEU A 19 13.47 4.43 25.46
N THR A 20 12.86 3.78 24.49
CA THR A 20 12.32 2.44 24.71
C THR A 20 13.45 1.45 25.06
N MSE A 21 14.55 1.51 24.30
CA MSE A 21 15.75 0.77 24.65
C MSE A 21 16.09 0.98 26.11
O MSE A 21 16.16 0.03 26.90
CB MSE A 21 16.95 1.22 23.83
CG MSE A 21 17.25 0.35 22.65
SE MSE A 21 17.87 -1.45 23.07
CE MSE A 21 17.59 -2.15 21.28
N ALA A 22 16.31 2.24 26.48
CA ALA A 22 16.73 2.56 27.82
C ALA A 22 15.83 1.84 28.80
N LYS A 23 14.51 1.88 28.54
CA LYS A 23 13.53 1.35 29.47
C LYS A 23 13.59 -0.16 29.57
N LEU A 24 13.72 -0.81 28.41
CA LEU A 24 13.78 -2.26 28.33
C LEU A 24 15.04 -2.81 29.00
N LEU A 25 16.15 -2.07 28.87
CA LEU A 25 17.39 -2.47 29.54
C LEU A 25 17.26 -2.27 31.03
N GLN A 26 16.91 -1.06 31.41
CA GLN A 26 16.85 -0.73 32.83
C GLN A 26 15.85 -1.61 33.61
N GLN A 27 14.92 -2.25 32.90
CA GLN A 27 13.97 -3.15 33.51
C GLN A 27 14.70 -4.39 34.02
N ASN A 28 15.81 -4.69 33.38
CA ASN A 28 16.63 -5.85 33.73
C ASN A 28 17.84 -5.49 34.56
N GLY A 29 17.79 -4.32 35.20
CA GLY A 29 18.89 -3.89 36.03
C GLY A 29 20.16 -3.50 35.31
N ILE A 30 20.13 -3.47 33.99
CA ILE A 30 21.27 -2.97 33.25
C ILE A 30 21.50 -1.48 33.52
N ASP A 31 22.76 -1.07 33.48
CA ASP A 31 23.15 0.33 33.63
C ASP A 31 23.15 1.06 32.27
N VAL A 32 22.14 1.90 32.03
CA VAL A 32 22.08 2.67 30.78
C VAL A 32 22.01 4.18 30.98
N SER A 33 22.67 4.91 30.10
CA SER A 33 22.47 6.34 30.00
C SER A 33 22.08 6.70 28.58
N VAL A 34 21.13 7.61 28.44
CA VAL A 34 20.77 8.08 27.13
C VAL A 34 21.33 9.49 26.95
N TYR A 35 22.17 9.66 25.93
CA TYR A 35 22.71 10.98 25.62
C TYR A 35 21.92 11.62 24.50
N GLU A 36 21.15 12.64 24.86
CA GLU A 36 20.24 13.31 23.95
C GLU A 36 20.75 14.71 23.69
N ARG A 37 20.65 15.19 22.46
CA ARG A 37 21.09 16.55 22.19
C ARG A 37 20.01 17.64 22.38
N ASP A 38 18.76 17.26 22.55
CA ASP A 38 17.77 18.27 22.90
C ASP A 38 18.24 18.97 24.17
N ASN A 39 17.97 20.26 24.28
CA ASN A 39 18.43 21.04 25.42
C ASN A 39 17.83 20.59 26.76
N ASP A 40 16.55 20.28 26.77
CA ASP A 40 15.86 19.87 27.99
C ASP A 40 14.66 18.97 27.69
N ARG A 41 14.19 18.25 28.71
CA ARG A 41 12.98 17.44 28.66
C ARG A 41 11.85 18.06 27.85
N GLU A 42 11.79 19.38 27.83
CA GLU A 42 10.60 20.08 27.38
C GLU A 42 10.67 20.67 25.94
N ALA A 43 11.72 20.35 25.21
CA ALA A 43 11.87 20.84 23.85
C ALA A 43 10.77 20.30 22.95
N ARG A 44 10.22 21.13 22.08
CA ARG A 44 9.13 20.72 21.22
C ARG A 44 9.63 19.76 20.15
N ILE A 45 8.96 18.61 19.99
CA ILE A 45 9.25 17.75 18.85
C ILE A 45 8.34 18.08 17.66
N PHE A 46 8.91 18.58 16.58
CA PHE A 46 8.12 18.87 15.39
C PHE A 46 7.79 17.58 14.64
N GLY A 47 6.57 17.46 14.14
CA GLY A 47 6.17 16.30 13.35
C GLY A 47 4.72 15.87 13.54
N GLY A 48 4.33 14.82 12.84
CA GLY A 48 2.98 14.27 12.97
C GLY A 48 2.87 13.40 14.21
N THR A 49 1.78 12.63 14.28
CA THR A 49 1.60 11.74 15.41
C THR A 49 2.01 10.33 15.02
N LEU A 50 2.65 9.63 15.95
CA LEU A 50 2.96 8.23 15.78
C LEU A 50 1.77 7.37 16.14
N ASP A 51 1.76 6.14 15.63
CA ASP A 51 0.81 5.15 16.10
C ASP A 51 1.49 3.81 16.15
N LEU A 52 1.15 3.04 17.17
CA LEU A 52 1.84 1.78 17.44
C LEU A 52 0.98 0.59 17.05
N HIS A 53 1.53 -0.27 16.20
CA HIS A 53 0.76 -1.40 15.68
C HIS A 53 0.76 -2.54 16.68
N LYS A 54 -0.33 -3.30 16.71
CA LYS A 54 -0.32 -4.56 17.42
C LYS A 54 0.73 -5.41 16.71
N GLY A 55 1.47 -6.20 17.48
CA GLY A 55 2.49 -7.05 16.90
C GLY A 55 3.88 -6.47 17.06
N SER A 56 3.99 -5.15 16.87
CA SER A 56 5.30 -4.50 16.88
C SER A 56 5.40 -3.41 17.94
N GLY A 57 5.14 -2.18 17.54
CA GLY A 57 5.22 -1.06 18.46
C GLY A 57 4.56 -1.39 19.79
N GLN A 58 3.34 -1.91 19.73
CA GLN A 58 2.63 -2.19 20.97
C GLN A 58 3.28 -3.29 21.81
N GLU A 59 3.95 -4.23 21.17
CA GLU A 59 4.65 -5.29 21.90
C GLU A 59 5.77 -4.64 22.70
N ALA A 60 6.43 -3.69 22.07
CA ALA A 60 7.43 -2.89 22.76
C ALA A 60 6.84 -2.33 24.03
N MSE A 61 5.66 -1.76 23.95
CA MSE A 61 5.04 -1.08 25.09
C MSE A 61 4.51 -2.06 26.13
O MSE A 61 4.55 -1.80 27.33
CB MSE A 61 3.91 -0.15 24.63
CG MSE A 61 4.34 0.89 23.60
SE MSE A 61 5.69 2.17 24.25
CE MSE A 61 4.55 3.11 25.53
N LYS A 62 3.99 -3.20 25.65
CA LYS A 62 3.51 -4.26 26.52
C LYS A 62 4.65 -4.70 27.44
N LYS A 63 5.83 -4.91 26.86
CA LYS A 63 6.99 -5.38 27.60
C LYS A 63 7.55 -4.30 28.52
N ALA A 64 7.40 -3.04 28.12
CA ALA A 64 7.93 -1.97 28.93
C ALA A 64 6.92 -1.67 30.02
N GLY A 65 5.79 -2.37 29.98
CA GLY A 65 4.74 -2.19 30.96
C GLY A 65 4.00 -0.88 30.79
N LEU A 66 3.95 -0.41 29.54
CA LEU A 66 3.49 0.93 29.21
C LEU A 66 2.33 1.01 28.21
N LEU A 67 1.77 -0.14 27.83
CA LEU A 67 0.68 -0.15 26.86
C LEU A 67 -0.53 0.69 27.34
N GLN A 68 -1.00 0.42 28.55
CA GLN A 68 -2.17 1.13 29.03
C GLN A 68 -1.94 2.64 29.04
N THR A 69 -0.74 3.05 29.44
CA THR A 69 -0.44 4.47 29.49
C THR A 69 -0.46 5.03 28.07
N TYR A 70 0.03 4.26 27.12
CA TYR A 70 0.02 4.66 25.73
C TYR A 70 -1.42 4.79 25.24
N TYR A 71 -2.25 3.81 25.52
CA TYR A 71 -3.64 3.92 25.15
C TYR A 71 -4.28 5.18 25.74
N ASP A 72 -4.04 5.42 27.02
CA ASP A 72 -4.64 6.59 27.69
C ASP A 72 -4.41 7.85 26.91
N LEU A 73 -3.17 8.08 26.51
CA LEU A 73 -2.77 9.36 25.93
C LEU A 73 -2.97 9.40 24.40
N ALA A 74 -3.06 8.23 23.79
CA ALA A 74 -3.30 8.17 22.36
C ALA A 74 -4.76 8.48 22.07
N LEU A 75 -5.06 8.62 20.78
CA LEU A 75 -6.36 9.08 20.35
C LEU A 75 -6.68 8.43 19.01
N PRO A 76 -7.67 7.54 18.97
CA PRO A 76 -7.93 6.86 17.70
C PRO A 76 -8.45 7.87 16.70
N MSE A 77 -8.19 7.63 15.42
CA MSE A 77 -8.56 8.56 14.34
C MSE A 77 -9.03 7.82 13.10
O MSE A 77 -8.32 6.95 12.59
CB MSE A 77 -7.35 9.38 13.92
CG MSE A 77 -6.68 10.11 15.03
SE MSE A 77 -7.44 11.87 15.14
CE MSE A 77 -6.64 12.53 13.50
N GLY A 78 -10.20 8.18 12.62
CA GLY A 78 -10.61 7.74 11.30
C GLY A 78 -9.74 8.42 10.27
N VAL A 79 -9.79 7.93 9.04
CA VAL A 79 -9.13 8.63 7.95
C VAL A 79 -10.01 8.74 6.70
N ASN A 80 -10.03 9.94 6.13
CA ASN A 80 -10.73 10.19 4.87
C ASN A 80 -9.75 10.26 3.73
N ILE A 81 -10.13 9.73 2.57
CA ILE A 81 -9.41 10.01 1.36
C ILE A 81 -10.24 11.08 0.65
N ALA A 82 -9.59 12.14 0.21
CA ALA A 82 -10.28 13.20 -0.51
C ALA A 82 -9.63 13.40 -1.86
N ASP A 83 -10.30 14.13 -2.73
CA ASP A 83 -9.73 14.44 -4.04
C ASP A 83 -9.34 15.91 -4.12
N LYS A 84 -8.65 16.28 -5.18
CA LYS A 84 -8.22 17.66 -5.40
C LYS A 84 -9.33 18.66 -5.20
N LYS A 85 -10.58 18.21 -5.26
CA LYS A 85 -11.72 19.15 -5.21
C LYS A 85 -12.37 19.31 -3.85
N GLY A 86 -12.19 18.35 -2.96
CA GLY A 86 -12.79 18.46 -1.64
C GLY A 86 -13.87 17.43 -1.46
N ASN A 87 -14.03 16.58 -2.46
CA ASN A 87 -14.90 15.43 -2.34
C ASN A 87 -14.25 14.39 -1.45
N ILE A 88 -14.99 13.91 -0.46
CA ILE A 88 -14.55 12.76 0.28
C ILE A 88 -14.77 11.54 -0.61
N LEU A 89 -13.68 10.92 -1.01
CA LEU A 89 -13.75 9.69 -1.76
C LEU A 89 -14.06 8.52 -0.83
N SER A 90 -13.38 8.46 0.31
CA SER A 90 -13.54 7.36 1.24
C SER A 90 -13.48 7.85 2.67
N THR A 91 -13.99 7.05 3.59
CA THR A 91 -13.85 7.36 5.00
C THR A 91 -13.92 6.12 5.90
N LYS A 92 -12.79 5.73 6.46
CA LYS A 92 -12.77 4.66 7.44
C LYS A 92 -12.77 5.26 8.85
N ASN A 93 -13.77 4.92 9.65
CA ASN A 93 -13.86 5.44 11.01
C ASN A 93 -13.36 4.51 12.10
N VAL A 94 -13.15 5.07 13.28
CA VAL A 94 -12.82 4.25 14.41
C VAL A 94 -14.04 3.42 14.78
N LYS A 95 -13.92 2.10 14.65
CA LYS A 95 -14.95 1.19 15.16
C LYS A 95 -14.59 0.74 16.57
N PRO A 96 -15.57 0.79 17.47
CA PRO A 96 -15.41 0.55 18.91
C PRO A 96 -14.50 -0.64 19.21
N GLU A 97 -14.71 -1.73 18.47
CA GLU A 97 -13.92 -2.92 18.68
C GLU A 97 -12.46 -2.69 18.28
N ASN A 98 -12.26 -1.91 17.23
CA ASN A 98 -10.93 -1.69 16.68
C ASN A 98 -10.32 -0.33 17.02
N ARG A 99 -10.63 0.16 18.21
CA ARG A 99 -10.02 1.37 18.77
C ARG A 99 -8.55 1.14 18.87
N PHE A 100 -8.22 0.18 19.71
CA PHE A 100 -6.87 -0.02 20.17
C PHE A 100 -5.92 -0.48 19.09
N ASP A 101 -6.38 -0.57 17.86
CA ASP A 101 -5.51 -1.11 16.82
C ASP A 101 -4.30 -0.20 16.69
N ASN A 102 -4.54 1.09 16.47
CA ASN A 102 -3.45 2.06 16.36
C ASN A 102 -3.87 3.51 16.56
N PRO A 103 -4.17 3.88 17.81
CA PRO A 103 -4.45 5.27 18.20
C PRO A 103 -3.23 6.16 18.00
N GLU A 104 -3.46 7.39 17.57
CA GLU A 104 -2.38 8.29 17.23
C GLU A 104 -1.93 8.95 18.51
N ILE A 105 -0.63 9.06 18.68
CA ILE A 105 -0.10 9.76 19.83
C ILE A 105 0.86 10.86 19.42
N ASN A 106 0.86 11.93 20.20
CA ASN A 106 1.73 13.06 19.92
C ASN A 106 3.19 12.77 20.35
N ARG A 107 4.14 13.13 19.49
CA ARG A 107 5.51 12.72 19.71
C ARG A 107 6.06 13.16 21.08
N ASN A 108 5.64 14.33 21.53
CA ASN A 108 6.03 14.78 22.85
C ASN A 108 5.37 13.99 23.96
N ASP A 109 4.11 13.63 23.78
CA ASP A 109 3.37 12.87 24.78
C ASP A 109 4.03 11.50 24.97
N LEU A 110 4.38 10.85 23.86
CA LEU A 110 5.06 9.57 23.94
C LEU A 110 6.38 9.65 24.71
N ARG A 111 7.19 10.68 24.45
CA ARG A 111 8.44 10.87 25.17
C ARG A 111 8.21 11.12 26.66
N ALA A 112 7.11 11.78 26.98
CA ALA A 112 6.72 11.97 28.36
C ALA A 112 6.46 10.64 29.03
N ILE A 113 5.80 9.74 28.32
CA ILE A 113 5.49 8.42 28.86
C ILE A 113 6.77 7.64 29.10
N LEU A 114 7.59 7.50 28.06
CA LEU A 114 8.84 6.79 28.17
C LEU A 114 9.67 7.42 29.25
N LEU A 115 9.88 8.72 29.16
CA LEU A 115 10.77 9.41 30.10
C LEU A 115 10.41 9.10 31.55
N ASN A 116 9.11 9.18 31.82
CA ASN A 116 8.52 8.90 33.14
C ASN A 116 8.82 7.47 33.65
N SER A 117 9.07 6.53 32.74
CA SER A 117 9.28 5.14 33.12
C SER A 117 10.73 4.86 33.48
N LEU A 118 11.63 5.80 33.22
CA LEU A 118 13.05 5.59 33.56
C LEU A 118 13.42 6.17 34.92
N GLU A 119 14.40 5.58 35.61
CA GLU A 119 14.86 6.16 36.87
C GLU A 119 15.36 7.57 36.55
N ASN A 120 15.38 8.43 37.55
CA ASN A 120 15.89 9.78 37.37
C ASN A 120 17.22 9.78 36.64
N ASP A 121 17.48 10.84 35.89
CA ASP A 121 18.82 11.07 35.33
C ASP A 121 19.35 9.92 34.49
N THR A 122 18.44 9.14 33.92
CA THR A 122 18.85 8.16 32.93
C THR A 122 19.23 8.88 31.66
N VAL A 123 18.43 9.89 31.29
CA VAL A 123 18.74 10.70 30.12
C VAL A 123 19.69 11.79 30.56
N ILE A 124 20.72 12.06 29.76
CA ILE A 124 21.56 13.21 30.02
C ILE A 124 21.37 14.22 28.88
N TRP A 125 20.71 15.34 29.18
CA TRP A 125 20.29 16.28 28.17
C TRP A 125 21.42 17.18 27.72
N ASP A 126 21.17 17.96 26.67
CA ASP A 126 22.17 18.85 26.08
C ASP A 126 23.48 18.11 25.82
N ARG A 127 23.36 16.96 25.14
CA ARG A 127 24.51 16.11 24.84
C ARG A 127 24.51 15.67 23.38
N LYS A 128 25.27 16.38 22.56
CA LYS A 128 25.38 16.09 21.14
C LYS A 128 26.65 15.26 20.93
N LEU A 129 26.49 13.97 20.61
CA LEU A 129 27.65 13.11 20.33
C LEU A 129 28.26 13.45 18.98
N VAL A 130 29.56 13.69 18.98
CA VAL A 130 30.25 14.08 17.74
C VAL A 130 31.35 13.08 17.42
N MSE A 131 31.79 12.32 18.41
CA MSE A 131 32.91 11.43 18.18
C MSE A 131 32.93 10.20 19.08
O MSE A 131 32.64 10.28 20.26
CB MSE A 131 34.23 12.19 18.32
CG MSE A 131 35.24 11.86 17.22
SE MSE A 131 37.04 12.53 17.48
CE MSE A 131 37.31 11.94 19.31
N LEU A 132 33.30 9.07 18.48
CA LEU A 132 33.46 7.80 19.19
C LEU A 132 34.88 7.31 18.98
N GLU A 133 35.40 6.53 19.92
CA GLU A 133 36.80 6.14 19.90
C GLU A 133 37.03 4.91 20.74
N PRO A 134 37.42 3.79 20.10
CA PRO A 134 37.59 2.50 20.76
C PRO A 134 38.68 2.53 21.80
N GLY A 135 38.31 2.30 23.05
CA GLY A 135 39.30 2.28 24.11
C GLY A 135 39.93 0.91 24.26
N LYS A 136 40.73 0.77 25.32
CA LYS A 136 41.33 -0.50 25.70
C LYS A 136 40.24 -1.56 25.77
N LYS A 137 39.32 -1.39 26.72
CA LYS A 137 38.16 -2.26 26.83
C LYS A 137 36.85 -1.50 26.94
N LYS A 138 36.85 -0.24 26.51
CA LYS A 138 35.61 0.53 26.45
C LYS A 138 35.67 1.81 25.62
N TRP A 139 34.51 2.20 25.12
CA TRP A 139 34.36 3.30 24.17
C TRP A 139 34.54 4.63 24.85
N THR A 140 35.00 5.63 24.10
CA THR A 140 35.07 6.99 24.59
C THR A 140 34.26 7.98 23.76
N LEU A 141 33.25 8.56 24.41
CA LEU A 141 32.27 9.37 23.71
C LEU A 141 32.58 10.83 23.90
N THR A 142 32.61 11.57 22.80
CA THR A 142 32.94 13.00 22.78
C THR A 142 31.68 13.84 22.55
N PHE A 143 31.49 14.86 23.38
CA PHE A 143 30.28 15.65 23.27
C PHE A 143 30.63 17.11 23.07
N GLU A 144 29.96 17.74 22.11
CA GLU A 144 30.25 19.14 21.79
C GLU A 144 30.23 20.00 23.04
N ASN A 145 31.39 20.55 23.38
CA ASN A 145 31.53 21.42 24.54
C ASN A 145 30.90 20.83 25.81
N LYS A 146 31.15 19.54 26.05
CA LYS A 146 30.71 18.91 27.28
C LYS A 146 31.66 17.77 27.58
N PRO A 147 31.85 17.49 28.88
CA PRO A 147 32.74 16.42 29.33
C PRO A 147 32.46 15.11 28.61
N SER A 148 33.52 14.35 28.36
CA SER A 148 33.44 13.09 27.64
C SER A 148 33.03 11.95 28.57
N GLU A 149 32.69 10.80 28.01
CA GLU A 149 32.13 9.69 28.78
C GLU A 149 32.56 8.35 28.23
N THR A 150 32.45 7.32 29.07
CA THR A 150 32.90 6.00 28.66
C THR A 150 31.77 4.99 28.71
N ALA A 151 31.86 3.96 27.88
CA ALA A 151 30.83 2.95 27.87
C ALA A 151 31.33 1.64 27.31
N ASP A 152 30.89 0.55 27.92
CA ASP A 152 31.24 -0.81 27.50
C ASP A 152 30.48 -1.18 26.24
N LEU A 153 29.29 -0.60 26.07
CA LEU A 153 28.50 -0.82 24.86
C LEU A 153 27.85 0.49 24.40
N VAL A 154 27.97 0.76 23.10
CA VAL A 154 27.33 1.93 22.52
C VAL A 154 26.20 1.47 21.63
N ILE A 155 25.01 2.04 21.84
CA ILE A 155 23.88 1.77 20.96
C ILE A 155 23.45 3.05 20.28
N LEU A 156 23.82 3.21 19.02
CA LEU A 156 23.38 4.32 18.19
C LEU A 156 21.88 4.25 17.98
N ALA A 157 21.17 5.33 18.37
CA ALA A 157 19.72 5.44 18.20
C ALA A 157 19.40 6.89 17.90
N ASN A 158 20.30 7.52 17.16
CA ASN A 158 20.28 8.97 17.00
C ASN A 158 19.80 9.48 15.64
N GLY A 159 18.87 8.75 15.02
CA GLY A 159 18.21 9.23 13.82
C GLY A 159 18.83 8.81 12.51
N GLY A 160 18.20 9.20 11.42
CA GLY A 160 18.59 8.72 10.11
C GLY A 160 19.72 9.49 9.49
N MSE A 161 20.28 10.42 10.22
CA MSE A 161 21.36 11.23 9.69
C MSE A 161 22.58 11.13 10.57
O MSE A 161 23.48 11.95 10.46
CB MSE A 161 20.93 12.68 9.62
CG MSE A 161 19.70 12.89 8.77
SE MSE A 161 20.08 12.66 6.87
CE MSE A 161 19.18 14.33 6.33
N SER A 162 22.59 10.12 11.44
CA SER A 162 23.70 9.85 12.32
C SER A 162 25.04 9.97 11.60
N LYS A 163 25.93 10.78 12.17
CA LYS A 163 27.22 11.04 11.56
C LYS A 163 28.29 10.08 12.07
N VAL A 164 27.92 9.27 13.06
CA VAL A 164 28.85 8.40 13.76
C VAL A 164 28.56 6.94 13.49
N ARG A 165 28.36 6.60 12.22
CA ARG A 165 28.02 5.22 11.83
C ARG A 165 29.23 4.35 11.44
N LYS A 166 30.43 4.94 11.39
CA LYS A 166 31.56 4.29 10.74
C LYS A 166 31.98 2.93 11.29
N PHE A 167 32.12 2.80 12.61
CA PHE A 167 32.57 1.54 13.17
C PHE A 167 31.62 0.38 12.92
N VAL A 168 30.45 0.66 12.34
CA VAL A 168 29.48 -0.40 12.09
C VAL A 168 29.32 -0.60 10.59
N THR A 169 29.44 0.49 9.84
CA THR A 169 29.33 0.41 8.39
C THR A 169 29.69 1.72 7.70
N ASP A 170 30.22 1.59 6.48
CA ASP A 170 30.64 2.71 5.66
C ASP A 170 29.54 3.09 4.67
N THR A 171 28.48 2.30 4.67
CA THR A 171 27.28 2.59 3.92
C THR A 171 26.73 3.94 4.35
N GLU A 172 26.27 4.74 3.41
CA GLU A 172 25.67 5.99 3.81
C GLU A 172 24.27 6.24 3.26
N VAL A 173 23.56 7.10 3.98
CA VAL A 173 22.20 7.47 3.64
C VAL A 173 22.17 7.96 2.20
N GLU A 174 21.01 7.85 1.57
CA GLU A 174 20.84 8.41 0.23
C GLU A 174 19.44 9.03 -0.01
N GLU A 175 19.41 10.05 -0.86
CA GLU A 175 18.17 10.73 -1.18
C GLU A 175 17.37 9.75 -1.99
N THR A 176 16.07 9.81 -1.83
CA THR A 176 15.24 8.75 -2.35
C THR A 176 14.64 9.15 -3.70
N GLY A 177 14.49 10.46 -3.92
CA GLY A 177 13.82 10.96 -5.10
C GLY A 177 12.61 11.83 -4.79
N THR A 178 12.01 11.64 -3.62
CA THR A 178 10.86 12.47 -3.22
C THR A 178 11.23 13.54 -2.19
N PHE A 179 10.30 14.43 -1.91
CA PHE A 179 10.56 15.55 -0.99
C PHE A 179 9.34 15.93 -0.12
N ASN A 180 9.58 16.45 1.08
CA ASN A 180 8.48 16.72 2.01
C ASN A 180 8.48 18.11 2.64
N ILE A 181 7.43 18.88 2.35
CA ILE A 181 7.19 20.13 3.04
C ILE A 181 6.08 19.91 4.09
N GLN A 182 6.21 20.53 5.26
CA GLN A 182 5.20 20.38 6.34
C GLN A 182 5.17 21.55 7.31
N ALA A 183 3.99 21.84 7.83
CA ALA A 183 3.81 22.94 8.76
C ALA A 183 2.79 22.58 9.83
N ASP A 184 2.63 23.45 10.82
CA ASP A 184 1.55 23.33 11.77
C ASP A 184 0.71 24.58 11.78
N ILE A 185 -0.60 24.40 11.94
CA ILE A 185 -1.51 25.52 12.03
C ILE A 185 -2.24 25.45 13.36
N HIS A 186 -2.12 26.53 14.15
CA HIS A 186 -2.80 26.58 15.44
C HIS A 186 -4.21 27.15 15.34
N GLN A 187 -5.09 26.75 16.25
CA GLN A 187 -6.50 27.08 16.12
C GLN A 187 -6.99 26.78 14.69
N PRO A 188 -6.73 25.56 14.21
CA PRO A 188 -7.02 25.35 12.79
C PRO A 188 -8.48 25.61 12.49
N GLU A 189 -9.31 25.64 13.53
CA GLU A 189 -10.75 25.74 13.36
C GLU A 189 -11.22 27.15 12.97
N ILE A 190 -10.39 28.16 13.20
CA ILE A 190 -10.71 29.52 12.78
C ILE A 190 -9.71 30.05 11.77
N ASN A 191 -8.53 29.42 11.71
CA ASN A 191 -7.48 29.89 10.81
C ASN A 191 -7.54 29.19 9.46
N CYS A 192 -8.05 27.97 9.45
CA CYS A 192 -8.26 27.26 8.20
C CYS A 192 -9.51 26.41 8.36
N PRO A 193 -10.67 27.06 8.53
CA PRO A 193 -11.93 26.41 8.86
C PRO A 193 -12.40 25.50 7.74
N GLY A 194 -12.10 25.85 6.49
CA GLY A 194 -12.59 25.05 5.38
C GLY A 194 -11.94 23.68 5.37
N PHE A 195 -10.62 23.68 5.48
CA PHE A 195 -9.89 22.43 5.48
C PHE A 195 -10.17 21.69 6.78
N PHE A 196 -10.18 22.41 7.89
CA PHE A 196 -10.41 21.79 9.19
C PHE A 196 -11.76 21.06 9.19
N GLN A 197 -12.79 21.72 8.69
CA GLN A 197 -14.12 21.12 8.59
C GLN A 197 -14.11 19.95 7.62
N LEU A 198 -13.25 20.01 6.62
CA LEU A 198 -13.20 18.94 5.63
C LEU A 198 -12.65 17.62 6.22
N CYS A 199 -11.67 17.75 7.12
CA CYS A 199 -11.07 16.58 7.79
C CYS A 199 -12.12 15.94 8.69
N ASN A 200 -13.07 16.76 9.12
CA ASN A 200 -14.14 16.36 10.01
C ASN A 200 -13.69 15.36 11.09
N GLY A 201 -12.59 15.68 11.77
CA GLY A 201 -12.11 14.89 12.88
C GLY A 201 -11.27 13.67 12.53
N ASN A 202 -10.97 13.51 11.26
CA ASN A 202 -10.18 12.37 10.79
C ASN A 202 -8.91 12.84 10.12
N ARG A 203 -7.89 11.99 10.10
CA ARG A 203 -6.72 12.30 9.31
C ARG A 203 -7.25 12.39 7.89
N LEU A 204 -6.65 13.24 7.07
CA LEU A 204 -7.07 13.45 5.69
C LEU A 204 -5.91 13.17 4.74
N MSE A 205 -6.19 12.45 3.66
CA MSE A 205 -5.21 12.32 2.61
C MSE A 205 -5.82 12.55 1.22
O MSE A 205 -6.96 12.17 0.95
CB MSE A 205 -4.58 10.94 2.68
CG MSE A 205 -4.06 10.57 4.04
SE MSE A 205 -3.02 8.91 3.97
CE MSE A 205 -1.23 9.74 4.20
N ALA A 206 -5.05 13.16 0.34
CA ALA A 206 -5.43 13.36 -1.03
C ALA A 206 -4.18 13.24 -1.91
N SER A 207 -4.37 12.72 -3.11
CA SER A 207 -3.25 12.61 -4.06
C SER A 207 -3.69 13.12 -5.40
N HIS A 208 -2.91 14.01 -6.00
CA HIS A 208 -3.25 14.46 -7.33
C HIS A 208 -2.03 14.73 -8.19
N GLN A 209 -1.97 14.04 -9.34
CA GLN A 209 -0.82 14.08 -10.23
C GLN A 209 0.48 14.13 -9.45
N GLY A 210 0.72 13.09 -8.65
CA GLY A 210 1.98 12.95 -7.94
C GLY A 210 2.24 13.99 -6.87
N ASN A 211 1.19 14.63 -6.37
CA ASN A 211 1.28 15.54 -5.23
C ASN A 211 0.46 15.03 -4.07
N LEU A 212 1.13 14.64 -2.99
CA LEU A 212 0.46 14.09 -1.80
C LEU A 212 0.23 15.14 -0.75
N LEU A 213 -1.01 15.28 -0.32
CA LEU A 213 -1.30 16.11 0.85
C LEU A 213 -1.83 15.23 1.96
N PHE A 214 -1.19 15.28 3.12
CA PHE A 214 -1.64 14.51 4.28
C PHE A 214 -1.74 15.40 5.50
N ALA A 215 -2.85 15.30 6.21
CA ALA A 215 -3.06 16.15 7.37
C ALA A 215 -3.64 15.39 8.55
N ASN A 216 -3.34 15.88 9.74
CA ASN A 216 -4.05 15.45 10.92
C ASN A 216 -4.61 16.69 11.62
N PRO A 217 -5.95 16.77 11.76
CA PRO A 217 -6.57 18.02 12.21
C PRO A 217 -6.42 18.25 13.70
N ASN A 218 -5.91 17.25 14.42
CA ASN A 218 -5.89 17.29 15.88
C ASN A 218 -4.67 16.65 16.53
N ASN A 219 -3.51 17.31 16.41
CA ASN A 219 -2.30 16.88 17.12
C ASN A 219 -2.15 17.76 18.34
N ASN A 220 -2.74 17.34 19.45
CA ASN A 220 -2.84 18.18 20.62
C ASN A 220 -3.36 19.58 20.25
N GLY A 221 -4.41 19.63 19.43
CA GLY A 221 -5.02 20.90 19.10
C GLY A 221 -4.35 21.74 18.03
N ALA A 222 -3.38 21.17 17.35
CA ALA A 222 -2.87 21.84 16.19
C ALA A 222 -3.18 21.00 14.98
N LEU A 223 -3.26 21.64 13.84
CA LEU A 223 -3.33 20.90 12.60
C LEU A 223 -1.92 20.69 12.04
N HIS A 224 -1.56 19.45 11.79
CA HIS A 224 -0.28 19.20 11.17
C HIS A 224 -0.59 18.78 9.76
N PHE A 225 0.22 19.19 8.81
CA PHE A 225 0.04 18.69 7.47
C PHE A 225 1.37 18.68 6.76
N GLY A 226 1.45 17.87 5.72
CA GLY A 226 2.65 17.81 4.93
C GLY A 226 2.29 17.59 3.47
N ILE A 227 3.08 18.17 2.57
CA ILE A 227 2.88 18.00 1.15
C ILE A 227 4.10 17.30 0.62
N SER A 228 3.92 16.21 -0.11
CA SER A 228 5.05 15.47 -0.67
C SER A 228 4.95 15.28 -2.17
N PHE A 229 6.10 15.07 -2.82
CA PHE A 229 6.19 15.11 -4.28
C PHE A 229 7.57 14.66 -4.77
N LYS A 230 7.70 14.29 -6.04
CA LYS A 230 9.01 13.92 -6.58
C LYS A 230 9.86 15.18 -6.62
N THR A 231 11.14 15.08 -6.24
CA THR A 231 11.96 16.27 -6.19
C THR A 231 11.99 16.91 -7.57
N PRO A 232 11.68 18.22 -7.63
CA PRO A 232 11.76 18.96 -8.88
C PRO A 232 13.12 18.73 -9.54
N ASP A 233 13.11 18.37 -10.83
CA ASP A 233 14.30 18.03 -11.58
C ASP A 233 15.50 18.94 -11.28
N GLU A 234 15.25 20.24 -11.17
CA GLU A 234 16.33 21.22 -11.00
C GLU A 234 17.14 21.08 -9.70
N TRP A 235 16.49 21.25 -8.54
CA TRP A 235 17.19 21.13 -7.27
C TRP A 235 18.13 19.93 -7.32
N LYS A 236 19.44 20.19 -7.42
CA LYS A 236 20.43 19.11 -7.54
C LYS A 236 21.23 18.93 -6.24
N ASN A 237 20.92 17.86 -5.51
CA ASN A 237 21.50 17.61 -4.19
C ASN A 237 21.53 16.11 -3.86
N GLN A 240 16.69 24.39 -6.13
CA GLN A 240 17.08 25.60 -5.43
C GLN A 240 15.91 26.58 -5.17
N VAL A 241 15.23 26.37 -4.03
CA VAL A 241 14.37 27.38 -3.41
C VAL A 241 14.68 27.40 -1.91
N ASP A 242 14.15 28.38 -1.17
CA ASP A 242 14.60 28.60 0.21
C ASP A 242 13.50 28.60 1.28
N PHE A 243 13.59 27.67 2.21
CA PHE A 243 12.54 27.54 3.24
C PHE A 243 12.64 28.57 4.35
N GLN A 244 13.68 29.38 4.29
CA GLN A 244 13.85 30.44 5.28
C GLN A 244 12.66 31.37 5.22
N ASN A 245 12.49 32.07 4.10
CA ASN A 245 11.37 32.99 3.99
C ASN A 245 10.24 32.50 3.11
N ARG A 246 9.04 32.60 3.70
CA ARG A 246 7.87 31.84 3.28
C ARG A 246 7.31 32.20 1.93
N ASN A 247 7.40 33.47 1.54
CA ASN A 247 6.86 33.86 0.24
C ASN A 247 7.41 32.98 -0.88
N SER A 248 8.65 32.55 -0.72
CA SER A 248 9.27 31.64 -1.67
C SER A 248 8.48 30.32 -1.73
N VAL A 249 8.26 29.72 -0.57
CA VAL A 249 7.56 28.44 -0.48
C VAL A 249 6.12 28.52 -0.93
N VAL A 250 5.40 29.54 -0.46
CA VAL A 250 4.01 29.77 -0.82
C VAL A 250 3.78 29.85 -2.32
N ASP A 251 4.64 30.57 -3.01
CA ASP A 251 4.48 30.69 -4.46
C ASP A 251 4.58 29.32 -5.07
N PHE A 252 5.54 28.54 -4.58
CA PHE A 252 5.80 27.21 -5.12
C PHE A 252 4.63 26.26 -4.88
N LEU A 253 4.19 26.16 -3.63
CA LEU A 253 3.06 25.32 -3.27
C LEU A 253 1.81 25.75 -4.02
N LEU A 254 1.46 27.02 -3.92
CA LEU A 254 0.31 27.55 -4.63
C LEU A 254 0.33 27.30 -6.13
N LYS A 255 1.52 27.10 -6.67
CA LYS A 255 1.59 26.78 -8.09
C LYS A 255 1.15 25.35 -8.31
N LYS A 256 1.90 24.40 -7.74
CA LYS A 256 1.56 23.00 -7.98
C LYS A 256 0.20 22.64 -7.39
N PHE A 257 -0.39 23.58 -6.68
CA PHE A 257 -1.69 23.36 -6.07
C PHE A 257 -2.79 24.23 -6.64
N SER A 258 -2.48 24.99 -7.68
CA SER A 258 -3.47 25.89 -8.26
C SER A 258 -4.64 25.07 -8.74
N ASP A 259 -4.32 23.86 -9.16
CA ASP A 259 -5.30 22.90 -9.64
C ASP A 259 -6.37 22.63 -8.55
N TRP A 260 -5.94 22.73 -7.29
CA TRP A 260 -6.68 22.21 -6.14
C TRP A 260 -7.71 23.18 -5.57
N ASP A 261 -8.61 22.63 -4.75
CA ASP A 261 -9.70 23.41 -4.18
C ASP A 261 -9.21 24.50 -3.25
N GLU A 262 -9.97 25.57 -3.19
CA GLU A 262 -9.60 26.75 -2.41
C GLU A 262 -9.33 26.37 -0.95
N ARG A 263 -10.01 25.36 -0.45
CA ARG A 263 -9.79 24.93 0.93
C ARG A 263 -8.38 24.50 1.23
N TYR A 264 -7.75 23.79 0.30
CA TYR A 264 -6.35 23.38 0.46
C TYR A 264 -5.43 24.57 0.31
N LYS A 265 -5.79 25.50 -0.57
CA LYS A 265 -4.98 26.69 -0.78
C LYS A 265 -4.91 27.49 0.53
N GLU A 266 -6.05 27.56 1.21
CA GLU A 266 -6.19 28.37 2.41
C GLU A 266 -5.29 27.75 3.45
N LEU A 267 -4.97 26.48 3.25
CA LEU A 267 -4.06 25.76 4.12
C LEU A 267 -2.66 26.33 3.93
N ILE A 268 -2.29 26.59 2.68
CA ILE A 268 -0.97 27.10 2.35
C ILE A 268 -0.87 28.60 2.61
N HIS A 269 -2.00 29.31 2.60
CA HIS A 269 -2.00 30.71 2.96
C HIS A 269 -1.74 30.97 4.46
N THR A 270 -2.49 30.31 5.34
CA THR A 270 -2.35 30.56 6.79
C THR A 270 -1.02 30.13 7.41
N THR A 271 -0.46 29.03 6.93
CA THR A 271 0.76 28.55 7.52
C THR A 271 1.85 29.63 7.53
N LEU A 272 2.39 29.86 8.71
CA LEU A 272 3.37 30.91 8.96
C LEU A 272 4.79 30.52 8.54
N SER A 273 5.18 29.28 8.82
CA SER A 273 6.51 28.83 8.44
C SER A 273 6.49 27.39 8.00
N PHE A 274 7.31 27.06 7.02
CA PHE A 274 7.33 25.72 6.45
C PHE A 274 8.67 25.07 6.73
N VAL A 275 8.69 23.76 6.88
CA VAL A 275 9.98 23.09 6.95
C VAL A 275 10.11 22.05 5.84
N GLY A 276 11.25 22.10 5.15
CA GLY A 276 11.51 21.23 4.02
C GLY A 276 12.53 20.18 4.35
N LEU A 277 12.38 19.00 3.76
CA LEU A 277 13.21 17.86 4.07
C LEU A 277 13.08 16.90 2.89
N ALA A 278 14.20 16.34 2.45
CA ALA A 278 14.19 15.35 1.39
C ALA A 278 14.05 13.95 1.98
N THR A 279 13.18 13.12 1.40
CA THR A 279 13.06 11.74 1.85
C THR A 279 14.37 11.02 1.65
N ARG A 280 14.83 10.31 2.67
CA ARG A 280 16.07 9.58 2.56
C ARG A 280 15.88 8.15 2.99
N ILE A 281 16.81 7.32 2.61
CA ILE A 281 16.78 5.93 3.04
C ILE A 281 18.20 5.55 3.39
N PHE A 282 18.37 4.84 4.49
CA PHE A 282 19.63 4.23 4.84
C PHE A 282 19.53 2.75 4.49
N PRO A 283 19.98 2.38 3.29
CA PRO A 283 19.73 1.09 2.66
C PRO A 283 20.41 -0.08 3.33
N LEU A 284 19.62 -1.12 3.66
CA LEU A 284 20.14 -2.35 4.22
C LEU A 284 20.60 -3.24 3.08
N GLU A 285 21.68 -2.80 2.42
CA GLU A 285 22.27 -3.52 1.30
C GLU A 285 23.18 -4.62 1.80
N LYS A 286 24.47 -4.29 1.94
CA LYS A 286 25.49 -5.24 2.34
C LYS A 286 25.50 -5.41 3.83
N PRO A 287 26.12 -6.51 4.30
CA PRO A 287 26.30 -6.71 5.75
C PRO A 287 27.11 -5.58 6.39
N TRP A 288 27.04 -5.48 7.71
CA TRP A 288 27.78 -4.45 8.44
C TRP A 288 29.14 -5.02 8.88
N LYS A 289 30.09 -4.14 9.17
CA LYS A 289 31.44 -4.57 9.54
C LYS A 289 31.39 -5.76 10.49
N SER A 290 31.99 -6.88 10.09
CA SER A 290 32.06 -8.06 10.93
C SER A 290 33.18 -7.86 11.94
N LYS A 291 34.01 -6.88 11.64
CA LYS A 291 35.22 -6.60 12.37
C LYS A 291 34.99 -5.32 13.18
N ARG A 292 34.75 -5.45 14.50
CA ARG A 292 34.46 -4.29 15.34
C ARG A 292 35.21 -4.32 16.65
N PRO A 293 36.04 -3.29 16.87
CA PRO A 293 36.92 -3.07 18.03
C PRO A 293 36.23 -3.36 19.35
N LEU A 294 35.13 -2.64 19.60
CA LEU A 294 34.34 -2.89 20.79
C LEU A 294 32.90 -3.14 20.38
N PRO A 295 32.08 -3.63 21.33
CA PRO A 295 30.67 -3.85 20.99
C PRO A 295 29.96 -2.55 20.62
N ILE A 296 29.19 -2.57 19.54
CA ILE A 296 28.44 -1.40 19.09
C ILE A 296 27.41 -1.82 18.04
N THR A 297 26.25 -1.17 18.07
CA THR A 297 25.17 -1.47 17.12
C THR A 297 24.26 -0.27 16.88
N MSE A 298 23.19 -0.49 16.13
CA MSE A 298 22.27 0.57 15.75
C MSE A 298 20.83 0.07 15.74
O MSE A 298 20.55 -1.03 15.28
CB MSE A 298 22.63 1.09 14.35
CG MSE A 298 24.13 1.13 14.09
SE MSE A 298 24.67 2.51 12.83
CE MSE A 298 23.88 1.78 11.15
N ILE A 299 19.92 0.88 16.26
CA ILE A 299 18.49 0.58 16.23
C ILE A 299 17.72 1.72 15.56
N GLY A 300 16.45 1.45 15.24
CA GLY A 300 15.56 2.49 14.74
C GLY A 300 16.09 3.17 13.50
N ASP A 301 15.96 4.49 13.43
CA ASP A 301 16.26 5.19 12.18
C ASP A 301 17.74 5.20 11.81
N ALA A 302 18.59 5.07 12.80
CA ALA A 302 20.02 4.96 12.55
C ALA A 302 20.31 3.67 11.80
N ALA A 303 19.50 2.64 12.04
CA ALA A 303 19.73 1.34 11.45
C ALA A 303 19.09 1.16 10.07
N HIS A 304 17.98 1.84 9.80
CA HIS A 304 17.22 1.56 8.58
C HIS A 304 16.26 2.67 8.13
N LEU A 305 16.64 3.92 8.36
CA LEU A 305 15.88 5.04 7.86
C LEU A 305 15.20 4.66 6.57
N MSE A 306 13.91 4.91 6.46
CA MSE A 306 13.18 4.58 5.23
C MSE A 306 11.97 5.52 5.00
O MSE A 306 11.51 6.19 5.94
CB MSE A 306 12.74 3.11 5.22
CG MSE A 306 11.46 2.80 5.98
SE MSE A 306 11.08 0.87 6.22
CE MSE A 306 12.47 0.42 7.53
N PRO A 307 11.50 5.62 3.74
CA PRO A 307 10.40 6.52 3.42
C PRO A 307 9.16 6.20 4.25
N PRO A 308 8.42 7.23 4.70
CA PRO A 308 7.30 7.07 5.64
C PRO A 308 5.95 6.78 4.99
N PHE A 309 5.84 6.97 3.68
CA PHE A 309 4.52 6.93 3.06
C PHE A 309 3.83 5.58 3.22
N ALA A 310 4.61 4.57 3.62
CA ALA A 310 4.05 3.23 3.82
C ALA A 310 3.35 3.14 5.15
N GLY A 311 3.84 3.91 6.13
CA GLY A 311 3.37 3.82 7.49
C GLY A 311 4.46 3.23 8.37
N GLN A 312 5.66 3.13 7.80
CA GLN A 312 6.78 2.51 8.49
C GLN A 312 7.72 3.50 9.18
N GLY A 313 8.48 2.96 10.14
CA GLY A 313 9.32 3.74 11.00
C GLY A 313 8.81 3.55 12.40
N VAL A 314 9.68 3.69 13.38
CA VAL A 314 9.30 3.58 14.79
C VAL A 314 8.77 2.21 15.25
N ASN A 315 7.70 1.70 14.65
CA ASN A 315 7.27 0.34 15.02
C ASN A 315 8.44 -0.55 14.74
N SER A 316 8.87 -0.53 13.49
CA SER A 316 10.05 -1.26 13.08
C SER A 316 11.23 -0.98 13.98
N GLY A 317 11.34 0.25 14.49
CA GLY A 317 12.42 0.63 15.38
C GLY A 317 12.23 0.13 16.80
N LEU A 318 10.98 0.11 17.25
CA LEU A 318 10.66 -0.36 18.60
C LEU A 318 10.82 -1.87 18.67
N VAL A 319 10.59 -2.52 17.54
CA VAL A 319 10.89 -3.92 17.44
C VAL A 319 12.39 -4.10 17.66
N ASP A 320 13.22 -3.31 16.99
CA ASP A 320 14.67 -3.38 17.22
C ASP A 320 14.92 -3.35 18.71
N ALA A 321 14.31 -2.38 19.38
CA ALA A 321 14.48 -2.26 20.82
C ALA A 321 14.19 -3.59 21.47
N LEU A 322 12.98 -4.08 21.26
CA LEU A 322 12.52 -5.34 21.85
C LEU A 322 13.54 -6.48 21.66
N ILE A 323 13.83 -6.79 20.39
CA ILE A 323 14.73 -7.87 20.00
C ILE A 323 16.14 -7.75 20.58
N LEU A 324 16.76 -6.60 20.41
CA LEU A 324 18.09 -6.41 21.00
C LEU A 324 17.99 -6.57 22.51
N SER A 325 17.09 -5.81 23.11
CA SER A 325 16.89 -5.83 24.54
C SER A 325 16.80 -7.25 25.13
N ASP A 326 16.07 -8.14 24.47
CA ASP A 326 15.94 -9.49 24.95
C ASP A 326 17.27 -10.21 24.81
N ASN A 327 17.84 -10.19 23.62
CA ASN A 327 19.16 -10.80 23.40
C ASN A 327 20.20 -10.57 24.50
N LEU A 328 20.18 -9.38 25.12
CA LEU A 328 21.19 -9.02 26.11
C LEU A 328 20.76 -9.34 27.54
N ALA A 329 19.64 -10.03 27.70
CA ALA A 329 19.15 -10.33 29.03
C ALA A 329 18.74 -11.78 29.21
N ASP A 330 18.30 -12.40 28.11
CA ASP A 330 17.88 -13.81 28.14
C ASP A 330 19.07 -14.73 28.31
N GLY A 331 20.25 -14.15 28.50
CA GLY A 331 21.46 -14.91 28.73
C GLY A 331 21.71 -16.02 27.73
N LYS A 332 20.99 -15.98 26.61
CA LYS A 332 21.09 -17.05 25.62
C LYS A 332 22.32 -16.89 24.72
N PHE A 333 23.27 -16.09 25.18
CA PHE A 333 24.52 -15.85 24.45
C PHE A 333 25.68 -15.78 25.43
N ASN A 334 26.86 -16.20 24.98
CA ASN A 334 28.01 -16.24 25.87
C ASN A 334 28.80 -14.94 25.84
N SER A 335 28.42 -14.04 24.94
CA SER A 335 29.10 -12.76 24.80
C SER A 335 28.15 -11.68 24.32
N ILE A 336 28.52 -10.42 24.50
CA ILE A 336 27.77 -9.33 23.93
C ILE A 336 27.79 -9.43 22.41
N GLU A 337 28.97 -9.47 21.82
CA GLU A 337 29.14 -9.57 20.36
C GLU A 337 28.18 -10.55 19.70
N GLU A 338 27.96 -11.70 20.35
CA GLU A 338 27.01 -12.70 19.84
C GLU A 338 25.59 -12.15 19.83
N ALA A 339 25.14 -11.68 20.99
CA ALA A 339 23.79 -11.12 21.12
C ALA A 339 23.48 -10.04 20.07
N VAL A 340 24.37 -9.06 19.92
CA VAL A 340 24.14 -8.02 18.92
C VAL A 340 24.24 -8.62 17.52
N LYS A 341 25.25 -9.46 17.30
CA LYS A 341 25.34 -10.20 16.05
C LYS A 341 23.99 -10.83 15.66
N ASN A 342 23.32 -11.45 16.63
CA ASN A 342 22.06 -12.10 16.36
C ASN A 342 20.94 -11.13 16.10
N TYR A 343 20.85 -10.11 16.91
CA TYR A 343 19.80 -9.12 16.68
C TYR A 343 19.95 -8.56 15.26
N GLU A 344 21.14 -8.07 14.95
CA GLU A 344 21.40 -7.51 13.63
C GLU A 344 21.04 -8.47 12.51
N GLN A 345 20.98 -9.76 12.82
CA GLN A 345 20.61 -10.72 11.80
C GLN A 345 19.11 -10.70 11.55
N GLN A 346 18.33 -10.79 12.63
CA GLN A 346 16.88 -10.78 12.51
C GLN A 346 16.40 -9.50 11.86
N MSE A 347 17.01 -8.39 12.25
CA MSE A 347 16.51 -7.09 11.79
C MSE A 347 16.81 -6.89 10.32
O MSE A 347 16.03 -6.28 9.60
CB MSE A 347 17.05 -5.96 12.67
CG MSE A 347 18.37 -5.40 12.23
SE MSE A 347 18.13 -3.88 11.05
CE MSE A 347 19.94 -3.82 10.28
N PHE A 348 17.93 -7.44 9.85
CA PHE A 348 18.18 -7.45 8.41
C PHE A 348 17.06 -8.17 7.65
N ILE A 349 16.40 -9.12 8.30
CA ILE A 349 15.29 -9.80 7.65
C ILE A 349 14.11 -8.87 7.43
N TYR A 350 13.53 -8.39 8.52
CA TYR A 350 12.33 -7.58 8.38
C TYR A 350 12.63 -6.16 7.93
N GLY A 351 13.87 -5.73 8.12
CA GLY A 351 14.31 -4.45 7.63
C GLY A 351 14.26 -4.39 6.12
N LYS A 352 14.94 -5.34 5.47
CA LYS A 352 14.94 -5.35 4.02
C LYS A 352 13.51 -5.39 3.49
N GLU A 353 12.65 -6.15 4.16
CA GLU A 353 11.28 -6.35 3.70
C GLU A 353 10.47 -5.07 3.79
N ALA A 354 10.61 -4.40 4.92
CA ALA A 354 9.97 -3.11 5.11
C ALA A 354 10.46 -2.13 4.06
N GLN A 355 11.77 -1.95 3.99
CA GLN A 355 12.37 -1.01 3.05
C GLN A 355 11.89 -1.32 1.64
N GLU A 356 11.63 -2.57 1.36
CA GLU A 356 11.14 -2.96 0.06
C GLU A 356 9.73 -2.41 -0.18
N GLU A 357 8.84 -2.56 0.79
CA GLU A 357 7.49 -2.07 0.67
C GLU A 357 7.49 -0.55 0.52
N SER A 358 8.14 0.12 1.45
CA SER A 358 8.11 1.57 1.46
C SER A 358 8.70 2.15 0.17
N THR A 359 9.76 1.55 -0.34
CA THR A 359 10.36 2.05 -1.57
C THR A 359 9.41 1.86 -2.73
N GLN A 360 8.92 0.65 -2.88
CA GLN A 360 7.99 0.35 -3.95
C GLN A 360 6.76 1.22 -3.84
N ASN A 361 6.23 1.33 -2.63
CA ASN A 361 5.05 2.12 -2.37
C ASN A 361 5.29 3.59 -2.72
N GLU A 362 6.49 4.06 -2.38
CA GLU A 362 6.90 5.41 -2.74
C GLU A 362 6.86 5.62 -4.24
N ILE A 363 7.16 4.56 -4.99
CA ILE A 363 7.13 4.64 -6.43
C ILE A 363 5.70 4.56 -6.93
N GLU A 364 4.87 3.82 -6.22
CA GLU A 364 3.45 3.76 -6.54
C GLU A 364 2.87 5.16 -6.66
N MSE A 365 2.62 5.82 -5.52
CA MSE A 365 2.27 7.24 -5.54
C MSE A 365 3.48 8.04 -5.97
O MSE A 365 4.60 7.50 -5.99
CB MSE A 365 1.83 7.71 -4.16
CG MSE A 365 2.82 7.37 -3.06
SE MSE A 365 2.02 7.59 -1.30
CE MSE A 365 1.57 5.73 -0.86
N PHE A 366 3.29 9.30 -6.32
CA PHE A 366 4.38 10.10 -6.89
C PHE A 366 4.54 9.79 -8.37
N LYS A 367 3.78 8.77 -8.82
CA LYS A 367 3.48 8.54 -10.22
C LYS A 367 2.28 9.40 -10.59
N PRO A 368 1.91 9.40 -11.90
CA PRO A 368 0.59 9.86 -12.34
C PRO A 368 -0.61 8.98 -11.92
N ASP A 369 -0.62 8.43 -10.69
CA ASP A 369 -1.85 7.90 -10.08
C ASP A 369 -1.67 7.24 -8.71
N PHE A 370 -2.80 7.06 -8.01
CA PHE A 370 -2.90 6.23 -6.81
C PHE A 370 -4.36 6.13 -6.29
N THR A 371 -4.58 5.24 -5.32
CA THR A 371 -5.91 5.00 -4.73
C THR A 371 -5.83 4.40 -3.32
N PHE A 372 -4.63 4.42 -2.73
CA PHE A 372 -4.38 4.08 -1.32
C PHE A 372 -4.83 2.67 -0.88
N LEU B 3 -66.60 -8.89 -30.00
CA LEU B 3 -66.07 -8.80 -28.63
C LEU B 3 -64.76 -8.01 -28.47
N LEU B 4 -64.47 -7.66 -27.21
CA LEU B 4 -63.38 -6.77 -26.82
C LEU B 4 -61.98 -7.27 -27.19
N SER B 5 -61.91 -8.44 -27.84
CA SER B 5 -60.63 -8.98 -28.27
C SER B 5 -60.53 -9.18 -29.78
N ASP B 6 -60.16 -8.13 -30.52
CA ASP B 6 -59.67 -8.33 -31.88
C ASP B 6 -58.15 -8.32 -31.83
N LYS B 7 -57.63 -8.74 -30.70
CA LYS B 7 -56.21 -8.76 -30.42
C LYS B 7 -55.76 -10.21 -30.21
N ASN B 8 -54.87 -10.49 -29.25
CA ASN B 8 -54.50 -11.88 -28.98
C ASN B 8 -54.11 -12.18 -27.54
N VAL B 9 -54.57 -13.31 -27.01
CA VAL B 9 -54.31 -13.67 -25.63
C VAL B 9 -53.20 -14.71 -25.51
N ALA B 10 -52.43 -14.61 -24.44
CA ALA B 10 -51.46 -15.65 -24.11
C ALA B 10 -51.78 -16.20 -22.72
N ILE B 11 -52.12 -17.50 -22.67
CA ILE B 11 -52.31 -18.19 -21.40
C ILE B 11 -51.01 -18.86 -21.08
N ILE B 12 -50.45 -18.58 -19.91
CA ILE B 12 -49.22 -19.24 -19.52
C ILE B 12 -49.60 -20.38 -18.59
N GLY B 13 -49.62 -21.60 -19.11
CA GLY B 13 -49.93 -22.74 -18.25
C GLY B 13 -50.99 -23.64 -18.85
N GLY B 14 -50.61 -24.88 -19.16
CA GLY B 14 -51.52 -25.79 -19.80
C GLY B 14 -52.04 -26.85 -18.85
N GLY B 15 -52.21 -26.49 -17.58
CA GLY B 15 -52.94 -27.34 -16.65
C GLY B 15 -54.43 -27.40 -16.99
N PRO B 16 -55.21 -28.09 -16.18
CA PRO B 16 -56.67 -28.16 -16.36
C PRO B 16 -57.31 -26.77 -16.42
N VAL B 17 -56.92 -25.87 -15.51
CA VAL B 17 -57.46 -24.51 -15.55
C VAL B 17 -57.08 -23.75 -16.83
N GLY B 18 -55.77 -23.72 -17.15
CA GLY B 18 -55.29 -23.04 -18.34
C GLY B 18 -55.95 -23.50 -19.62
N LEU B 19 -56.01 -24.81 -19.81
CA LEU B 19 -56.64 -25.38 -21.00
C LEU B 19 -58.14 -25.08 -21.12
N THR B 20 -58.83 -25.06 -19.98
CA THR B 20 -60.25 -24.70 -19.96
C THR B 20 -60.47 -23.24 -20.41
N MSE B 21 -59.67 -22.32 -19.87
CA MSE B 21 -59.60 -20.97 -20.40
C MSE B 21 -59.48 -20.97 -21.92
O MSE B 21 -60.30 -20.39 -22.62
CB MSE B 21 -58.38 -20.24 -19.85
CG MSE B 21 -58.68 -19.30 -18.70
SE MSE B 21 -59.88 -17.77 -19.08
CE MSE B 21 -60.21 -17.43 -17.18
N ALA B 22 -58.42 -21.60 -22.41
CA ALA B 22 -58.17 -21.58 -23.84
C ALA B 22 -59.44 -21.94 -24.59
N LYS B 23 -60.10 -23.00 -24.11
CA LYS B 23 -61.29 -23.53 -24.78
C LYS B 23 -62.48 -22.54 -24.77
N LEU B 24 -62.72 -21.99 -23.59
CA LEU B 24 -63.78 -21.02 -23.38
C LEU B 24 -63.58 -19.75 -24.19
N LEU B 25 -62.33 -19.33 -24.35
CA LEU B 25 -62.07 -18.18 -25.20
C LEU B 25 -62.24 -18.56 -26.66
N GLN B 26 -61.54 -19.59 -27.09
CA GLN B 26 -61.58 -19.98 -28.49
C GLN B 26 -63.01 -20.32 -28.99
N GLN B 27 -63.92 -20.60 -28.06
CA GLN B 27 -65.32 -20.86 -28.41
C GLN B 27 -65.98 -19.58 -28.90
N ASN B 28 -65.43 -18.44 -28.48
CA ASN B 28 -65.94 -17.14 -28.90
C ASN B 28 -65.10 -16.51 -29.99
N GLY B 29 -64.35 -17.31 -30.72
CA GLY B 29 -63.51 -16.77 -31.77
C GLY B 29 -62.34 -15.91 -31.31
N ILE B 30 -62.09 -15.83 -30.00
CA ILE B 30 -60.87 -15.18 -29.53
C ILE B 30 -59.60 -15.92 -29.93
N ASP B 31 -58.53 -15.16 -30.17
CA ASP B 31 -57.23 -15.72 -30.53
C ASP B 31 -56.41 -16.02 -29.28
N VAL B 32 -56.28 -17.31 -28.92
CA VAL B 32 -55.48 -17.72 -27.76
C VAL B 32 -54.36 -18.69 -28.10
N SER B 33 -53.25 -18.54 -27.38
CA SER B 33 -52.22 -19.55 -27.39
C SER B 33 -51.90 -19.93 -25.95
N VAL B 34 -51.71 -21.21 -25.71
CA VAL B 34 -51.30 -21.67 -24.39
C VAL B 34 -49.85 -22.06 -24.44
N TYR B 35 -49.03 -21.42 -23.60
CA TYR B 35 -47.61 -21.75 -23.52
C TYR B 35 -47.35 -22.68 -22.36
N GLU B 36 -47.03 -23.92 -22.68
CA GLU B 36 -46.88 -24.93 -21.65
C GLU B 36 -45.44 -25.36 -21.62
N ARG B 37 -44.92 -25.66 -20.43
CA ARG B 37 -43.52 -26.08 -20.36
C ARG B 37 -43.32 -27.59 -20.42
N ASP B 38 -44.39 -28.37 -20.32
CA ASP B 38 -44.25 -29.80 -20.60
C ASP B 38 -43.67 -30.00 -21.99
N ASN B 39 -42.80 -30.99 -22.14
CA ASN B 39 -42.11 -31.22 -23.41
C ASN B 39 -43.04 -31.56 -24.59
N ASP B 40 -44.06 -32.37 -24.33
CA ASP B 40 -45.01 -32.77 -25.36
C ASP B 40 -46.36 -33.15 -24.74
N ARG B 41 -47.39 -33.15 -25.58
CA ARG B 41 -48.72 -33.63 -25.24
C ARG B 41 -48.74 -34.81 -24.28
N GLU B 42 -47.73 -35.67 -24.37
CA GLU B 42 -47.82 -37.00 -23.77
C GLU B 42 -47.06 -37.15 -22.46
N ALA B 43 -46.57 -36.06 -21.91
CA ALA B 43 -45.83 -36.13 -20.64
C ALA B 43 -46.73 -36.60 -19.51
N ARG B 44 -46.22 -37.41 -18.60
CA ARG B 44 -47.04 -37.96 -17.53
C ARG B 44 -47.32 -36.87 -16.51
N ILE B 45 -48.57 -36.69 -16.12
CA ILE B 45 -48.86 -35.82 -14.98
C ILE B 45 -48.95 -36.62 -13.69
N PHE B 46 -48.01 -36.39 -12.79
CA PHE B 46 -48.03 -37.07 -11.49
C PHE B 46 -49.11 -36.49 -10.56
N GLY B 47 -49.83 -37.35 -9.87
CA GLY B 47 -50.83 -36.89 -8.89
C GLY B 47 -52.07 -37.77 -8.80
N GLY B 48 -52.98 -37.43 -7.90
CA GLY B 48 -54.23 -38.15 -7.81
C GLY B 48 -55.23 -37.79 -8.91
N THR B 49 -56.47 -38.22 -8.75
CA THR B 49 -57.52 -37.92 -9.71
C THR B 49 -58.32 -36.71 -9.29
N LEU B 50 -58.66 -35.86 -10.25
CA LEU B 50 -59.56 -34.74 -10.03
C LEU B 50 -61.01 -35.18 -10.10
N ASP B 51 -61.88 -34.45 -9.41
CA ASP B 51 -63.31 -34.62 -9.64
C ASP B 51 -63.98 -33.25 -9.71
N LEU B 52 -64.95 -33.14 -10.59
CA LEU B 52 -65.60 -31.87 -10.88
C LEU B 52 -66.98 -31.80 -10.23
N HIS B 53 -67.17 -30.80 -9.39
CA HIS B 53 -68.42 -30.62 -8.67
C HIS B 53 -69.50 -30.02 -9.57
N LYS B 54 -70.75 -30.45 -9.36
CA LYS B 54 -71.89 -29.74 -9.92
C LYS B 54 -71.85 -28.35 -9.30
N GLY B 55 -72.18 -27.34 -10.12
CA GLY B 55 -72.13 -25.97 -9.66
C GLY B 55 -70.88 -25.25 -10.12
N SER B 56 -69.74 -25.92 -10.06
CA SER B 56 -68.47 -25.28 -10.39
C SER B 56 -67.75 -25.97 -11.55
N GLY B 57 -66.85 -26.90 -11.21
CA GLY B 57 -66.08 -27.63 -12.20
C GLY B 57 -66.94 -28.05 -13.36
N GLN B 58 -68.09 -28.63 -13.07
CA GLN B 58 -68.90 -29.18 -14.14
C GLN B 58 -69.54 -28.10 -15.01
N GLU B 59 -69.80 -26.94 -14.41
CA GLU B 59 -70.37 -25.83 -15.17
C GLU B 59 -69.34 -25.43 -16.19
N ALA B 60 -68.09 -25.43 -15.77
CA ALA B 60 -66.98 -25.17 -16.67
C ALA B 60 -67.10 -26.07 -17.90
N MSE B 61 -67.33 -27.36 -17.64
CA MSE B 61 -67.39 -28.35 -18.71
C MSE B 61 -68.66 -28.25 -19.54
O MSE B 61 -68.63 -28.42 -20.75
CB MSE B 61 -67.25 -29.76 -18.12
CG MSE B 61 -65.98 -29.95 -17.28
SE MSE B 61 -64.37 -29.74 -18.37
CE MSE B 61 -64.46 -31.38 -19.39
N LYS B 62 -69.77 -27.97 -18.87
CA LYS B 62 -71.04 -27.80 -19.55
C LYS B 62 -70.90 -26.70 -20.61
N LYS B 63 -70.24 -25.60 -20.24
CA LYS B 63 -70.09 -24.45 -21.14
C LYS B 63 -69.06 -24.75 -22.21
N ALA B 64 -68.09 -25.57 -21.88
CA ALA B 64 -67.07 -25.92 -22.87
C ALA B 64 -67.62 -26.99 -23.81
N GLY B 65 -68.82 -27.47 -23.50
CA GLY B 65 -69.49 -28.50 -24.28
C GLY B 65 -68.85 -29.85 -24.08
N LEU B 66 -68.29 -30.04 -22.89
CA LEU B 66 -67.43 -31.19 -22.61
C LEU B 66 -67.89 -32.06 -21.42
N LEU B 67 -69.06 -31.76 -20.87
CA LEU B 67 -69.52 -32.52 -19.72
C LEU B 67 -69.62 -34.01 -20.04
N GLN B 68 -70.33 -34.33 -21.13
CA GLN B 68 -70.56 -35.73 -21.46
C GLN B 68 -69.23 -36.46 -21.66
N THR B 69 -68.28 -35.81 -22.33
CA THR B 69 -66.96 -36.41 -22.50
C THR B 69 -66.29 -36.66 -21.16
N TYR B 70 -66.43 -35.70 -20.24
CA TYR B 70 -65.88 -35.85 -18.90
C TYR B 70 -66.51 -37.03 -18.18
N TYR B 71 -67.84 -37.12 -18.23
CA TYR B 71 -68.51 -38.25 -17.59
C TYR B 71 -67.98 -39.58 -18.14
N ASP B 72 -67.90 -39.67 -19.46
CA ASP B 72 -67.43 -40.88 -20.11
C ASP B 72 -66.14 -41.41 -19.50
N LEU B 73 -65.14 -40.54 -19.42
CA LEU B 73 -63.81 -40.92 -18.99
C LEU B 73 -63.62 -40.96 -17.47
N ALA B 74 -64.50 -40.25 -16.75
CA ALA B 74 -64.44 -40.29 -15.28
C ALA B 74 -64.97 -41.60 -14.74
N LEU B 75 -64.77 -41.80 -13.45
CA LEU B 75 -65.12 -43.04 -12.81
C LEU B 75 -65.60 -42.76 -11.38
N PRO B 76 -66.88 -43.00 -11.11
CA PRO B 76 -67.33 -42.67 -9.74
C PRO B 76 -66.64 -43.60 -8.76
N MSE B 77 -66.44 -43.14 -7.53
CA MSE B 77 -65.77 -43.92 -6.51
C MSE B 77 -66.43 -43.71 -5.17
O MSE B 77 -66.62 -42.57 -4.73
CB MSE B 77 -64.33 -43.47 -6.36
CG MSE B 77 -63.58 -43.41 -7.65
SE MSE B 77 -62.59 -45.02 -7.83
CE MSE B 77 -61.35 -44.70 -6.34
N GLY B 78 -66.73 -44.81 -4.49
CA GLY B 78 -67.05 -44.72 -3.08
C GLY B 78 -65.81 -44.35 -2.29
N VAL B 79 -65.98 -43.98 -1.02
CA VAL B 79 -64.83 -43.77 -0.15
C VAL B 79 -65.07 -44.36 1.22
N ASN B 80 -64.07 -45.08 1.70
CA ASN B 80 -64.06 -45.66 3.04
C ASN B 80 -63.23 -44.79 3.97
N ILE B 81 -63.65 -44.68 5.22
CA ILE B 81 -62.77 -44.19 6.24
C ILE B 81 -62.27 -45.42 6.97
N ALA B 82 -60.97 -45.50 7.20
CA ALA B 82 -60.40 -46.61 7.94
C ALA B 82 -59.63 -46.06 9.12
N ASP B 83 -59.28 -46.96 10.05
CA ASP B 83 -58.48 -46.57 11.22
C ASP B 83 -57.09 -47.15 11.10
N LYS B 84 -56.19 -46.74 12.00
CA LYS B 84 -54.82 -47.22 12.00
C LYS B 84 -54.72 -48.75 11.91
N LYS B 85 -55.79 -49.45 12.27
CA LYS B 85 -55.74 -50.91 12.36
C LYS B 85 -56.22 -51.65 11.12
N GLY B 86 -57.03 -51.00 10.29
CA GLY B 86 -57.54 -51.66 9.09
C GLY B 86 -59.03 -51.89 9.18
N ASN B 87 -59.62 -51.40 10.27
CA ASN B 87 -61.06 -51.43 10.43
C ASN B 87 -61.66 -50.37 9.54
N ILE B 88 -62.65 -50.76 8.75
CA ILE B 88 -63.41 -49.77 8.00
C ILE B 88 -64.38 -49.10 8.96
N LEU B 89 -64.12 -47.83 9.26
CA LEU B 89 -65.00 -47.08 10.13
C LEU B 89 -66.27 -46.67 9.39
N SER B 90 -66.11 -46.24 8.15
CA SER B 90 -67.26 -45.80 7.37
C SER B 90 -67.10 -46.16 5.91
N THR B 91 -68.20 -46.14 5.17
CA THR B 91 -68.13 -46.39 3.73
C THR B 91 -69.32 -45.80 2.96
N LYS B 92 -69.08 -44.70 2.26
CA LYS B 92 -70.09 -44.14 1.38
C LYS B 92 -69.85 -44.63 -0.05
N ASN B 93 -70.86 -45.28 -0.63
CA ASN B 93 -70.71 -45.83 -1.97
C ASN B 93 -71.36 -45.00 -3.05
N VAL B 94 -71.01 -45.28 -4.29
CA VAL B 94 -71.68 -44.63 -5.40
C VAL B 94 -73.12 -45.13 -5.47
N LYS B 95 -74.06 -44.23 -5.25
CA LYS B 95 -75.46 -44.57 -5.48
C LYS B 95 -75.83 -44.15 -6.90
N PRO B 96 -76.53 -45.04 -7.62
CA PRO B 96 -76.91 -44.90 -9.03
C PRO B 96 -77.40 -43.49 -9.38
N GLU B 97 -78.25 -42.92 -8.54
CA GLU B 97 -78.77 -41.58 -8.79
C GLU B 97 -77.65 -40.53 -8.67
N ASN B 98 -76.74 -40.75 -7.74
CA ASN B 98 -75.68 -39.79 -7.46
C ASN B 98 -74.31 -40.18 -8.01
N ARG B 99 -74.33 -40.82 -9.17
CA ARG B 99 -73.12 -41.14 -9.93
C ARG B 99 -72.45 -39.85 -10.28
N PHE B 100 -73.16 -39.09 -11.11
CA PHE B 100 -72.63 -37.93 -11.79
C PHE B 100 -72.27 -36.77 -10.87
N ASP B 101 -72.40 -36.95 -9.55
CA ASP B 101 -72.08 -35.86 -8.65
C ASP B 101 -70.62 -35.46 -8.85
N ASN B 102 -69.70 -36.42 -8.68
CA ASN B 102 -68.29 -36.12 -8.85
C ASN B 102 -67.41 -37.35 -9.09
N PRO B 103 -67.48 -37.89 -10.31
CA PRO B 103 -66.65 -39.01 -10.75
C PRO B 103 -65.20 -38.59 -10.86
N GLU B 104 -64.30 -39.48 -10.47
CA GLU B 104 -62.87 -39.17 -10.45
C GLU B 104 -62.31 -39.37 -11.83
N ILE B 105 -61.47 -38.44 -12.26
CA ILE B 105 -60.86 -38.50 -13.57
C ILE B 105 -59.36 -38.34 -13.42
N ASN B 106 -58.63 -39.00 -14.31
CA ASN B 106 -57.18 -39.03 -14.27
C ASN B 106 -56.64 -37.75 -14.90
N ARG B 107 -55.63 -37.16 -14.29
CA ARG B 107 -55.20 -35.84 -14.71
C ARG B 107 -54.79 -35.80 -16.17
N ASN B 108 -54.17 -36.88 -16.64
CA ASN B 108 -53.83 -36.98 -18.04
C ASN B 108 -55.03 -37.13 -18.95
N ASP B 109 -56.01 -37.92 -18.51
CA ASP B 109 -57.24 -38.11 -19.27
C ASP B 109 -57.97 -36.80 -19.49
N LEU B 110 -58.08 -35.99 -18.43
CA LEU B 110 -58.74 -34.70 -18.51
C LEU B 110 -58.04 -33.78 -19.54
N ARG B 111 -56.71 -33.73 -19.50
CA ARG B 111 -55.95 -32.92 -20.44
C ARG B 111 -56.20 -33.40 -21.87
N ALA B 112 -56.41 -34.70 -22.02
CA ALA B 112 -56.65 -35.27 -23.33
C ALA B 112 -57.97 -34.72 -23.84
N ILE B 113 -58.96 -34.63 -22.94
CA ILE B 113 -60.28 -34.14 -23.31
C ILE B 113 -60.21 -32.66 -23.70
N LEU B 114 -59.64 -31.84 -22.81
CA LEU B 114 -59.48 -30.43 -23.10
C LEU B 114 -58.70 -30.25 -24.39
N LEU B 115 -57.51 -30.85 -24.46
CA LEU B 115 -56.63 -30.66 -25.59
C LEU B 115 -57.36 -30.91 -26.90
N ASN B 116 -58.12 -32.00 -26.91
CA ASN B 116 -58.90 -32.42 -28.07
C ASN B 116 -59.95 -31.38 -28.51
N SER B 117 -60.38 -30.53 -27.59
CA SER B 117 -61.42 -29.57 -27.88
C SER B 117 -60.88 -28.28 -28.49
N LEU B 118 -59.56 -28.09 -28.48
CA LEU B 118 -58.97 -26.87 -29.05
C LEU B 118 -58.54 -27.07 -30.51
N GLU B 119 -58.54 -26.00 -31.32
CA GLU B 119 -58.03 -26.13 -32.68
C GLU B 119 -56.58 -26.55 -32.58
N ASN B 120 -56.07 -27.16 -33.65
CA ASN B 120 -54.66 -27.52 -33.69
C ASN B 120 -53.74 -26.41 -33.21
N ASP B 121 -52.61 -26.79 -32.62
CA ASP B 121 -51.56 -25.84 -32.33
C ASP B 121 -52.01 -24.65 -31.51
N THR B 122 -53.07 -24.83 -30.74
CA THR B 122 -53.42 -23.83 -29.74
C THR B 122 -52.38 -23.85 -28.65
N VAL B 123 -52.00 -25.03 -28.20
CA VAL B 123 -50.96 -25.17 -27.20
C VAL B 123 -49.60 -25.13 -27.88
N ILE B 124 -48.66 -24.40 -27.30
CA ILE B 124 -47.31 -24.44 -27.83
C ILE B 124 -46.41 -25.08 -26.77
N TRP B 125 -45.92 -26.28 -27.06
CA TRP B 125 -45.27 -27.11 -26.05
C TRP B 125 -43.83 -26.72 -25.85
N ASP B 126 -43.17 -27.33 -24.88
CA ASP B 126 -41.78 -27.00 -24.55
C ASP B 126 -41.54 -25.50 -24.47
N ARG B 127 -42.38 -24.82 -23.68
CA ARG B 127 -42.32 -23.37 -23.55
C ARG B 127 -42.43 -22.97 -22.07
N LYS B 128 -41.27 -22.76 -21.45
CA LYS B 128 -41.20 -22.36 -20.07
C LYS B 128 -41.08 -20.83 -20.02
N LEU B 129 -42.14 -20.14 -19.58
CA LEU B 129 -42.06 -18.68 -19.45
C LEU B 129 -41.17 -18.27 -18.29
N VAL B 130 -40.20 -17.40 -18.57
CA VAL B 130 -39.29 -16.92 -17.53
C VAL B 130 -39.36 -15.42 -17.31
N MSE B 131 -39.92 -14.69 -18.27
CA MSE B 131 -39.91 -13.26 -18.16
C MSE B 131 -41.01 -12.59 -18.95
O MSE B 131 -41.31 -12.98 -20.08
CB MSE B 131 -38.55 -12.74 -18.59
CG MSE B 131 -38.01 -11.66 -17.69
SE MSE B 131 -36.41 -10.81 -18.40
CE MSE B 131 -37.12 -10.26 -20.16
N LEU B 132 -41.62 -11.57 -18.35
CA LEU B 132 -42.62 -10.73 -19.00
C LEU B 132 -42.12 -9.29 -19.03
N GLU B 133 -42.64 -8.51 -19.98
CA GLU B 133 -42.14 -7.17 -20.19
C GLU B 133 -43.17 -6.32 -20.94
N PRO B 134 -43.71 -5.28 -20.27
CA PRO B 134 -44.73 -4.42 -20.83
C PRO B 134 -44.23 -3.70 -22.08
N GLY B 135 -44.85 -3.98 -23.21
CA GLY B 135 -44.51 -3.27 -24.43
C GLY B 135 -45.27 -1.96 -24.56
N LYS B 136 -45.08 -1.34 -25.71
CA LYS B 136 -45.80 -0.14 -26.09
C LYS B 136 -47.29 -0.36 -25.86
N LYS B 137 -47.87 -1.25 -26.64
CA LYS B 137 -49.27 -1.65 -26.45
C LYS B 137 -49.44 -3.17 -26.37
N LYS B 138 -48.36 -3.89 -26.06
CA LYS B 138 -48.46 -5.33 -25.85
C LYS B 138 -47.27 -5.99 -25.16
N TRP B 139 -47.57 -7.09 -24.47
CA TRP B 139 -46.62 -7.79 -23.63
C TRP B 139 -45.58 -8.51 -24.44
N THR B 140 -44.39 -8.67 -23.87
CA THR B 140 -43.33 -9.48 -24.45
C THR B 140 -42.88 -10.65 -23.57
N LEU B 141 -43.16 -11.85 -24.05
CA LEU B 141 -42.94 -13.05 -23.28
C LEU B 141 -41.61 -13.71 -23.68
N THR B 142 -40.83 -14.05 -22.66
CA THR B 142 -39.51 -14.64 -22.83
C THR B 142 -39.54 -16.11 -22.45
N PHE B 143 -39.01 -16.97 -23.32
CA PHE B 143 -39.07 -18.40 -23.06
C PHE B 143 -37.70 -19.03 -23.07
N GLU B 144 -37.42 -19.85 -22.06
CA GLU B 144 -36.08 -20.41 -21.92
C GLU B 144 -35.64 -21.06 -23.23
N ASN B 145 -34.57 -20.54 -23.79
CA ASN B 145 -34.04 -21.09 -25.02
C ASN B 145 -35.10 -21.32 -26.11
N LYS B 146 -36.00 -20.37 -26.26
CA LYS B 146 -36.97 -20.40 -27.35
C LYS B 146 -37.35 -18.98 -27.75
N PRO B 147 -37.69 -18.80 -29.02
CA PRO B 147 -38.11 -17.49 -29.53
C PRO B 147 -39.17 -16.84 -28.65
N SER B 148 -39.12 -15.51 -28.57
CA SER B 148 -40.02 -14.76 -27.70
C SER B 148 -41.30 -14.50 -28.44
N GLU B 149 -42.31 -13.99 -27.73
CA GLU B 149 -43.67 -13.84 -28.29
C GLU B 149 -44.39 -12.62 -27.72
N THR B 150 -45.40 -12.15 -28.42
CA THR B 150 -46.13 -10.97 -27.99
C THR B 150 -47.60 -11.26 -27.77
N ALA B 151 -48.21 -10.50 -26.87
CA ALA B 151 -49.62 -10.71 -26.58
C ALA B 151 -50.25 -9.46 -25.99
N ASP B 152 -51.47 -9.19 -26.45
CA ASP B 152 -52.26 -8.06 -25.99
C ASP B 152 -52.79 -8.30 -24.59
N LEU B 153 -52.97 -9.58 -24.23
CA LEU B 153 -53.39 -9.96 -22.88
C LEU B 153 -52.66 -11.21 -22.42
N VAL B 154 -52.13 -11.16 -21.20
CA VAL B 154 -51.50 -12.34 -20.60
C VAL B 154 -52.34 -12.87 -19.46
N ILE B 155 -52.60 -14.17 -19.48
CA ILE B 155 -53.33 -14.79 -18.38
C ILE B 155 -52.44 -15.85 -17.75
N LEU B 156 -51.91 -15.52 -16.58
CA LEU B 156 -51.14 -16.45 -15.79
C LEU B 156 -52.03 -17.61 -15.31
N ALA B 157 -51.64 -18.83 -15.66
CA ALA B 157 -52.39 -20.03 -15.27
C ALA B 157 -51.40 -21.13 -14.99
N ASN B 158 -50.23 -20.73 -14.51
CA ASN B 158 -49.07 -21.62 -14.47
C ASN B 158 -48.71 -22.14 -13.09
N GLY B 159 -49.72 -22.41 -12.27
CA GLY B 159 -49.51 -23.10 -11.00
C GLY B 159 -49.22 -22.23 -9.78
N GLY B 160 -49.09 -22.88 -8.63
CA GLY B 160 -49.00 -22.17 -7.37
C GLY B 160 -47.61 -21.68 -7.05
N MSE B 161 -46.69 -21.82 -7.99
CA MSE B 161 -45.32 -21.43 -7.72
C MSE B 161 -44.84 -20.48 -8.79
O MSE B 161 -43.64 -20.26 -8.94
CB MSE B 161 -44.41 -22.65 -7.68
CG MSE B 161 -44.81 -23.67 -6.65
SE MSE B 161 -44.36 -23.14 -4.82
CE MSE B 161 -43.47 -24.78 -4.30
N SER B 162 -45.78 -19.94 -9.55
CA SER B 162 -45.49 -19.01 -10.62
C SER B 162 -44.50 -17.97 -10.16
N LYS B 163 -43.46 -17.78 -10.96
CA LYS B 163 -42.39 -16.86 -10.61
C LYS B 163 -42.62 -15.49 -11.24
N VAL B 164 -43.64 -15.40 -12.09
CA VAL B 164 -43.91 -14.21 -12.87
C VAL B 164 -45.21 -13.53 -12.42
N ARG B 165 -45.37 -13.36 -11.12
CA ARG B 165 -46.57 -12.76 -10.57
C ARG B 165 -46.45 -11.24 -10.33
N LYS B 166 -45.26 -10.67 -10.54
CA LYS B 166 -44.99 -9.30 -10.06
C LYS B 166 -45.94 -8.19 -10.57
N PHE B 167 -46.21 -8.14 -11.87
CA PHE B 167 -47.06 -7.08 -12.39
C PHE B 167 -48.47 -7.11 -11.85
N VAL B 168 -48.82 -8.13 -11.08
CA VAL B 168 -50.19 -8.21 -10.56
C VAL B 168 -50.14 -8.06 -9.06
N THR B 169 -49.08 -8.58 -8.45
CA THR B 169 -48.96 -8.48 -7.00
C THR B 169 -47.58 -8.91 -6.51
N ASP B 170 -47.15 -8.29 -5.42
CA ASP B 170 -45.86 -8.56 -4.80
C ASP B 170 -46.03 -9.58 -3.68
N THR B 171 -47.28 -9.96 -3.44
CA THR B 171 -47.63 -10.95 -2.44
C THR B 171 -46.96 -12.24 -2.87
N GLU B 172 -46.44 -13.01 -1.93
CA GLU B 172 -45.86 -14.28 -2.31
C GLU B 172 -46.38 -15.48 -1.55
N VAL B 173 -46.28 -16.63 -2.20
CA VAL B 173 -46.71 -17.89 -1.61
C VAL B 173 -46.08 -18.09 -0.24
N GLU B 174 -46.72 -18.91 0.60
CA GLU B 174 -46.12 -19.25 1.88
C GLU B 174 -46.41 -20.69 2.31
N GLU B 175 -45.46 -21.25 3.05
CA GLU B 175 -45.60 -22.60 3.56
C GLU B 175 -46.70 -22.57 4.59
N THR B 176 -47.44 -23.65 4.67
CA THR B 176 -48.67 -23.61 5.43
C THR B 176 -48.47 -24.20 6.83
N GLY B 177 -47.51 -25.11 6.94
CA GLY B 177 -47.27 -25.80 8.19
C GLY B 177 -47.37 -27.31 8.07
N THR B 178 -48.07 -27.79 7.04
CA THR B 178 -48.15 -29.24 6.76
C THR B 178 -47.30 -29.67 5.58
N PHE B 179 -47.20 -30.98 5.37
CA PHE B 179 -46.30 -31.54 4.35
C PHE B 179 -46.87 -32.82 3.70
N ASN B 180 -46.51 -33.07 2.45
CA ASN B 180 -47.10 -34.19 1.71
C ASN B 180 -46.10 -35.08 0.98
N ILE B 181 -46.05 -36.35 1.37
CA ILE B 181 -45.32 -37.36 0.62
C ILE B 181 -46.33 -38.22 -0.18
N GLN B 182 -46.00 -38.57 -1.42
CA GLN B 182 -46.90 -39.39 -2.25
C GLN B 182 -46.18 -40.23 -3.31
N ALA B 183 -46.72 -41.41 -3.60
CA ALA B 183 -46.12 -42.28 -4.58
C ALA B 183 -47.20 -42.97 -5.41
N ASP B 184 -46.77 -43.75 -6.40
CA ASP B 184 -47.69 -44.61 -7.11
C ASP B 184 -47.21 -46.04 -7.04
N ILE B 185 -48.15 -46.95 -6.94
CA ILE B 185 -47.81 -48.36 -6.98
C ILE B 185 -48.52 -49.01 -8.16
N HIS B 186 -47.76 -49.68 -9.03
CA HIS B 186 -48.37 -50.35 -10.17
C HIS B 186 -48.68 -51.80 -9.84
N GLN B 187 -49.68 -52.35 -10.55
CA GLN B 187 -50.22 -53.66 -10.19
C GLN B 187 -50.47 -53.71 -8.70
N PRO B 188 -51.18 -52.71 -8.17
CA PRO B 188 -51.29 -52.68 -6.71
C PRO B 188 -51.89 -53.98 -6.17
N GLU B 189 -52.54 -54.75 -7.02
CA GLU B 189 -53.25 -55.95 -6.61
C GLU B 189 -52.33 -57.13 -6.25
N ILE B 190 -51.09 -57.08 -6.71
CA ILE B 190 -50.11 -58.13 -6.37
C ILE B 190 -48.92 -57.56 -5.63
N ASN B 191 -48.73 -56.25 -5.76
CA ASN B 191 -47.61 -55.59 -5.10
C ASN B 191 -47.95 -55.11 -3.69
N CYS B 192 -49.23 -54.77 -3.47
CA CYS B 192 -49.70 -54.41 -2.15
C CYS B 192 -51.13 -54.89 -2.01
N PRO B 193 -51.30 -56.21 -1.99
CA PRO B 193 -52.63 -56.84 -2.03
C PRO B 193 -53.42 -56.55 -0.79
N GLY B 194 -52.73 -56.39 0.34
CA GLY B 194 -53.42 -56.20 1.60
C GLY B 194 -54.12 -54.87 1.63
N PHE B 195 -53.39 -53.83 1.25
CA PHE B 195 -53.94 -52.49 1.21
C PHE B 195 -54.93 -52.38 0.07
N PHE B 196 -54.54 -52.92 -1.08
CA PHE B 196 -55.42 -52.85 -2.24
C PHE B 196 -56.79 -53.48 -1.92
N GLN B 197 -56.77 -54.67 -1.32
CA GLN B 197 -58.01 -55.32 -0.91
C GLN B 197 -58.77 -54.48 0.11
N LEU B 198 -58.03 -53.76 0.94
CA LEU B 198 -58.64 -52.97 2.00
C LEU B 198 -59.47 -51.81 1.46
N CYS B 199 -58.98 -51.21 0.38
CA CYS B 199 -59.66 -50.10 -0.28
C CYS B 199 -60.95 -50.61 -0.89
N ASN B 200 -60.97 -51.91 -1.18
CA ASN B 200 -62.09 -52.57 -1.83
C ASN B 200 -62.79 -51.74 -2.90
N GLY B 201 -62.01 -51.14 -3.81
CA GLY B 201 -62.55 -50.41 -4.95
C GLY B 201 -62.99 -48.99 -4.67
N ASN B 202 -62.71 -48.52 -3.44
CA ASN B 202 -63.04 -47.15 -3.05
C ASN B 202 -61.80 -46.35 -2.68
N ARG B 203 -61.88 -45.04 -2.77
CA ARG B 203 -60.83 -44.21 -2.24
C ARG B 203 -60.80 -44.54 -0.75
N LEU B 204 -59.62 -44.52 -0.14
CA LEU B 204 -59.43 -44.85 1.28
C LEU B 204 -58.81 -43.66 2.02
N MSE B 205 -59.36 -43.33 3.18
CA MSE B 205 -58.72 -42.37 4.06
C MSE B 205 -58.67 -42.83 5.50
O MSE B 205 -59.62 -43.40 6.01
CB MSE B 205 -59.43 -41.03 4.01
CG MSE B 205 -59.66 -40.51 2.62
SE MSE B 205 -60.27 -38.63 2.66
CE MSE B 205 -58.65 -37.80 1.96
N ALA B 206 -57.54 -42.55 6.15
CA ALA B 206 -57.33 -42.85 7.56
C ALA B 206 -56.56 -41.70 8.20
N SER B 207 -56.88 -41.41 9.46
CA SER B 207 -56.13 -40.39 10.18
C SER B 207 -55.76 -40.91 11.56
N HIS B 208 -54.49 -40.79 11.92
CA HIS B 208 -54.08 -41.20 13.23
C HIS B 208 -53.01 -40.30 13.82
N GLN B 209 -53.31 -39.73 14.99
CA GLN B 209 -52.45 -38.77 15.65
C GLN B 209 -51.78 -37.87 14.64
N GLY B 210 -52.60 -37.10 13.93
CA GLY B 210 -52.13 -36.09 13.00
C GLY B 210 -51.34 -36.62 11.82
N ASN B 211 -51.56 -37.89 11.47
CA ASN B 211 -50.98 -38.47 10.27
C ASN B 211 -52.08 -38.89 9.31
N LEU B 212 -52.14 -38.25 8.15
CA LEU B 212 -53.18 -38.55 7.17
C LEU B 212 -52.67 -39.46 6.06
N LEU B 213 -53.39 -40.57 5.87
CA LEU B 213 -53.13 -41.43 4.73
C LEU B 213 -54.33 -41.40 3.78
N PHE B 214 -54.09 -41.07 2.52
CA PHE B 214 -55.18 -41.06 1.56
C PHE B 214 -54.76 -41.80 0.33
N ALA B 215 -55.62 -42.67 -0.16
CA ALA B 215 -55.28 -43.49 -1.32
C ALA B 215 -56.43 -43.59 -2.33
N ASN B 216 -56.06 -43.80 -3.59
CA ASN B 216 -57.01 -44.17 -4.59
C ASN B 216 -56.51 -45.45 -5.26
N PRO B 217 -57.26 -46.54 -5.16
CA PRO B 217 -56.72 -47.84 -5.58
C PRO B 217 -56.70 -48.01 -7.12
N ASN B 218 -57.33 -47.08 -7.83
CA ASN B 218 -57.55 -47.23 -9.27
C ASN B 218 -57.47 -45.95 -10.11
N ASN B 219 -56.27 -45.39 -10.22
CA ASN B 219 -56.01 -44.26 -11.10
C ASN B 219 -55.46 -44.80 -12.40
N ASN B 220 -56.36 -45.12 -13.33
CA ASN B 220 -55.93 -45.82 -14.53
C ASN B 220 -55.06 -47.03 -14.16
N GLY B 221 -55.52 -47.80 -13.18
CA GLY B 221 -54.85 -49.04 -12.80
C GLY B 221 -53.58 -48.92 -11.95
N ALA B 222 -53.29 -47.72 -11.47
CA ALA B 222 -52.23 -47.61 -10.51
C ALA B 222 -52.83 -47.18 -9.18
N LEU B 223 -52.15 -47.51 -8.10
CA LEU B 223 -52.61 -47.06 -6.82
C LEU B 223 -51.85 -45.77 -6.54
N HIS B 224 -52.57 -44.71 -6.26
CA HIS B 224 -51.91 -43.49 -5.84
C HIS B 224 -52.18 -43.34 -4.36
N PHE B 225 -51.19 -42.92 -3.61
CA PHE B 225 -51.45 -42.59 -2.23
C PHE B 225 -50.55 -41.46 -1.79
N GLY B 226 -50.94 -40.80 -0.72
CA GLY B 226 -50.14 -39.74 -0.14
C GLY B 226 -50.28 -39.76 1.37
N ILE B 227 -49.20 -39.45 2.06
CA ILE B 227 -49.21 -39.32 3.51
C ILE B 227 -48.92 -37.87 3.86
N SER B 228 -49.76 -37.28 4.70
CA SER B 228 -49.58 -35.89 5.10
C SER B 228 -49.54 -35.73 6.61
N PHE B 229 -48.91 -34.64 7.06
CA PHE B 229 -48.57 -34.44 8.47
C PHE B 229 -48.04 -33.02 8.71
N LYS B 230 -48.04 -32.56 9.96
CA LYS B 230 -47.47 -31.25 10.25
C LYS B 230 -45.97 -31.33 10.04
N THR B 231 -45.38 -30.31 9.41
CA THR B 231 -43.97 -30.37 9.14
C THR B 231 -43.21 -30.62 10.44
N PRO B 232 -42.36 -31.65 10.45
CA PRO B 232 -41.49 -31.91 11.59
C PRO B 232 -40.74 -30.63 12.00
N ASP B 233 -40.81 -30.30 13.28
CA ASP B 233 -40.23 -29.07 13.82
C ASP B 233 -38.86 -28.70 13.23
N GLU B 234 -37.99 -29.71 13.03
CA GLU B 234 -36.61 -29.46 12.59
C GLU B 234 -36.46 -28.86 11.20
N TRP B 235 -36.93 -29.58 10.17
CA TRP B 235 -36.85 -29.08 8.80
C TRP B 235 -37.25 -27.61 8.77
N LYS B 236 -36.26 -26.73 8.60
CA LYS B 236 -36.51 -25.28 8.64
C LYS B 236 -36.40 -24.66 7.25
N ASP B 242 -34.04 -36.52 2.77
CA ASP B 242 -33.82 -36.38 1.32
C ASP B 242 -34.66 -37.35 0.49
N PHE B 243 -35.55 -36.82 -0.35
CA PHE B 243 -36.43 -37.66 -1.16
C PHE B 243 -35.73 -38.31 -2.35
N GLN B 244 -34.46 -37.98 -2.55
CA GLN B 244 -33.70 -38.57 -3.64
C GLN B 244 -33.63 -40.08 -3.48
N ASN B 245 -32.99 -40.52 -2.40
CA ASN B 245 -32.89 -41.97 -2.15
C ASN B 245 -33.78 -42.48 -1.03
N ARG B 246 -34.51 -43.54 -1.38
CA ARG B 246 -35.73 -43.94 -0.69
C ARG B 246 -35.52 -44.48 0.71
N ASN B 247 -34.39 -45.13 0.96
CA ASN B 247 -34.17 -45.68 2.29
C ASN B 247 -34.31 -44.62 3.37
N SER B 248 -33.96 -43.39 3.03
CA SER B 248 -34.18 -42.26 3.93
C SER B 248 -35.68 -42.08 4.23
N VAL B 249 -36.49 -42.00 3.19
CA VAL B 249 -37.92 -41.77 3.32
C VAL B 249 -38.61 -42.92 4.01
N VAL B 250 -38.24 -44.15 3.66
CA VAL B 250 -38.92 -45.30 4.24
C VAL B 250 -38.68 -45.50 5.72
N ASP B 251 -37.47 -45.16 6.18
CA ASP B 251 -37.21 -45.20 7.61
C ASP B 251 -38.10 -44.20 8.31
N PHE B 252 -38.24 -43.02 7.73
CA PHE B 252 -39.09 -41.97 8.30
C PHE B 252 -40.59 -42.35 8.38
N LEU B 253 -41.16 -42.74 7.24
CA LEU B 253 -42.55 -43.16 7.17
C LEU B 253 -42.82 -44.36 8.09
N LEU B 254 -42.00 -45.39 7.98
CA LEU B 254 -42.17 -46.58 8.80
C LEU B 254 -42.10 -46.26 10.28
N LYS B 255 -41.46 -45.14 10.62
CA LYS B 255 -41.39 -44.76 12.02
C LYS B 255 -42.72 -44.20 12.43
N LYS B 256 -43.12 -43.07 11.85
CA LYS B 256 -44.39 -42.48 12.25
C LYS B 256 -45.59 -43.39 11.94
N PHE B 257 -45.32 -44.51 11.28
CA PHE B 257 -46.40 -45.45 10.97
C PHE B 257 -46.26 -46.80 11.65
N SER B 258 -45.25 -46.95 12.52
CA SER B 258 -45.01 -48.21 13.21
C SER B 258 -46.26 -48.58 13.97
N ASP B 259 -46.93 -47.55 14.46
CA ASP B 259 -48.19 -47.69 15.16
C ASP B 259 -49.24 -48.44 14.33
N TRP B 260 -49.15 -48.28 13.01
CA TRP B 260 -50.19 -48.70 12.06
C TRP B 260 -50.14 -50.15 11.62
N ASP B 261 -51.22 -50.60 11.00
CA ASP B 261 -51.35 -51.98 10.54
C ASP B 261 -50.36 -52.37 9.44
N GLU B 262 -50.00 -53.64 9.42
CA GLU B 262 -48.97 -54.13 8.53
C GLU B 262 -49.34 -53.82 7.08
N ARG B 263 -50.63 -53.78 6.79
CA ARG B 263 -51.07 -53.51 5.43
C ARG B 263 -50.64 -52.14 4.95
N TYR B 264 -50.69 -51.13 5.80
CA TYR B 264 -50.24 -49.80 5.41
C TYR B 264 -48.73 -49.78 5.31
N LYS B 265 -48.06 -50.53 6.17
CA LYS B 265 -46.62 -50.56 6.09
C LYS B 265 -46.20 -51.11 4.73
N GLU B 266 -46.91 -52.13 4.28
CA GLU B 266 -46.57 -52.85 3.07
C GLU B 266 -46.73 -51.89 1.91
N LEU B 267 -47.51 -50.86 2.16
CA LEU B 267 -47.69 -49.78 1.19
C LEU B 267 -46.41 -48.97 1.11
N ILE B 268 -45.74 -48.78 2.24
CA ILE B 268 -44.52 -47.99 2.28
C ILE B 268 -43.31 -48.83 1.86
N HIS B 269 -43.39 -50.14 2.02
CA HIS B 269 -42.34 -51.01 1.52
C HIS B 269 -42.25 -51.09 -0.02
N THR B 270 -43.37 -51.37 -0.69
CA THR B 270 -43.35 -51.58 -2.14
C THR B 270 -43.00 -50.32 -2.92
N THR B 271 -43.51 -49.18 -2.49
CA THR B 271 -43.30 -47.97 -3.26
C THR B 271 -41.83 -47.75 -3.57
N LEU B 272 -41.54 -47.55 -4.85
CA LEU B 272 -40.18 -47.49 -5.36
C LEU B 272 -39.58 -46.09 -5.18
N SER B 273 -40.38 -45.07 -5.38
CA SER B 273 -39.87 -43.71 -5.23
C SER B 273 -40.94 -42.81 -4.68
N PHE B 274 -40.54 -41.87 -3.82
CA PHE B 274 -41.48 -40.97 -3.14
C PHE B 274 -41.22 -39.56 -3.61
N VAL B 275 -42.27 -38.74 -3.66
CA VAL B 275 -42.05 -37.33 -3.95
C VAL B 275 -42.61 -36.51 -2.81
N GLY B 276 -41.79 -35.60 -2.32
CA GLY B 276 -42.16 -34.73 -1.21
C GLY B 276 -42.44 -33.30 -1.64
N LEU B 277 -43.34 -32.65 -0.91
CA LEU B 277 -43.82 -31.34 -1.27
C LEU B 277 -44.44 -30.73 -0.01
N ALA B 278 -44.16 -29.45 0.23
CA ALA B 278 -44.77 -28.76 1.36
C ALA B 278 -46.06 -28.08 0.93
N THR B 279 -47.10 -28.20 1.77
CA THR B 279 -48.35 -27.52 1.49
C THR B 279 -48.13 -26.04 1.52
N ARG B 280 -48.62 -25.35 0.51
CA ARG B 280 -48.45 -23.92 0.41
C ARG B 280 -49.77 -23.28 0.10
N ILE B 281 -49.84 -21.98 0.37
CA ILE B 281 -51.02 -21.21 0.10
C ILE B 281 -50.55 -19.87 -0.43
N PHE B 282 -51.19 -19.42 -1.50
CA PHE B 282 -50.98 -18.08 -2.01
C PHE B 282 -52.14 -17.22 -1.55
N PRO B 283 -51.95 -16.54 -0.42
CA PRO B 283 -53.01 -15.89 0.35
C PRO B 283 -53.68 -14.71 -0.36
N LEU B 284 -55.01 -14.77 -0.48
CA LEU B 284 -55.79 -13.66 -0.98
C LEU B 284 -56.00 -12.63 0.15
N GLU B 285 -54.90 -12.00 0.55
CA GLU B 285 -54.93 -10.98 1.60
C GLU B 285 -55.34 -9.62 1.04
N LYS B 286 -54.36 -8.83 0.63
CA LYS B 286 -54.58 -7.48 0.12
C LYS B 286 -54.97 -7.50 -1.34
N PRO B 287 -55.60 -6.42 -1.81
CA PRO B 287 -55.91 -6.28 -3.24
C PRO B 287 -54.66 -6.40 -4.09
N TRP B 288 -54.83 -6.61 -5.39
CA TRP B 288 -53.70 -6.74 -6.31
C TRP B 288 -53.44 -5.36 -6.92
N LYS B 289 -52.25 -5.16 -7.49
CA LYS B 289 -51.89 -3.88 -8.08
C LYS B 289 -53.05 -3.31 -8.88
N SER B 290 -53.49 -2.12 -8.50
CA SER B 290 -54.54 -1.40 -9.24
C SER B 290 -53.91 -0.73 -10.45
N LYS B 291 -52.58 -0.65 -10.40
CA LYS B 291 -51.79 0.05 -11.38
C LYS B 291 -51.07 -0.99 -12.24
N ARG B 292 -51.53 -1.18 -13.48
CA ARG B 292 -50.95 -2.21 -14.34
C ARG B 292 -50.77 -1.75 -15.78
N PRO B 293 -49.51 -1.74 -16.24
CA PRO B 293 -49.02 -1.28 -17.56
C PRO B 293 -49.86 -1.79 -18.70
N LEU B 294 -49.98 -3.11 -18.79
CA LEU B 294 -50.86 -3.72 -19.77
C LEU B 294 -51.85 -4.66 -19.08
N PRO B 295 -52.90 -5.10 -19.80
CA PRO B 295 -53.86 -6.04 -19.20
C PRO B 295 -53.18 -7.35 -18.82
N ILE B 296 -53.43 -7.82 -17.61
CA ILE B 296 -52.87 -9.09 -17.15
C ILE B 296 -53.64 -9.55 -15.93
N THR B 297 -53.80 -10.87 -15.79
CA THR B 297 -54.48 -11.43 -14.62
C THR B 297 -54.04 -12.87 -14.32
N MSE B 298 -54.71 -13.51 -13.37
CA MSE B 298 -54.31 -14.84 -12.92
C MSE B 298 -55.53 -15.69 -12.60
O MSE B 298 -56.48 -15.18 -12.00
CB MSE B 298 -53.43 -14.74 -11.67
CG MSE B 298 -52.53 -13.50 -11.62
SE MSE B 298 -50.92 -13.76 -10.58
CE MSE B 298 -51.61 -13.85 -8.75
N ILE B 299 -55.52 -16.96 -13.00
CA ILE B 299 -56.60 -17.89 -12.67
C ILE B 299 -56.05 -19.12 -11.99
N GLY B 300 -56.94 -19.95 -11.43
CA GLY B 300 -56.53 -21.23 -10.86
C GLY B 300 -55.49 -21.10 -9.76
N ASP B 301 -54.52 -22.01 -9.74
CA ASP B 301 -53.55 -22.04 -8.64
C ASP B 301 -52.64 -20.82 -8.57
N ALA B 302 -52.43 -20.18 -9.72
CA ALA B 302 -51.61 -18.99 -9.75
C ALA B 302 -52.30 -17.92 -8.93
N ALA B 303 -53.62 -17.95 -8.91
CA ALA B 303 -54.40 -16.91 -8.26
C ALA B 303 -54.67 -17.16 -6.78
N HIS B 304 -54.72 -18.42 -6.35
CA HIS B 304 -55.18 -18.72 -4.99
C HIS B 304 -54.80 -20.12 -4.49
N LEU B 305 -53.64 -20.62 -4.92
CA LEU B 305 -53.07 -21.85 -4.38
C LEU B 305 -53.56 -22.00 -2.95
N MSE B 306 -54.05 -23.18 -2.58
CA MSE B 306 -54.53 -23.43 -1.22
C MSE B 306 -54.48 -24.92 -0.88
O MSE B 306 -54.46 -25.76 -1.79
CB MSE B 306 -55.95 -22.87 -1.02
CG MSE B 306 -57.08 -23.75 -1.54
SE MSE B 306 -58.85 -22.85 -1.51
CE MSE B 306 -58.66 -21.67 -3.04
N PRO B 307 -54.43 -25.24 0.42
CA PRO B 307 -54.33 -26.63 0.88
C PRO B 307 -55.46 -27.49 0.31
N PRO B 308 -55.16 -28.73 -0.08
CA PRO B 308 -56.10 -29.62 -0.77
C PRO B 308 -57.00 -30.48 0.13
N PHE B 309 -56.67 -30.58 1.41
CA PHE B 309 -57.37 -31.49 2.29
C PHE B 309 -58.87 -31.23 2.36
N ALA B 310 -59.28 -30.05 1.94
CA ALA B 310 -60.69 -29.68 1.94
C ALA B 310 -61.40 -30.33 0.76
N GLY B 311 -60.68 -30.51 -0.34
CA GLY B 311 -61.26 -30.95 -1.59
C GLY B 311 -61.25 -29.80 -2.58
N GLN B 312 -60.54 -28.73 -2.24
CA GLN B 312 -60.53 -27.53 -3.07
C GLN B 312 -59.33 -27.44 -3.98
N GLY B 313 -59.49 -26.62 -5.01
CA GLY B 313 -58.54 -26.54 -6.11
C GLY B 313 -59.26 -26.95 -7.38
N VAL B 314 -58.81 -26.45 -8.52
CA VAL B 314 -59.35 -26.79 -9.84
C VAL B 314 -60.81 -26.43 -10.05
N ASN B 315 -61.73 -26.93 -9.24
CA ASN B 315 -63.11 -26.49 -9.40
C ASN B 315 -63.08 -25.00 -9.25
N SER B 316 -62.58 -24.57 -8.10
CA SER B 316 -62.40 -23.15 -7.85
C SER B 316 -61.64 -22.48 -9.00
N GLY B 317 -60.70 -23.20 -9.60
CA GLY B 317 -59.93 -22.68 -10.71
C GLY B 317 -60.71 -22.63 -12.02
N LEU B 318 -61.59 -23.60 -12.21
CA LEU B 318 -62.35 -23.71 -13.46
C LEU B 318 -63.45 -22.69 -13.44
N VAL B 319 -63.90 -22.37 -12.22
CA VAL B 319 -64.83 -21.27 -12.05
C VAL B 319 -64.13 -20.00 -12.54
N ASP B 320 -62.91 -19.72 -12.04
CA ASP B 320 -62.15 -18.57 -12.57
C ASP B 320 -62.26 -18.57 -14.09
N ALA B 321 -62.01 -19.71 -14.70
CA ALA B 321 -62.04 -19.76 -16.15
C ALA B 321 -63.38 -19.23 -16.62
N LEU B 322 -64.44 -19.84 -16.12
CA LEU B 322 -65.80 -19.53 -16.54
C LEU B 322 -66.06 -18.03 -16.44
N ILE B 323 -65.88 -17.51 -15.24
CA ILE B 323 -66.16 -16.10 -14.93
C ILE B 323 -65.36 -15.13 -15.78
N LEU B 324 -64.04 -15.31 -15.80
CA LEU B 324 -63.23 -14.43 -16.63
C LEU B 324 -63.71 -14.57 -18.08
N SER B 325 -63.75 -15.80 -18.56
CA SER B 325 -64.11 -16.08 -19.94
C SER B 325 -65.38 -15.33 -20.37
N ASP B 326 -66.39 -15.31 -19.51
CA ASP B 326 -67.63 -14.63 -19.84
C ASP B 326 -67.40 -13.11 -19.92
N ASN B 327 -66.80 -12.56 -18.87
CA ASN B 327 -66.51 -11.13 -18.84
C ASN B 327 -65.92 -10.56 -20.12
N LEU B 328 -65.12 -11.37 -20.82
CA LEU B 328 -64.41 -10.89 -22.01
C LEU B 328 -65.16 -11.18 -23.29
N ALA B 329 -66.39 -11.67 -23.17
CA ALA B 329 -67.15 -12.00 -24.37
C ALA B 329 -68.58 -11.45 -24.33
N ASP B 330 -69.13 -11.31 -23.13
CA ASP B 330 -70.50 -10.80 -22.98
C ASP B 330 -70.57 -9.31 -23.27
N GLY B 331 -69.45 -8.75 -23.73
CA GLY B 331 -69.37 -7.35 -24.12
C GLY B 331 -69.92 -6.39 -23.09
N LYS B 332 -70.10 -6.86 -21.86
CA LYS B 332 -70.71 -6.04 -20.81
C LYS B 332 -69.71 -5.07 -20.20
N PHE B 333 -68.59 -4.87 -20.88
CA PHE B 333 -67.54 -3.96 -20.42
C PHE B 333 -66.98 -3.18 -21.60
N ASN B 334 -66.55 -1.95 -21.35
CA ASN B 334 -66.06 -1.09 -22.43
C ASN B 334 -64.58 -1.24 -22.64
N SER B 335 -63.93 -2.01 -21.76
CA SER B 335 -62.49 -2.23 -21.85
C SER B 335 -62.10 -3.60 -21.30
N ILE B 336 -60.91 -4.06 -21.66
CA ILE B 336 -60.38 -5.27 -21.06
C ILE B 336 -60.18 -5.07 -19.56
N GLU B 337 -59.40 -4.05 -19.21
CA GLU B 337 -59.13 -3.75 -17.79
C GLU B 337 -60.36 -3.81 -16.89
N GLU B 338 -61.51 -3.36 -17.39
CA GLU B 338 -62.75 -3.45 -16.63
C GLU B 338 -63.13 -4.92 -16.39
N ALA B 339 -63.26 -5.67 -17.48
CA ALA B 339 -63.64 -7.08 -17.42
C ALA B 339 -62.78 -7.89 -16.44
N VAL B 340 -61.45 -7.76 -16.55
CA VAL B 340 -60.58 -8.46 -15.61
C VAL B 340 -60.76 -7.90 -14.20
N LYS B 341 -60.81 -6.57 -14.10
CA LYS B 341 -61.10 -5.90 -12.83
C LYS B 341 -62.30 -6.56 -12.13
N ASN B 342 -63.37 -6.78 -12.88
CA ASN B 342 -64.58 -7.38 -12.33
C ASN B 342 -64.42 -8.84 -11.92
N TYR B 343 -63.82 -9.63 -12.81
CA TYR B 343 -63.59 -11.03 -12.50
C TYR B 343 -62.81 -11.09 -11.20
N GLU B 344 -61.66 -10.41 -11.17
CA GLU B 344 -60.82 -10.41 -9.98
C GLU B 344 -61.59 -10.02 -8.72
N GLN B 345 -62.70 -9.34 -8.89
CA GLN B 345 -63.51 -8.95 -7.73
C GLN B 345 -64.30 -10.14 -7.22
N GLN B 346 -65.10 -10.73 -8.09
CA GLN B 346 -65.89 -11.90 -7.72
C GLN B 346 -65.01 -12.97 -7.09
N MSE B 347 -63.85 -13.24 -7.71
CA MSE B 347 -63.03 -14.38 -7.27
C MSE B 347 -62.45 -14.10 -5.88
O MSE B 347 -62.29 -15.01 -5.07
CB MSE B 347 -61.95 -14.75 -8.32
CG MSE B 347 -60.61 -13.99 -8.23
SE MSE B 347 -59.32 -14.91 -7.08
CE MSE B 347 -58.10 -13.46 -6.70
N PHE B 348 -62.15 -12.83 -5.60
CA PHE B 348 -61.73 -12.50 -4.25
C PHE B 348 -62.82 -12.90 -3.24
N ILE B 349 -64.08 -12.84 -3.66
CA ILE B 349 -65.14 -13.27 -2.77
C ILE B 349 -65.03 -14.74 -2.43
N TYR B 350 -65.16 -15.60 -3.43
CA TYR B 350 -65.22 -17.03 -3.13
C TYR B 350 -63.83 -17.61 -2.83
N GLY B 351 -62.80 -16.92 -3.32
CA GLY B 351 -61.43 -17.29 -3.04
C GLY B 351 -61.15 -17.22 -1.54
N LYS B 352 -61.40 -16.07 -0.94
CA LYS B 352 -61.15 -15.93 0.48
C LYS B 352 -61.92 -16.98 1.28
N GLU B 353 -63.16 -17.23 0.85
CA GLU B 353 -64.05 -18.16 1.57
C GLU B 353 -63.51 -19.59 1.51
N ALA B 354 -63.12 -19.99 0.31
CA ALA B 354 -62.49 -21.29 0.13
C ALA B 354 -61.23 -21.38 0.99
N GLN B 355 -60.34 -20.41 0.82
CA GLN B 355 -59.07 -20.44 1.51
C GLN B 355 -59.31 -20.51 3.02
N GLU B 356 -60.42 -19.93 3.44
CA GLU B 356 -60.79 -19.98 4.83
C GLU B 356 -61.11 -21.39 5.30
N GLU B 357 -61.93 -22.09 4.51
CA GLU B 357 -62.31 -23.45 4.85
C GLU B 357 -61.06 -24.32 4.87
N SER B 358 -60.32 -24.31 3.77
CA SER B 358 -59.19 -25.23 3.65
C SER B 358 -58.17 -25.00 4.74
N THR B 359 -57.93 -23.75 5.10
CA THR B 359 -56.97 -23.45 6.16
C THR B 359 -57.44 -23.99 7.51
N GLN B 360 -58.66 -23.62 7.85
CA GLN B 360 -59.27 -24.07 9.10
C GLN B 360 -59.32 -25.59 9.12
N ASN B 361 -59.81 -26.18 8.02
CA ASN B 361 -59.88 -27.63 7.91
C ASN B 361 -58.52 -28.29 8.08
N GLU B 362 -57.49 -27.68 7.51
CA GLU B 362 -56.12 -28.15 7.64
C GLU B 362 -55.71 -28.12 9.10
N ILE B 363 -56.28 -27.19 9.84
CA ILE B 363 -55.96 -27.10 11.25
C ILE B 363 -56.74 -28.15 12.02
N GLU B 364 -57.96 -28.42 11.58
CA GLU B 364 -58.77 -29.48 12.15
C GLU B 364 -57.97 -30.79 12.25
N MSE B 365 -57.79 -31.46 11.12
CA MSE B 365 -56.89 -32.61 11.06
C MSE B 365 -55.48 -32.10 11.19
O MSE B 365 -55.24 -30.91 11.07
CB MSE B 365 -57.04 -33.38 9.76
CG MSE B 365 -56.98 -32.53 8.49
SE MSE B 365 -57.63 -33.51 6.88
CE MSE B 365 -59.40 -32.73 6.70
N PHE B 366 -54.53 -32.99 11.47
CA PHE B 366 -53.15 -32.56 11.76
C PHE B 366 -53.04 -32.09 13.20
N LYS B 367 -54.20 -31.99 13.85
CA LYS B 367 -54.27 -31.99 15.31
C LYS B 367 -53.93 -33.43 15.68
N PRO B 368 -52.87 -33.63 16.50
CA PRO B 368 -52.40 -35.00 16.81
C PRO B 368 -53.53 -35.84 17.37
N ASP B 369 -54.70 -35.22 17.47
CA ASP B 369 -55.94 -35.92 17.74
C ASP B 369 -57.03 -35.37 16.82
N PHE B 370 -57.74 -36.26 16.14
CA PHE B 370 -58.79 -35.85 15.21
C PHE B 370 -59.48 -37.09 14.68
N THR B 371 -60.72 -36.92 14.23
CA THR B 371 -61.51 -38.01 13.66
C THR B 371 -62.59 -37.43 12.76
N PHE B 372 -63.00 -38.19 11.74
CA PHE B 372 -63.96 -37.67 10.76
C PHE B 372 -65.41 -37.62 11.27
N ASN C 2 49.44 43.28 3.52
CA ASN C 2 50.70 42.89 2.90
C ASN C 2 50.65 41.50 2.25
N LEU C 3 49.59 40.73 2.48
CA LEU C 3 49.69 39.27 2.24
C LEU C 3 48.42 38.42 2.09
N LEU C 4 48.63 37.19 1.61
CA LEU C 4 47.56 36.26 1.24
C LEU C 4 46.65 35.86 2.39
N SER C 5 46.90 36.40 3.58
CA SER C 5 46.08 36.09 4.75
C SER C 5 45.45 37.34 5.36
N ASP C 6 44.31 37.77 4.83
CA ASP C 6 43.41 38.67 5.58
C ASP C 6 42.33 37.82 6.27
N LYS C 7 42.70 36.58 6.55
CA LYS C 7 41.80 35.60 7.13
C LYS C 7 42.36 35.22 8.52
N ASN C 8 42.30 33.94 8.90
CA ASN C 8 42.88 33.55 10.18
C ASN C 8 43.41 32.11 10.25
N VAL C 9 44.58 31.94 10.85
CA VAL C 9 45.22 30.63 10.92
C VAL C 9 45.04 29.95 12.28
N ALA C 10 44.92 28.62 12.26
CA ALA C 10 44.87 27.84 13.48
C ALA C 10 46.03 26.85 13.46
N ILE C 11 46.96 27.01 14.40
CA ILE C 11 48.05 26.05 14.55
C ILE C 11 47.61 25.08 15.63
N ILE C 12 47.62 23.80 15.33
CA ILE C 12 47.25 22.83 16.33
C ILE C 12 48.53 22.26 16.88
N GLY C 13 48.97 22.77 18.03
CA GLY C 13 50.16 22.22 18.66
C GLY C 13 51.11 23.31 19.12
N GLY C 14 51.36 23.37 20.42
CA GLY C 14 52.22 24.39 20.96
C GLY C 14 53.58 23.87 21.36
N GLY C 15 54.08 22.88 20.62
CA GLY C 15 55.48 22.48 20.76
C GLY C 15 56.42 23.57 20.24
N PRO C 16 57.71 23.27 20.24
CA PRO C 16 58.70 24.21 19.71
C PRO C 16 58.40 24.59 18.26
N VAL C 17 58.09 23.60 17.43
CA VAL C 17 57.75 23.89 16.03
C VAL C 17 56.50 24.76 15.89
N GLY C 18 55.39 24.34 16.53
CA GLY C 18 54.15 25.09 16.50
C GLY C 18 54.30 26.53 16.92
N LEU C 19 54.93 26.75 18.06
CA LEU C 19 55.14 28.10 18.59
C LEU C 19 56.01 28.97 17.67
N THR C 20 57.00 28.35 17.03
CA THR C 20 57.84 29.09 16.10
C THR C 20 57.03 29.58 14.89
N MSE C 21 56.21 28.69 14.34
CA MSE C 21 55.21 29.07 13.35
C MSE C 21 54.44 30.30 13.80
O MSE C 21 54.43 31.32 13.11
CB MSE C 21 54.21 27.94 13.13
CG MSE C 21 54.49 27.11 11.89
SE MSE C 21 54.41 28.03 10.14
CE MSE C 21 55.23 26.55 9.19
N ALA C 22 53.78 30.19 14.96
CA ALA C 22 52.93 31.26 15.44
C ALA C 22 53.70 32.58 15.39
N LYS C 23 54.96 32.53 15.82
CA LYS C 23 55.78 33.73 15.92
C LYS C 23 56.11 34.28 14.55
N LEU C 24 56.55 33.40 13.66
CA LEU C 24 56.90 33.77 12.28
C LEU C 24 55.72 34.35 11.51
N LEU C 25 54.52 33.81 11.72
CA LEU C 25 53.33 34.39 11.11
C LEU C 25 53.02 35.74 11.74
N GLN C 26 52.91 35.77 13.06
CA GLN C 26 52.48 36.98 13.74
C GLN C 26 53.45 38.16 13.54
N GLN C 27 54.66 37.86 13.10
CA GLN C 27 55.64 38.90 12.77
C GLN C 27 55.23 39.64 11.51
N ASN C 28 54.44 38.96 10.67
CA ASN C 28 53.90 39.56 9.45
C ASN C 28 52.46 40.03 9.57
N GLY C 29 52.01 40.29 10.78
CA GLY C 29 50.63 40.73 11.00
C GLY C 29 49.55 39.70 10.68
N ILE C 30 49.93 38.44 10.45
CA ILE C 30 48.94 37.40 10.26
C ILE C 30 48.20 37.10 11.57
N ASP C 31 46.95 36.72 11.47
CA ASP C 31 46.15 36.35 12.63
C ASP C 31 46.29 34.86 12.92
N VAL C 32 47.02 34.52 13.99
CA VAL C 32 47.19 33.11 14.38
C VAL C 32 46.77 32.83 15.80
N SER C 33 46.22 31.64 16.01
CA SER C 33 46.00 31.13 17.34
C SER C 33 46.64 29.75 17.42
N VAL C 34 47.26 29.46 18.55
CA VAL C 34 47.81 28.13 18.75
C VAL C 34 46.96 27.38 19.76
N TYR C 35 46.41 26.24 19.35
CA TYR C 35 45.60 25.44 20.26
C TYR C 35 46.44 24.33 20.84
N GLU C 36 46.74 24.46 22.12
CA GLU C 36 47.61 23.53 22.80
C GLU C 36 46.80 22.74 23.80
N ARG C 37 47.09 21.45 23.96
CA ARG C 37 46.35 20.67 24.94
C ARG C 37 46.97 20.65 26.35
N ASP C 38 48.19 21.15 26.53
CA ASP C 38 48.71 21.32 27.88
C ASP C 38 47.77 22.19 28.68
N ASN C 39 47.63 21.89 29.97
CA ASN C 39 46.66 22.59 30.79
C ASN C 39 46.95 24.08 30.94
N ASP C 40 48.24 24.42 31.09
CA ASP C 40 48.67 25.80 31.31
C ASP C 40 50.12 26.01 30.87
N ARG C 41 50.48 27.26 30.61
CA ARG C 41 51.85 27.69 30.34
C ARG C 41 52.92 26.90 31.05
N GLU C 42 52.59 26.42 32.25
CA GLU C 42 53.63 25.99 33.21
C GLU C 42 53.77 24.49 33.37
N ALA C 43 53.07 23.74 32.52
CA ALA C 43 53.14 22.27 32.58
C ALA C 43 54.56 21.78 32.25
N ARG C 44 55.02 20.75 32.93
CA ARG C 44 56.40 20.31 32.74
C ARG C 44 56.51 19.55 31.43
N ILE C 45 57.50 19.87 30.61
CA ILE C 45 57.74 19.07 29.40
C ILE C 45 58.79 18.02 29.71
N PHE C 46 58.41 16.75 29.65
CA PHE C 46 59.39 15.70 29.94
C PHE C 46 60.28 15.47 28.72
N GLY C 47 61.57 15.25 28.94
CA GLY C 47 62.48 14.94 27.84
C GLY C 47 63.87 15.54 28.01
N GLY C 48 64.77 15.24 27.07
CA GLY C 48 66.11 15.78 27.08
C GLY C 48 66.14 17.25 26.67
N THR C 49 67.34 17.74 26.34
CA THR C 49 67.49 19.12 25.86
C THR C 49 67.60 19.17 24.35
N LEU C 50 66.94 20.15 23.76
CA LEU C 50 67.12 20.45 22.34
C LEU C 50 68.37 21.29 22.08
N ASP C 51 68.95 21.15 20.89
CA ASP C 51 69.96 22.10 20.41
C ASP C 51 69.66 22.49 18.98
N LEU C 52 69.90 23.76 18.68
CA LEU C 52 69.58 24.28 17.36
C LEU C 52 70.84 24.43 16.52
N HIS C 53 70.84 23.80 15.36
CA HIS C 53 71.97 23.87 14.45
C HIS C 53 72.03 25.19 13.69
N LYS C 54 73.24 25.66 13.42
CA LYS C 54 73.43 26.72 12.45
C LYS C 54 72.96 26.19 11.10
N GLY C 55 72.31 27.03 10.30
CA GLY C 55 71.74 26.59 9.06
C GLY C 55 70.25 26.32 9.13
N SER C 56 69.80 25.68 10.20
CA SER C 56 68.39 25.30 10.33
C SER C 56 67.71 25.91 11.55
N GLY C 57 67.71 25.15 12.65
CA GLY C 57 67.09 25.60 13.89
C GLY C 57 67.40 27.05 14.14
N GLN C 58 68.68 27.42 14.05
CA GLN C 58 69.09 28.76 14.42
C GLN C 58 68.58 29.79 13.44
N GLU C 59 68.42 29.39 12.18
CA GLU C 59 67.88 30.33 11.20
C GLU C 59 66.45 30.67 11.59
N ALA C 60 65.72 29.64 12.05
CA ALA C 60 64.38 29.85 12.57
C ALA C 60 64.44 30.97 13.59
N MSE C 61 65.39 30.87 14.51
CA MSE C 61 65.47 31.81 15.61
C MSE C 61 65.93 33.18 15.15
O MSE C 61 65.45 34.21 15.65
CB MSE C 61 66.39 31.26 16.70
CG MSE C 61 65.98 29.90 17.25
SE MSE C 61 64.19 29.97 18.04
CE MSE C 61 64.60 30.94 19.67
N LYS C 62 66.87 33.20 14.21
CA LYS C 62 67.39 34.44 13.68
C LYS C 62 66.25 35.26 13.09
N LYS C 63 65.38 34.59 12.35
CA LYS C 63 64.26 35.25 11.70
C LYS C 63 63.20 35.64 12.71
N ALA C 64 63.05 34.85 13.77
CA ALA C 64 62.07 35.18 14.80
C ALA C 64 62.58 36.28 15.70
N GLY C 65 63.84 36.67 15.48
CA GLY C 65 64.47 37.71 16.27
C GLY C 65 64.82 37.22 17.66
N LEU C 66 65.08 35.91 17.77
CA LEU C 66 65.21 35.23 19.05
C LEU C 66 66.52 34.48 19.26
N LEU C 67 67.48 34.64 18.35
CA LEU C 67 68.72 33.90 18.46
C LEU C 67 69.47 34.23 19.75
N GLN C 68 69.60 35.53 20.04
CA GLN C 68 70.37 35.95 21.21
C GLN C 68 69.73 35.45 22.51
N THR C 69 68.41 35.51 22.56
CA THR C 69 67.68 34.99 23.71
C THR C 69 67.91 33.49 23.86
N TYR C 70 67.93 32.77 22.73
CA TYR C 70 68.21 31.34 22.75
C TYR C 70 69.60 31.06 23.30
N TYR C 71 70.60 31.80 22.81
CA TYR C 71 71.96 31.62 23.27
C TYR C 71 72.04 31.85 24.77
N ASP C 72 71.41 32.92 25.22
CA ASP C 72 71.44 33.26 26.65
C ASP C 72 71.07 32.07 27.51
N LEU C 73 69.93 31.45 27.21
CA LEU C 73 69.37 30.41 28.05
C LEU C 73 69.93 29.02 27.75
N ALA C 74 70.53 28.85 26.58
CA ALA C 74 71.15 27.57 26.23
C ALA C 74 72.48 27.42 26.94
N LEU C 75 73.01 26.22 26.89
CA LEU C 75 74.22 25.89 27.61
C LEU C 75 75.06 24.93 26.79
N PRO C 76 76.24 25.38 26.33
CA PRO C 76 77.03 24.45 25.50
C PRO C 76 77.48 23.24 26.32
N MSE C 77 77.66 22.08 25.69
CA MSE C 77 78.04 20.86 26.39
C MSE C 77 79.00 20.04 25.56
O MSE C 77 78.73 19.72 24.40
CB MSE C 77 76.83 19.97 26.63
CG MSE C 77 75.68 20.67 27.25
SE MSE C 77 75.70 20.29 29.12
CE MSE C 77 75.30 18.39 29.02
N GLY C 78 80.11 19.66 26.17
CA GLY C 78 80.94 18.62 25.58
C GLY C 78 80.20 17.30 25.60
N VAL C 79 80.71 16.31 24.89
CA VAL C 79 80.16 14.96 25.01
C VAL C 79 81.26 13.93 25.05
N ASN C 80 81.12 13.00 26.00
CA ASN C 80 82.04 11.89 26.12
C ASN C 80 81.40 10.65 25.51
N ILE C 81 82.22 9.80 24.90
CA ILE C 81 81.79 8.45 24.61
C ILE C 81 82.41 7.58 25.69
N ALA C 82 81.61 6.70 26.29
CA ALA C 82 82.13 5.80 27.30
C ALA C 82 81.82 4.37 26.89
N ASP C 83 82.46 3.43 27.57
CA ASP C 83 82.24 2.01 27.29
C ASP C 83 81.49 1.40 28.45
N LYS C 84 81.04 0.14 28.25
CA LYS C 84 80.31 -0.58 29.29
C LYS C 84 81.00 -0.51 30.65
N LYS C 85 82.29 -0.22 30.67
CA LYS C 85 83.07 -0.30 31.91
C LYS C 85 83.23 1.03 32.64
N GLY C 86 83.06 2.15 31.93
CA GLY C 86 83.22 3.44 32.56
C GLY C 86 84.46 4.15 32.06
N ASN C 87 85.13 3.51 31.11
CA ASN C 87 86.27 4.12 30.46
C ASN C 87 85.74 5.17 29.53
N ILE C 88 86.30 6.37 29.60
CA ILE C 88 86.00 7.39 28.61
C ILE C 88 86.78 7.07 27.36
N LEU C 89 86.07 6.65 26.32
CA LEU C 89 86.69 6.37 25.03
C LEU C 89 87.08 7.67 24.32
N SER C 90 86.17 8.63 24.35
CA SER C 90 86.40 9.90 23.65
C SER C 90 85.80 11.06 24.42
N THR C 91 86.25 12.26 24.11
CA THR C 91 85.66 13.44 24.72
C THR C 91 85.86 14.70 23.88
N LYS C 92 84.79 15.16 23.23
CA LYS C 92 84.82 16.45 22.54
C LYS C 92 84.27 17.55 23.42
N ASN C 93 85.08 18.56 23.69
CA ASN C 93 84.67 19.65 24.56
C ASN C 93 84.20 20.91 23.83
N VAL C 94 83.53 21.77 24.58
CA VAL C 94 83.15 23.08 24.10
C VAL C 94 84.44 23.83 23.81
N LYS C 95 84.70 24.17 22.54
CA LYS C 95 85.79 25.09 22.26
C LYS C 95 85.20 26.49 22.14
N PRO C 96 85.87 27.49 22.74
CA PRO C 96 85.42 28.88 22.82
C PRO C 96 84.85 29.41 21.51
N GLU C 97 85.54 29.13 20.40
CA GLU C 97 85.10 29.59 19.09
C GLU C 97 83.80 28.90 18.66
N ASN C 98 83.68 27.63 19.02
CA ASN C 98 82.54 26.82 18.61
C ASN C 98 81.52 26.59 19.72
N ARG C 99 81.36 27.59 20.57
CA ARG C 99 80.31 27.61 21.57
C ARG C 99 78.98 27.53 20.87
N PHE C 100 78.73 28.58 20.10
CA PHE C 100 77.42 28.87 19.54
C PHE C 100 76.95 27.86 18.50
N ASP C 101 77.74 26.82 18.26
CA ASP C 101 77.35 25.87 17.23
C ASP C 101 76.00 25.26 17.57
N ASN C 102 75.91 24.64 18.75
CA ASN C 102 74.66 24.04 19.21
C ASN C 102 74.58 23.80 20.72
N PRO C 103 74.37 24.88 21.47
CA PRO C 103 74.17 24.84 22.92
C PRO C 103 72.84 24.15 23.25
N GLU C 104 72.85 23.37 24.33
CA GLU C 104 71.67 22.61 24.72
C GLU C 104 70.74 23.52 25.49
N ILE C 105 69.45 23.42 25.18
CA ILE C 105 68.44 24.21 25.86
C ILE C 105 67.36 23.28 26.37
N ASN C 106 66.81 23.61 27.53
CA ASN C 106 65.75 22.84 28.17
C ASN C 106 64.41 23.10 27.50
N ARG C 107 63.65 22.04 27.27
CA ARG C 107 62.45 22.18 26.45
C ARG C 107 61.48 23.21 27.01
N ASN C 108 61.38 23.28 28.33
CA ASN C 108 60.54 24.29 28.97
C ASN C 108 61.07 25.69 28.79
N ASP C 109 62.39 25.85 28.87
CA ASP C 109 63.02 27.15 28.69
C ASP C 109 62.75 27.70 27.29
N LEU C 110 62.87 26.84 26.28
CA LEU C 110 62.64 27.24 24.90
C LEU C 110 61.19 27.69 24.70
N ARG C 111 60.24 26.98 25.29
CA ARG C 111 58.84 27.39 25.19
C ARG C 111 58.64 28.74 25.87
N ALA C 112 59.41 29.00 26.91
CA ALA C 112 59.28 30.25 27.61
C ALA C 112 59.71 31.35 26.66
N ILE C 113 60.76 31.08 25.90
CA ILE C 113 61.29 32.08 24.97
C ILE C 113 60.30 32.36 23.84
N LEU C 114 59.89 31.31 23.15
CA LEU C 114 58.87 31.45 22.13
C LEU C 114 57.63 32.14 22.68
N LEU C 115 57.04 31.57 23.73
CA LEU C 115 55.80 32.09 24.30
C LEU C 115 55.89 33.58 24.52
N ASN C 116 57.02 34.00 25.06
CA ASN C 116 57.27 35.40 25.40
C ASN C 116 57.27 36.32 24.18
N SER C 117 57.57 35.76 23.01
CA SER C 117 57.64 36.55 21.79
C SER C 117 56.30 36.75 21.11
N LEU C 118 55.25 36.04 21.55
CA LEU C 118 53.91 36.18 20.94
C LEU C 118 53.06 37.21 21.67
N GLU C 119 52.14 37.86 20.97
CA GLU C 119 51.21 38.75 21.67
C GLU C 119 50.46 37.91 22.68
N ASN C 120 49.91 38.56 23.70
CA ASN C 120 49.07 37.87 24.65
C ASN C 120 48.03 36.97 24.00
N ASP C 121 47.67 35.90 24.70
CA ASP C 121 46.56 35.07 24.28
C ASP C 121 46.65 34.61 22.85
N THR C 122 47.86 34.50 22.33
CA THR C 122 48.02 33.81 21.06
C THR C 122 47.80 32.33 21.23
N VAL C 123 48.33 31.78 22.31
CA VAL C 123 48.11 30.38 22.62
C VAL C 123 46.82 30.24 23.39
N ILE C 124 46.04 29.24 23.07
CA ILE C 124 44.83 28.99 23.84
C ILE C 124 45.00 27.63 24.51
N TRP C 125 45.16 27.64 25.82
CA TRP C 125 45.58 26.45 26.55
C TRP C 125 44.41 25.51 26.83
N ASP C 126 44.70 24.33 27.37
CA ASP C 126 43.66 23.34 27.64
C ASP C 126 42.75 23.12 26.46
N ARG C 127 43.36 22.90 25.30
CA ARG C 127 42.62 22.71 24.06
C ARG C 127 43.15 21.51 23.29
N LYS C 128 42.50 20.37 23.48
CA LYS C 128 42.87 19.13 22.80
C LYS C 128 42.00 18.99 21.54
N LEU C 129 42.59 19.15 20.36
CA LEU C 129 41.81 19.00 19.12
C LEU C 129 41.49 17.53 18.86
N VAL C 130 40.20 17.25 18.62
CA VAL C 130 39.78 15.88 18.36
C VAL C 130 39.16 15.74 16.98
N MSE C 131 38.72 16.84 16.39
CA MSE C 131 38.03 16.71 15.13
C MSE C 131 38.12 17.95 14.26
O MSE C 131 38.05 19.07 14.74
CB MSE C 131 36.57 16.37 15.40
CG MSE C 131 36.00 15.28 14.51
SE MSE C 131 34.08 15.05 14.79
CE MSE C 131 33.50 16.88 14.36
N LEU C 132 38.28 17.73 12.96
CA LEU C 132 38.26 18.80 11.97
C LEU C 132 37.14 18.54 10.97
N GLU C 133 36.67 19.59 10.32
CA GLU C 133 35.51 19.46 9.45
C GLU C 133 35.47 20.63 8.46
N PRO C 134 35.61 20.32 7.17
CA PRO C 134 35.64 21.33 6.10
C PRO C 134 34.35 22.12 6.05
N GLY C 135 34.43 23.42 6.29
CA GLY C 135 33.26 24.25 6.19
C GLY C 135 33.04 24.74 4.76
N LYS C 136 32.06 25.62 4.62
CA LYS C 136 31.76 26.30 3.37
C LYS C 136 33.06 26.90 2.82
N LYS C 137 33.60 27.88 3.55
CA LYS C 137 34.88 28.45 3.20
C LYS C 137 35.86 28.51 4.39
N LYS C 138 35.59 27.71 5.41
CA LYS C 138 36.52 27.60 6.54
C LYS C 138 36.32 26.39 7.46
N TRP C 139 37.42 25.99 8.09
CA TRP C 139 37.47 24.77 8.87
C TRP C 139 36.75 24.94 10.18
N THR C 140 36.27 23.82 10.72
CA THR C 140 35.63 23.79 12.04
C THR C 140 36.30 22.82 13.00
N LEU C 141 36.90 23.39 14.03
CA LEU C 141 37.75 22.64 14.93
C LEU C 141 36.98 22.28 16.19
N THR C 142 37.06 21.02 16.58
CA THR C 142 36.32 20.49 17.72
C THR C 142 37.29 20.21 18.85
N PHE C 143 36.98 20.67 20.05
CA PHE C 143 37.89 20.51 21.18
C PHE C 143 37.22 19.78 22.34
N GLU C 144 37.92 18.80 22.92
CA GLU C 144 37.30 17.99 23.95
C GLU C 144 36.75 18.88 25.03
N ASN C 145 35.45 18.79 25.24
CA ASN C 145 34.79 19.56 26.27
C ASN C 145 35.19 21.03 26.28
N LYS C 146 35.25 21.64 25.10
CA LYS C 146 35.48 23.06 24.97
C LYS C 146 34.83 23.59 23.69
N PRO C 147 34.41 24.86 23.72
CA PRO C 147 33.79 25.49 22.55
C PRO C 147 34.61 25.30 21.29
N SER C 148 33.92 25.15 20.16
CA SER C 148 34.57 24.88 18.88
C SER C 148 35.04 26.19 18.26
N GLU C 149 35.86 26.09 17.22
CA GLU C 149 36.45 27.27 16.60
C GLU C 149 36.57 27.13 15.07
N THR C 150 36.72 28.26 14.39
CA THR C 150 36.82 28.28 12.94
C THR C 150 38.14 28.88 12.47
N ALA C 151 38.59 28.43 11.31
CA ALA C 151 39.85 28.90 10.77
C ALA C 151 39.90 28.72 9.26
N ASP C 152 40.44 29.75 8.59
CA ASP C 152 40.63 29.76 7.16
C ASP C 152 41.76 28.83 6.76
N LEU C 153 42.72 28.65 7.67
CA LEU C 153 43.83 27.72 7.45
C LEU C 153 44.19 26.97 8.72
N VAL C 154 44.31 25.65 8.61
CA VAL C 154 44.75 24.82 9.72
C VAL C 154 46.18 24.32 9.48
N ILE C 155 47.05 24.49 10.47
CA ILE C 155 48.40 23.96 10.39
C ILE C 155 48.63 22.96 11.51
N LEU C 156 48.55 21.68 11.17
CA LEU C 156 48.86 20.64 12.11
C LEU C 156 50.32 20.70 12.57
N ALA C 157 50.54 20.84 13.88
CA ALA C 157 51.89 20.88 14.46
C ALA C 157 51.87 20.15 15.77
N ASN C 158 51.03 19.12 15.84
CA ASN C 158 50.67 18.49 17.11
C ASN C 158 51.31 17.13 17.37
N GLY C 159 52.56 16.96 16.94
CA GLY C 159 53.33 15.79 17.32
C GLY C 159 53.23 14.61 16.38
N GLY C 160 54.01 13.57 16.67
CA GLY C 160 54.14 12.46 15.75
C GLY C 160 53.01 11.45 15.84
N MSE C 161 52.01 11.74 16.66
CA MSE C 161 50.94 10.78 16.86
C MSE C 161 49.63 11.41 16.55
O MSE C 161 48.58 10.88 16.89
CB MSE C 161 50.94 10.29 18.29
CG MSE C 161 52.23 9.63 18.71
SE MSE C 161 52.50 7.85 17.93
CE MSE C 161 52.91 6.93 19.62
N SER C 162 49.69 12.57 15.90
CA SER C 162 48.50 13.31 15.51
C SER C 162 47.43 12.37 14.96
N LYS C 163 46.22 12.52 15.49
CA LYS C 163 45.11 11.66 15.11
C LYS C 163 44.28 12.28 13.99
N VAL C 164 44.59 13.54 13.66
CA VAL C 164 43.80 14.31 12.70
C VAL C 164 44.57 14.59 11.42
N ARG C 165 45.19 13.56 10.86
CA ARG C 165 45.99 13.72 9.65
C ARG C 165 45.23 13.43 8.36
N LYS C 166 43.98 12.96 8.45
CA LYS C 166 43.28 12.40 7.30
C LYS C 166 43.17 13.31 6.08
N PHE C 167 42.69 14.54 6.26
CA PHE C 167 42.53 15.43 5.11
C PHE C 167 43.81 15.72 4.33
N VAL C 168 44.95 15.26 4.84
CA VAL C 168 46.21 15.54 4.18
C VAL C 168 46.79 14.24 3.67
N THR C 169 46.57 13.17 4.41
CA THR C 169 47.08 11.87 4.01
C THR C 169 46.55 10.73 4.88
N ASP C 170 46.43 9.57 4.27
CA ASP C 170 45.91 8.39 4.93
C ASP C 170 47.08 7.55 5.41
N THR C 171 48.29 7.99 5.08
CA THR C 171 49.50 7.32 5.52
C THR C 171 49.50 7.37 7.03
N GLU C 172 49.96 6.30 7.69
CA GLU C 172 50.04 6.35 9.14
C GLU C 172 51.38 5.96 9.73
N VAL C 173 51.63 6.49 10.90
CA VAL C 173 52.87 6.26 11.62
C VAL C 173 53.13 4.76 11.69
N GLU C 174 54.39 4.40 11.92
CA GLU C 174 54.72 3.00 12.12
C GLU C 174 55.89 2.81 13.10
N GLU C 175 55.86 1.67 13.78
CA GLU C 175 56.89 1.35 14.75
C GLU C 175 58.13 1.05 13.95
N THR C 176 59.27 1.43 14.51
CA THR C 176 60.48 1.42 13.73
C THR C 176 61.28 0.12 13.96
N GLY C 177 61.10 -0.50 15.12
CA GLY C 177 61.88 -1.66 15.50
C GLY C 177 62.68 -1.46 16.77
N THR C 178 62.98 -0.20 17.11
CA THR C 178 63.65 0.08 18.39
C THR C 178 62.72 0.62 19.49
N PHE C 179 63.26 0.78 20.69
CA PHE C 179 62.46 1.17 21.85
C PHE C 179 63.24 2.04 22.87
N ASN C 180 62.55 2.93 23.57
CA ASN C 180 63.22 3.88 24.45
C ASN C 180 62.62 4.00 25.84
N ILE C 181 63.46 3.73 26.84
CA ILE C 181 63.12 3.97 28.23
C ILE C 181 63.93 5.19 28.69
N GLN C 182 63.31 6.07 29.49
CA GLN C 182 64.00 7.25 29.99
C GLN C 182 63.41 7.77 31.33
N ALA C 183 64.26 8.35 32.16
CA ALA C 183 63.84 8.90 33.44
C ALA C 183 64.62 10.16 33.75
N ASP C 184 64.28 10.80 34.84
CA ASP C 184 65.09 11.91 35.34
C ASP C 184 65.55 11.61 36.76
N ILE C 185 66.76 12.02 37.09
CA ILE C 185 67.23 11.90 38.46
C ILE C 185 67.54 13.30 38.99
N HIS C 186 66.94 13.65 40.12
CA HIS C 186 67.22 14.96 40.74
C HIS C 186 68.37 14.88 41.73
N GLN C 187 69.04 16.00 41.96
CA GLN C 187 70.27 16.00 42.72
C GLN C 187 71.17 14.87 42.24
N PRO C 188 71.40 14.76 40.93
CA PRO C 188 72.12 13.58 40.48
C PRO C 188 73.46 13.46 41.18
N GLU C 189 73.96 14.56 41.74
CA GLU C 189 75.28 14.58 42.34
C GLU C 189 75.40 13.80 43.67
N ILE C 190 74.27 13.55 44.32
CA ILE C 190 74.28 12.77 45.56
C ILE C 190 73.44 11.52 45.44
N ASN C 191 72.58 11.48 44.42
CA ASN C 191 71.74 10.31 44.19
C ASN C 191 72.35 9.29 43.24
N CYS C 192 73.18 9.78 42.31
CA CYS C 192 73.94 8.90 41.46
C CYS C 192 75.30 9.53 41.18
N PRO C 193 76.11 9.65 42.23
CA PRO C 193 77.38 10.37 42.18
C PRO C 193 78.38 9.73 41.23
N GLY C 194 78.33 8.42 41.11
CA GLY C 194 79.30 7.72 40.31
C GLY C 194 79.09 8.04 38.86
N PHE C 195 77.84 7.99 38.44
CA PHE C 195 77.52 8.24 37.05
C PHE C 195 77.65 9.73 36.82
N PHE C 196 77.15 10.52 37.74
CA PHE C 196 77.20 11.96 37.58
C PHE C 196 78.66 12.43 37.41
N GLN C 197 79.56 11.94 38.26
CA GLN C 197 80.98 12.24 38.13
C GLN C 197 81.57 11.75 36.80
N LEU C 198 81.05 10.64 36.30
CA LEU C 198 81.54 10.04 35.08
C LEU C 198 81.25 10.91 33.87
N CYS C 199 80.10 11.57 33.88
CA CYS C 199 79.71 12.49 32.82
C CYS C 199 80.62 13.69 32.79
N ASN C 200 81.17 13.96 33.96
CA ASN C 200 82.04 15.11 34.18
C ASN C 200 81.59 16.36 33.43
N GLY C 201 80.31 16.69 33.52
CA GLY C 201 79.79 17.93 32.95
C GLY C 201 79.52 17.90 31.47
N ASN C 202 79.63 16.73 30.89
CA ASN C 202 79.34 16.54 29.47
C ASN C 202 78.19 15.56 29.25
N ARG C 203 77.52 15.65 28.10
CA ARG C 203 76.56 14.63 27.73
C ARG C 203 77.39 13.35 27.63
N LEU C 204 76.79 12.22 27.99
CA LEU C 204 77.49 10.94 28.00
C LEU C 204 76.75 9.96 27.09
N MSE C 205 77.49 9.25 26.24
CA MSE C 205 76.91 8.15 25.50
C MSE C 205 77.77 6.91 25.56
O MSE C 205 78.99 7.01 25.50
CB MSE C 205 76.70 8.53 24.06
CG MSE C 205 75.99 9.82 23.88
SE MSE C 205 75.48 10.05 22.03
CE MSE C 205 73.54 9.86 22.21
N ALA C 206 77.12 5.75 25.67
CA ALA C 206 77.78 4.45 25.62
C ALA C 206 76.88 3.48 24.85
N SER C 207 77.52 2.59 24.09
CA SER C 207 76.80 1.55 23.36
C SER C 207 77.43 0.19 23.58
N HIS C 208 76.63 -0.79 23.93
CA HIS C 208 77.16 -2.13 24.15
C HIS C 208 76.17 -3.22 23.73
N GLN C 209 76.62 -4.05 22.80
CA GLN C 209 75.80 -5.08 22.19
C GLN C 209 74.38 -4.58 22.00
N GLY C 210 74.25 -3.56 21.16
CA GLY C 210 72.95 -3.03 20.77
C GLY C 210 72.13 -2.42 21.90
N ASN C 211 72.80 -1.99 22.96
CA ASN C 211 72.14 -1.26 24.04
C ASN C 211 72.72 0.14 24.13
N LEU C 212 71.90 1.15 23.84
CA LEU C 212 72.35 2.54 23.89
C LEU C 212 71.97 3.22 25.21
N LEU C 213 72.97 3.80 25.88
CA LEU C 213 72.69 4.65 27.04
C LEU C 213 73.12 6.08 26.71
N PHE C 214 72.21 7.02 26.85
CA PHE C 214 72.56 8.40 26.62
C PHE C 214 72.07 9.23 27.79
N ALA C 215 72.92 10.13 28.28
CA ALA C 215 72.58 10.94 29.42
C ALA C 215 73.04 12.36 29.25
N ASN C 216 72.31 13.27 29.90
CA ASN C 216 72.74 14.65 30.08
C ASN C 216 72.73 14.97 31.56
N PRO C 217 73.90 15.30 32.12
CA PRO C 217 74.00 15.42 33.60
C PRO C 217 73.38 16.71 34.15
N ASN C 218 73.02 17.64 33.26
CA ASN C 218 72.60 18.96 33.68
C ASN C 218 71.47 19.58 32.86
N ASN C 219 70.26 19.01 32.97
CA ASN C 219 69.10 19.62 32.33
C ASN C 219 68.37 20.45 33.36
N ASN C 220 68.75 21.73 33.47
CA ASN C 220 68.29 22.55 34.58
C ASN C 220 68.46 21.79 35.90
N GLY C 221 69.63 21.20 36.11
CA GLY C 221 69.95 20.57 37.38
C GLY C 221 69.38 19.18 37.62
N ALA C 222 68.74 18.62 36.63
CA ALA C 222 68.36 17.23 36.75
C ALA C 222 69.17 16.40 35.76
N LEU C 223 69.34 15.13 36.08
CA LEU C 223 70.03 14.25 35.16
C LEU C 223 68.96 13.61 34.30
N HIS C 224 69.07 13.76 33.00
CA HIS C 224 68.15 13.02 32.13
C HIS C 224 68.94 11.91 31.51
N PHE C 225 68.32 10.76 31.39
CA PHE C 225 68.95 9.69 30.65
C PHE C 225 67.92 8.81 29.97
N GLY C 226 68.36 8.05 29.00
CA GLY C 226 67.48 7.18 28.25
C GLY C 226 68.27 5.98 27.82
N ILE C 227 67.61 4.82 27.85
CA ILE C 227 68.21 3.59 27.36
C ILE C 227 67.42 3.11 26.15
N SER C 228 68.12 2.82 25.05
CA SER C 228 67.46 2.36 23.83
C SER C 228 68.03 1.04 23.30
N PHE C 229 67.19 0.32 22.56
CA PHE C 229 67.47 -1.07 22.18
C PHE C 229 66.46 -1.59 21.16
N LYS C 230 66.80 -2.65 20.43
CA LYS C 230 65.83 -3.23 19.49
C LYS C 230 64.69 -3.85 20.29
N THR C 231 63.45 -3.62 19.86
CA THR C 231 62.32 -4.13 20.62
C THR C 231 62.53 -5.62 20.83
N PRO C 232 62.46 -6.07 22.10
CA PRO C 232 62.46 -7.49 22.42
C PRO C 232 61.45 -8.24 21.56
N ASP C 233 61.89 -9.30 20.91
CA ASP C 233 61.09 -10.08 19.98
C ASP C 233 59.64 -10.32 20.46
N GLU C 234 59.45 -10.59 21.75
CA GLU C 234 58.14 -10.95 22.28
C GLU C 234 57.08 -9.83 22.22
N TRP C 235 57.34 -8.71 22.88
CA TRP C 235 56.39 -7.59 22.86
C TRP C 235 55.89 -7.39 21.43
N LYS C 236 54.64 -7.76 21.17
CA LYS C 236 54.07 -7.69 19.83
C LYS C 236 53.04 -6.57 19.69
N ASP C 242 55.53 -3.81 32.08
CA ASP C 242 54.65 -2.70 32.43
C ASP C 242 55.38 -1.55 33.11
N PHE C 243 55.34 -0.38 32.49
CA PHE C 243 56.05 0.79 33.01
C PHE C 243 55.36 1.44 34.17
N GLN C 244 54.17 0.95 34.51
CA GLN C 244 53.43 1.48 35.66
C GLN C 244 54.27 1.34 36.92
N ASN C 245 54.53 0.10 37.33
CA ASN C 245 55.33 -0.13 38.52
C ASN C 245 56.75 -0.62 38.27
N ARG C 246 57.67 0.08 38.91
CA ARG C 246 59.09 0.14 38.53
C ARG C 246 59.87 -1.14 38.72
N ASN C 247 59.50 -1.96 39.71
CA ASN C 247 60.22 -3.20 39.93
C ASN C 247 60.27 -4.06 38.67
N SER C 248 59.22 -3.98 37.88
CA SER C 248 59.19 -4.65 36.59
C SER C 248 60.32 -4.12 35.69
N VAL C 249 60.39 -2.80 35.54
CA VAL C 249 61.35 -2.15 34.64
C VAL C 249 62.77 -2.33 35.11
N VAL C 250 62.99 -2.18 36.41
CA VAL C 250 64.30 -2.33 37.00
C VAL C 250 64.92 -3.71 36.77
N ASP C 251 64.10 -4.75 36.93
CA ASP C 251 64.59 -6.10 36.72
C ASP C 251 65.03 -6.23 35.28
N PHE C 252 64.25 -5.67 34.38
CA PHE C 252 64.57 -5.76 32.95
C PHE C 252 65.86 -5.04 32.56
N LEU C 253 65.97 -3.77 32.95
CA LEU C 253 67.14 -2.96 32.67
C LEU C 253 68.38 -3.59 33.31
N LEU C 254 68.30 -3.89 34.61
CA LEU C 254 69.40 -4.50 35.33
C LEU C 254 69.84 -5.82 34.68
N LYS C 255 68.95 -6.46 33.96
CA LYS C 255 69.33 -7.69 33.29
C LYS C 255 70.19 -7.34 32.10
N LYS C 256 69.62 -6.65 31.12
CA LYS C 256 70.40 -6.32 29.92
C LYS C 256 71.61 -5.42 30.23
N PHE C 257 71.70 -4.97 31.48
CA PHE C 257 72.83 -4.14 31.90
C PHE C 257 73.73 -4.77 32.94
N SER C 258 73.50 -6.04 33.27
CA SER C 258 74.31 -6.74 34.29
C SER C 258 75.76 -6.73 33.85
N ASP C 259 75.93 -6.78 32.52
CA ASP C 259 77.22 -6.72 31.86
C ASP C 259 77.99 -5.46 32.26
N TRP C 260 77.25 -4.37 32.49
CA TRP C 260 77.79 -3.01 32.62
C TRP C 260 78.32 -2.65 34.00
N ASP C 261 79.07 -1.54 34.05
CA ASP C 261 79.67 -1.07 35.29
C ASP C 261 78.66 -0.64 36.36
N GLU C 262 79.06 -0.78 37.61
CA GLU C 262 78.17 -0.55 38.74
C GLU C 262 77.59 0.85 38.69
N ARG C 263 78.38 1.79 38.16
CA ARG C 263 77.92 3.16 38.08
C ARG C 263 76.66 3.34 37.23
N TYR C 264 76.56 2.62 36.11
CA TYR C 264 75.34 2.71 35.29
C TYR C 264 74.21 2.00 36.00
N LYS C 265 74.52 0.93 36.72
CA LYS C 265 73.48 0.21 37.44
C LYS C 265 72.81 1.12 38.47
N GLU C 266 73.66 1.91 39.13
CA GLU C 266 73.24 2.79 40.21
C GLU C 266 72.34 3.83 39.60
N LEU C 267 72.49 4.02 38.29
CA LEU C 267 71.61 4.91 37.56
C LEU C 267 70.23 4.30 37.51
N ILE C 268 70.16 2.98 37.29
CA ILE C 268 68.88 2.30 37.19
C ILE C 268 68.25 2.04 38.57
N HIS C 269 69.08 1.94 39.60
CA HIS C 269 68.53 1.84 40.96
C HIS C 269 67.85 3.13 41.47
N THR C 270 68.51 4.28 41.37
CA THR C 270 67.93 5.49 41.94
C THR C 270 66.66 5.96 41.23
N THR C 271 66.62 5.84 39.91
CA THR C 271 65.48 6.37 39.20
C THR C 271 64.16 5.86 39.78
N LEU C 272 63.26 6.79 40.08
CA LEU C 272 62.01 6.50 40.76
C LEU C 272 60.92 6.00 39.81
N SER C 273 60.86 6.55 38.61
CA SER C 273 59.85 6.14 37.64
C SER C 273 60.43 6.23 36.25
N PHE C 274 60.00 5.30 35.39
CA PHE C 274 60.52 5.20 34.03
C PHE C 274 59.39 5.44 33.06
N VAL C 275 59.68 6.04 31.92
CA VAL C 275 58.65 6.14 30.89
C VAL C 275 59.14 5.46 29.63
N GLY C 276 58.28 4.60 29.09
CA GLY C 276 58.60 3.80 27.91
C GLY C 276 57.87 4.30 26.68
N LEU C 277 58.51 4.14 25.53
CA LEU C 277 58.01 4.67 24.28
C LEU C 277 58.70 3.91 23.15
N ALA C 278 57.94 3.53 22.13
CA ALA C 278 58.54 2.87 20.97
C ALA C 278 58.93 3.91 19.92
N THR C 279 60.12 3.77 19.34
CA THR C 279 60.53 4.64 18.24
C THR C 279 59.58 4.49 17.09
N ARG C 280 59.10 5.60 16.56
CA ARG C 280 58.20 5.57 15.42
C ARG C 280 58.65 6.52 14.36
N ILE C 281 58.15 6.29 13.15
CA ILE C 281 58.47 7.14 12.04
C ILE C 281 57.21 7.34 11.25
N PHE C 282 56.96 8.58 10.84
CA PHE C 282 55.85 8.85 9.95
C PHE C 282 56.43 9.06 8.56
N PRO C 283 56.49 7.98 7.77
CA PRO C 283 57.26 7.87 6.52
C PRO C 283 56.78 8.82 5.42
N LEU C 284 57.73 9.58 4.88
CA LEU C 284 57.46 10.42 3.71
C LEU C 284 57.57 9.56 2.44
N GLU C 285 56.64 8.63 2.30
CA GLU C 285 56.61 7.73 1.14
C GLU C 285 55.94 8.42 -0.05
N LYS C 286 54.62 8.23 -0.16
CA LYS C 286 53.85 8.74 -1.28
C LYS C 286 53.49 10.20 -1.06
N PRO C 287 53.15 10.91 -2.14
CA PRO C 287 52.65 12.29 -2.02
C PRO C 287 51.40 12.35 -1.13
N TRP C 288 51.07 13.54 -0.67
CA TRP C 288 49.91 13.75 0.19
C TRP C 288 48.72 14.13 -0.70
N LYS C 289 47.51 13.96 -0.19
CA LYS C 289 46.29 14.25 -0.96
C LYS C 289 46.44 15.53 -1.78
N SER C 290 46.31 15.42 -3.10
CA SER C 290 46.36 16.60 -3.97
C SER C 290 45.01 17.29 -3.93
N LYS C 291 44.04 16.56 -3.42
CA LYS C 291 42.64 16.94 -3.38
C LYS C 291 42.25 17.31 -1.95
N ARG C 292 42.14 18.60 -1.66
CA ARG C 292 41.88 19.04 -0.29
C ARG C 292 40.84 20.16 -0.22
N PRO C 293 39.72 19.90 0.47
CA PRO C 293 38.55 20.76 0.67
C PRO C 293 38.91 22.18 1.01
N LEU C 294 39.65 22.35 2.09
CA LEU C 294 40.15 23.67 2.46
C LEU C 294 41.66 23.61 2.62
N PRO C 295 42.31 24.78 2.73
CA PRO C 295 43.77 24.78 2.94
C PRO C 295 44.14 24.12 4.26
N ILE C 296 45.12 23.22 4.23
CA ILE C 296 45.60 22.57 5.44
C ILE C 296 46.96 21.92 5.18
N THR C 297 47.83 21.94 6.19
CA THR C 297 49.14 21.31 6.03
C THR C 297 49.72 20.82 7.35
N MSE C 298 50.96 20.33 7.32
CA MSE C 298 51.58 19.79 8.53
C MSE C 298 53.07 20.18 8.60
O MSE C 298 53.76 20.16 7.58
CB MSE C 298 51.46 18.27 8.54
CG MSE C 298 50.18 17.72 7.92
SE MSE C 298 49.67 15.94 8.64
CE MSE C 298 51.04 14.80 7.87
N ILE C 299 53.56 20.52 9.80
CA ILE C 299 54.96 20.84 10.03
C ILE C 299 55.53 20.00 11.16
N GLY C 300 56.85 20.02 11.32
CA GLY C 300 57.47 19.32 12.43
C GLY C 300 57.13 17.85 12.49
N ASP C 301 56.95 17.31 13.69
CA ASP C 301 56.79 15.85 13.87
C ASP C 301 55.51 15.30 13.26
N ALA C 302 54.51 16.16 13.08
CA ALA C 302 53.26 15.76 12.47
C ALA C 302 53.55 15.42 11.04
N ALA C 303 54.54 16.10 10.46
CA ALA C 303 54.85 15.96 9.06
C ALA C 303 55.87 14.86 8.73
N HIS C 304 56.74 14.51 9.68
CA HIS C 304 57.84 13.60 9.37
C HIS C 304 58.56 13.02 10.60
N LEU C 305 57.78 12.76 11.65
CA LEU C 305 58.27 12.02 12.80
C LEU C 305 59.37 11.08 12.33
N MSE C 306 60.48 11.03 13.05
CA MSE C 306 61.58 10.13 12.67
C MSE C 306 62.46 9.84 13.89
O MSE C 306 62.44 10.59 14.87
CB MSE C 306 62.38 10.70 11.47
CG MSE C 306 63.48 11.72 11.79
SE MSE C 306 64.30 12.67 10.22
CE MSE C 306 62.81 13.81 9.75
N PRO C 307 63.20 8.71 13.84
CA PRO C 307 64.06 8.30 14.96
C PRO C 307 65.06 9.40 15.31
N PRO C 308 65.32 9.59 16.61
CA PRO C 308 66.15 10.69 17.11
C PRO C 308 67.66 10.40 17.19
N PHE C 309 68.07 9.14 17.05
CA PHE C 309 69.45 8.78 17.30
C PHE C 309 70.43 9.51 16.39
N ALA C 310 69.90 10.06 15.30
CA ALA C 310 70.73 10.80 14.36
C ALA C 310 71.04 12.19 14.89
N GLY C 311 70.12 12.74 15.67
CA GLY C 311 70.21 14.11 16.11
C GLY C 311 69.14 14.92 15.40
N GLN C 312 68.22 14.23 14.73
CA GLN C 312 67.20 14.91 13.93
C GLN C 312 65.88 15.04 14.64
N GLY C 313 65.09 16.00 14.15
CA GLY C 313 63.86 16.44 14.79
C GLY C 313 64.04 17.91 15.14
N VAL C 314 62.93 18.61 15.18
CA VAL C 314 62.91 20.02 15.59
C VAL C 314 63.66 20.97 14.66
N ASN C 315 64.95 20.78 14.46
CA ASN C 315 65.64 21.65 13.52
C ASN C 315 64.90 21.49 12.23
N SER C 316 64.84 20.24 11.77
CA SER C 316 64.06 19.92 10.59
C SER C 316 62.62 20.46 10.68
N GLY C 317 62.05 20.47 11.88
CA GLY C 317 60.73 21.04 12.06
C GLY C 317 60.68 22.56 12.04
N LEU C 318 61.75 23.20 12.51
CA LEU C 318 61.79 24.66 12.59
C LEU C 318 62.06 25.20 11.20
N VAL C 319 62.79 24.41 10.42
CA VAL C 319 62.93 24.72 9.00
C VAL C 319 61.52 24.74 8.36
N ASP C 320 60.73 23.68 8.56
CA ASP C 320 59.34 23.70 8.09
C ASP C 320 58.72 25.04 8.41
N ALA C 321 58.87 25.47 9.65
CA ALA C 321 58.25 26.71 10.07
C ALA C 321 58.71 27.82 9.13
N LEU C 322 60.03 27.99 9.05
CA LEU C 322 60.65 29.05 8.28
C LEU C 322 60.13 29.07 6.84
N ILE C 323 60.26 27.93 6.15
CA ILE C 323 59.86 27.78 4.76
C ILE C 323 58.38 28.09 4.51
N LEU C 324 57.50 27.41 5.24
CA LEU C 324 56.08 27.68 5.11
C LEU C 324 55.84 29.16 5.41
N SER C 325 56.28 29.59 6.59
CA SER C 325 56.10 30.97 7.01
C SER C 325 56.43 31.98 5.91
N ASP C 326 57.52 31.76 5.18
CA ASP C 326 57.90 32.70 4.13
C ASP C 326 56.94 32.62 2.95
N ASN C 327 56.67 31.41 2.49
CA ASN C 327 55.73 31.21 1.40
C ASN C 327 54.40 31.97 1.52
N LEU C 328 53.91 32.13 2.75
CA LEU C 328 52.62 32.77 2.96
C LEU C 328 52.74 34.27 3.20
N ALA C 329 53.96 34.81 3.08
CA ALA C 329 54.15 36.26 3.32
C ALA C 329 54.90 36.98 2.20
N ASP C 330 55.75 36.25 1.49
CA ASP C 330 56.54 36.82 0.40
C ASP C 330 55.68 37.09 -0.82
N GLY C 331 54.38 36.86 -0.67
CA GLY C 331 53.40 37.12 -1.71
C GLY C 331 53.77 36.52 -3.06
N LYS C 332 54.70 35.57 -3.06
CA LYS C 332 55.18 34.99 -4.29
C LYS C 332 54.24 33.92 -4.81
N PHE C 333 53.01 33.93 -4.30
CA PHE C 333 51.98 32.99 -4.73
C PHE C 333 50.64 33.69 -4.83
N ASN C 334 49.80 33.22 -5.74
CA ASN C 334 48.50 33.87 -5.96
C ASN C 334 47.40 33.28 -5.10
N SER C 335 47.74 32.22 -4.37
CA SER C 335 46.78 31.53 -3.53
C SER C 335 47.47 30.89 -2.33
N ILE C 336 46.71 30.57 -1.30
CA ILE C 336 47.23 29.79 -0.21
C ILE C 336 47.65 28.40 -0.71
N GLU C 337 46.72 27.67 -1.31
CA GLU C 337 47.00 26.31 -1.80
C GLU C 337 48.34 26.19 -2.51
N GLU C 338 48.71 27.20 -3.29
CA GLU C 338 50.00 27.20 -4.00
C GLU C 338 51.15 27.24 -2.99
N ALA C 339 51.12 28.24 -2.10
CA ALA C 339 52.16 28.41 -1.10
C ALA C 339 52.41 27.15 -0.30
N VAL C 340 51.35 26.53 0.19
CA VAL C 340 51.52 25.29 0.95
C VAL C 340 52.01 24.19 0.02
N LYS C 341 51.41 24.12 -1.15
CA LYS C 341 51.82 23.16 -2.18
C LYS C 341 53.34 23.20 -2.36
N ASN C 342 53.89 24.42 -2.48
CA ASN C 342 55.33 24.58 -2.63
C ASN C 342 56.16 24.19 -1.41
N TYR C 343 55.75 24.64 -0.24
CA TYR C 343 56.45 24.28 0.98
C TYR C 343 56.51 22.76 1.04
N GLU C 344 55.36 22.12 0.95
CA GLU C 344 55.30 20.67 1.05
C GLU C 344 56.20 20.00 0.03
N GLN C 345 56.58 20.73 -1.00
CA GLN C 345 57.45 20.15 -2.01
C GLN C 345 58.88 20.13 -1.49
N GLN C 346 59.37 21.31 -1.09
CA GLN C 346 60.73 21.43 -0.55
C GLN C 346 60.95 20.45 0.60
N MSE C 347 59.97 20.36 1.49
CA MSE C 347 60.15 19.59 2.71
C MSE C 347 60.21 18.09 2.40
O MSE C 347 60.89 17.33 3.07
CB MSE C 347 59.09 19.93 3.76
CG MSE C 347 57.80 19.12 3.69
SE MSE C 347 57.93 17.46 4.71
CE MSE C 347 56.42 16.51 3.98
N PHE C 348 59.51 17.67 1.34
CA PHE C 348 59.63 16.30 0.87
C PHE C 348 61.06 16.01 0.42
N ILE C 349 61.77 17.05 -0.03
CA ILE C 349 63.17 16.87 -0.38
C ILE C 349 64.02 16.53 0.83
N TYR C 350 64.14 17.47 1.77
CA TYR C 350 65.06 17.25 2.87
C TYR C 350 64.49 16.30 3.91
N GLY C 351 63.17 16.11 3.86
CA GLY C 351 62.49 15.20 4.76
C GLY C 351 62.90 13.77 4.47
N LYS C 352 62.73 13.37 3.22
CA LYS C 352 63.17 12.02 2.81
C LYS C 352 64.66 11.78 3.14
N GLU C 353 65.49 12.79 2.89
CA GLU C 353 66.92 12.67 3.12
C GLU C 353 67.26 12.46 4.59
N ALA C 354 66.67 13.29 5.44
CA ALA C 354 66.80 13.13 6.88
C ALA C 354 66.34 11.73 7.29
N GLN C 355 65.11 11.42 6.92
CA GLN C 355 64.51 10.15 7.32
C GLN C 355 65.38 9.00 6.88
N GLU C 356 66.11 9.23 5.79
CA GLU C 356 67.01 8.22 5.30
C GLU C 356 68.19 8.02 6.23
N GLU C 357 68.80 9.13 6.65
CA GLU C 357 69.94 9.05 7.54
C GLU C 357 69.51 8.39 8.85
N SER C 358 68.45 8.92 9.45
CA SER C 358 68.09 8.47 10.78
C SER C 358 67.72 6.99 10.78
N THR C 359 67.05 6.55 9.73
CA THR C 359 66.68 5.15 9.64
C THR C 359 67.92 4.29 9.54
N GLN C 360 68.78 4.64 8.58
CA GLN C 360 69.99 3.88 8.35
C GLN C 360 70.84 3.89 9.62
N ASN C 361 71.02 5.08 10.17
CA ASN C 361 71.79 5.23 11.39
C ASN C 361 71.23 4.38 12.53
N GLU C 362 69.91 4.33 12.62
CA GLU C 362 69.22 3.52 13.60
C GLU C 362 69.59 2.06 13.39
N ILE C 363 69.84 1.70 12.15
CA ILE C 363 70.20 0.32 11.84
C ILE C 363 71.66 0.08 12.17
N GLU C 364 72.49 1.10 11.96
CA GLU C 364 73.89 1.05 12.35
C GLU C 364 74.04 0.58 13.80
N MSE C 365 73.73 1.46 14.76
CA MSE C 365 73.67 1.06 16.16
C MSE C 365 72.45 0.20 16.33
O MSE C 365 71.58 0.20 15.48
CB MSE C 365 73.61 2.28 17.06
CG MSE C 365 72.56 3.31 16.68
SE MSE C 365 72.81 5.03 17.64
CE MSE C 365 73.55 6.10 16.21
N PHE C 366 72.38 -0.52 17.44
CA PHE C 366 71.29 -1.49 17.63
C PHE C 366 71.62 -2.78 16.90
N LYS C 367 72.70 -2.73 16.12
CA LYS C 367 73.41 -3.91 15.69
C LYS C 367 74.12 -4.38 16.95
N PRO C 368 73.96 -5.67 17.30
CA PRO C 368 74.37 -6.24 18.60
C PRO C 368 75.87 -6.13 18.84
N ASP C 369 76.54 -5.50 17.90
CA ASP C 369 77.92 -5.10 18.06
C ASP C 369 78.08 -3.82 17.25
N PHE C 370 78.81 -2.86 17.79
CA PHE C 370 78.86 -1.52 17.22
C PHE C 370 79.80 -0.61 18.03
N THR C 371 80.37 0.40 17.39
CA THR C 371 81.21 1.39 18.09
C THR C 371 81.41 2.62 17.25
N PHE C 372 81.57 3.77 17.91
CA PHE C 372 81.77 5.02 17.18
C PHE C 372 83.25 5.21 16.78
N ASN D 2 -1.95 -21.79 -5.52
CA ASN D 2 -2.88 -21.52 -6.63
C ASN D 2 -3.99 -20.49 -6.32
N LEU D 3 -5.22 -20.65 -6.83
CA LEU D 3 -6.20 -19.57 -6.64
C LEU D 3 -7.67 -19.91 -6.33
N LEU D 4 -8.34 -18.93 -5.76
CA LEU D 4 -9.69 -19.05 -5.20
C LEU D 4 -10.73 -19.51 -6.22
N SER D 5 -10.30 -19.74 -7.45
CA SER D 5 -11.23 -20.14 -8.51
C SER D 5 -10.83 -21.49 -9.12
N ASP D 6 -11.24 -22.59 -8.48
CA ASP D 6 -11.29 -23.88 -9.17
C ASP D 6 -12.72 -24.11 -9.66
N LYS D 7 -13.39 -23.00 -9.95
CA LYS D 7 -14.78 -23.01 -10.38
C LYS D 7 -14.85 -22.41 -11.79
N ASN D 8 -15.87 -21.60 -12.08
CA ASN D 8 -15.91 -20.94 -13.39
C ASN D 8 -16.62 -19.57 -13.43
N VAL D 9 -16.02 -18.63 -14.16
CA VAL D 9 -16.55 -17.28 -14.22
C VAL D 9 -17.34 -17.03 -15.50
N ALA D 10 -18.38 -16.22 -15.40
CA ALA D 10 -19.08 -15.75 -16.57
C ALA D 10 -19.00 -14.23 -16.60
N ILE D 11 -18.38 -13.69 -17.65
CA ILE D 11 -18.36 -12.26 -17.88
C ILE D 11 -19.49 -11.97 -18.85
N ILE D 12 -20.41 -11.08 -18.47
CA ILE D 12 -21.47 -10.70 -19.39
C ILE D 12 -21.08 -9.41 -20.05
N GLY D 13 -20.60 -9.50 -21.28
CA GLY D 13 -20.19 -8.30 -21.99
C GLY D 13 -18.81 -8.38 -22.59
N GLY D 14 -18.74 -8.33 -23.92
CA GLY D 14 -17.49 -8.36 -24.65
C GLY D 14 -17.01 -7.00 -25.15
N GLY D 15 -17.26 -5.94 -24.40
CA GLY D 15 -16.63 -4.69 -24.70
C GLY D 15 -15.15 -4.74 -24.36
N PRO D 16 -14.45 -3.60 -24.54
CA PRO D 16 -13.05 -3.51 -24.15
C PRO D 16 -12.82 -3.93 -22.67
N VAL D 17 -13.66 -3.46 -21.75
CA VAL D 17 -13.50 -3.80 -20.34
C VAL D 17 -13.71 -5.30 -20.10
N GLY D 18 -14.85 -5.84 -20.56
CA GLY D 18 -15.13 -7.26 -20.41
C GLY D 18 -14.03 -8.17 -20.97
N LEU D 19 -13.59 -7.90 -22.19
CA LEU D 19 -12.52 -8.70 -22.80
C LEU D 19 -11.20 -8.63 -22.03
N THR D 20 -10.86 -7.46 -21.50
CA THR D 20 -9.66 -7.31 -20.71
C THR D 20 -9.74 -8.18 -19.44
N MSE D 21 -10.89 -8.15 -18.77
CA MSE D 21 -11.17 -9.09 -17.68
C MSE D 21 -10.85 -10.52 -18.10
O MSE D 21 -10.04 -11.23 -17.49
CB MSE D 21 -12.63 -9.03 -17.29
CG MSE D 21 -12.91 -8.22 -16.06
SE MSE D 21 -12.09 -8.79 -14.37
CE MSE D 21 -12.43 -7.15 -13.39
N ALA D 22 -11.52 -10.96 -19.17
CA ALA D 22 -11.37 -12.33 -19.62
C ALA D 22 -9.90 -12.66 -19.74
N LYS D 23 -9.13 -11.73 -20.30
CA LYS D 23 -7.71 -11.95 -20.55
C LYS D 23 -6.90 -12.04 -19.27
N LEU D 24 -7.16 -11.11 -18.36
CA LEU D 24 -6.45 -11.03 -17.08
C LEU D 24 -6.75 -12.25 -16.21
N LEU D 25 -7.97 -12.77 -16.29
CA LEU D 25 -8.30 -14.00 -15.56
C LEU D 25 -7.63 -15.20 -16.20
N GLN D 26 -7.86 -15.38 -17.49
CA GLN D 26 -7.34 -16.54 -18.20
C GLN D 26 -5.81 -16.64 -18.18
N GLN D 27 -5.15 -15.52 -17.92
CA GLN D 27 -3.69 -15.50 -17.74
C GLN D 27 -3.31 -16.28 -16.48
N ASN D 28 -4.23 -16.34 -15.53
CA ASN D 28 -3.99 -17.05 -14.28
C ASN D 28 -4.64 -18.44 -14.25
N GLY D 29 -4.91 -18.99 -15.43
CA GLY D 29 -5.55 -20.28 -15.52
C GLY D 29 -7.01 -20.35 -15.04
N ILE D 30 -7.61 -19.21 -14.72
CA ILE D 30 -9.03 -19.19 -14.38
C ILE D 30 -9.90 -19.59 -15.59
N ASP D 31 -11.04 -20.20 -15.31
CA ASP D 31 -11.94 -20.62 -16.36
C ASP D 31 -12.97 -19.52 -16.63
N VAL D 32 -12.85 -18.80 -17.74
CA VAL D 32 -13.79 -17.73 -18.04
C VAL D 32 -14.47 -17.88 -19.38
N SER D 33 -15.72 -17.44 -19.43
CA SER D 33 -16.43 -17.32 -20.69
C SER D 33 -17.03 -15.93 -20.77
N VAL D 34 -16.96 -15.33 -21.95
CA VAL D 34 -17.54 -14.01 -22.15
C VAL D 34 -18.79 -14.18 -23.02
N TYR D 35 -19.93 -13.77 -22.50
CA TYR D 35 -21.17 -13.85 -23.25
C TYR D 35 -21.48 -12.49 -23.84
N GLU D 36 -21.37 -12.40 -25.15
CA GLU D 36 -21.48 -11.15 -25.86
C GLU D 36 -22.71 -11.26 -26.71
N ARG D 37 -23.48 -10.18 -26.83
CA ARG D 37 -24.66 -10.23 -27.69
C ARG D 37 -24.40 -9.82 -29.15
N ASP D 38 -23.25 -9.27 -29.47
CA ASP D 38 -22.94 -9.07 -30.89
C ASP D 38 -23.05 -10.40 -31.62
N ASN D 39 -23.54 -10.37 -32.85
CA ASN D 39 -23.75 -11.59 -33.60
C ASN D 39 -22.48 -12.38 -33.89
N ASP D 40 -21.39 -11.68 -34.22
CA ASP D 40 -20.12 -12.34 -34.55
C ASP D 40 -18.93 -11.42 -34.27
N ARG D 41 -17.75 -12.01 -34.16
CA ARG D 41 -16.47 -11.30 -34.05
C ARG D 41 -16.42 -10.02 -34.87
N GLU D 42 -17.13 -10.01 -36.00
CA GLU D 42 -16.87 -8.99 -37.03
C GLU D 42 -17.91 -7.86 -37.13
N ALA D 43 -18.82 -7.79 -36.17
CA ALA D 43 -19.81 -6.72 -36.12
C ALA D 43 -19.15 -5.36 -35.91
N ARG D 44 -19.64 -4.35 -36.62
CA ARG D 44 -19.02 -3.03 -36.54
C ARG D 44 -19.33 -2.37 -35.20
N ILE D 45 -18.32 -1.84 -34.51
CA ILE D 45 -18.60 -1.06 -33.32
C ILE D 45 -18.66 0.42 -33.69
N PHE D 46 -19.83 1.03 -33.50
CA PHE D 46 -19.98 2.45 -33.82
C PHE D 46 -19.42 3.30 -32.69
N GLY D 47 -18.72 4.38 -33.04
CA GLY D 47 -18.20 5.30 -32.05
C GLY D 47 -16.86 5.89 -32.42
N GLY D 48 -16.32 6.74 -31.53
CA GLY D 48 -15.02 7.36 -31.74
C GLY D 48 -13.89 6.40 -31.44
N THR D 49 -12.69 6.93 -31.32
CA THR D 49 -11.54 6.12 -30.92
C THR D 49 -11.25 6.24 -29.44
N LEU D 50 -10.90 5.11 -28.82
CA LEU D 50 -10.40 5.10 -27.47
C LEU D 50 -8.91 5.48 -27.40
N ASP D 51 -8.48 5.99 -26.26
CA ASP D 51 -7.07 6.11 -25.96
C ASP D 51 -6.79 5.71 -24.53
N LEU D 52 -5.68 5.02 -24.32
CA LEU D 52 -5.37 4.49 -23.02
C LEU D 52 -4.29 5.32 -22.30
N HIS D 53 -4.61 5.79 -21.11
CA HIS D 53 -3.68 6.61 -20.37
C HIS D 53 -2.59 5.78 -19.69
N LYS D 54 -1.39 6.34 -19.60
CA LYS D 54 -0.38 5.80 -18.72
C LYS D 54 -0.96 5.87 -17.32
N GLY D 55 -0.71 4.83 -16.52
CA GLY D 55 -1.23 4.78 -15.17
C GLY D 55 -2.45 3.91 -15.04
N SER D 56 -3.34 3.98 -16.02
CA SER D 56 -4.59 3.22 -15.96
C SER D 56 -4.75 2.25 -17.12
N GLY D 57 -5.43 2.71 -18.18
CA GLY D 57 -5.67 1.88 -19.35
C GLY D 57 -4.43 1.12 -19.75
N GLN D 58 -3.30 1.81 -19.84
CA GLN D 58 -2.09 1.15 -20.32
C GLN D 58 -1.55 0.13 -19.33
N GLU D 59 -1.81 0.34 -18.04
CA GLU D 59 -1.39 -0.65 -17.05
C GLU D 59 -2.16 -1.93 -17.29
N ALA D 60 -3.44 -1.78 -17.60
CA ALA D 60 -4.27 -2.92 -17.99
C ALA D 60 -3.57 -3.70 -19.08
N MSE D 61 -3.10 -2.99 -20.11
CA MSE D 61 -2.51 -3.64 -21.26
C MSE D 61 -1.13 -4.22 -20.96
O MSE D 61 -0.79 -5.28 -21.48
CB MSE D 61 -2.42 -2.63 -22.42
CG MSE D 61 -3.74 -2.03 -22.82
SE MSE D 61 -5.08 -3.34 -23.41
CE MSE D 61 -4.25 -3.82 -25.11
N LYS D 62 -0.34 -3.51 -20.15
CA LYS D 62 0.98 -3.96 -19.73
C LYS D 62 0.85 -5.32 -19.04
N LYS D 63 -0.12 -5.44 -18.15
CA LYS D 63 -0.33 -6.67 -17.44
C LYS D 63 -0.89 -7.76 -18.34
N ALA D 64 -1.69 -7.38 -19.33
CA ALA D 64 -2.24 -8.38 -20.22
C ALA D 64 -1.21 -8.80 -21.26
N GLY D 65 -0.05 -8.14 -21.21
CA GLY D 65 1.03 -8.37 -22.14
C GLY D 65 0.72 -7.86 -23.53
N LEU D 66 -0.05 -6.78 -23.57
CA LEU D 66 -0.61 -6.28 -24.82
C LEU D 66 -0.30 -4.81 -25.13
N LEU D 67 0.57 -4.18 -24.35
CA LEU D 67 0.91 -2.78 -24.57
C LEU D 67 1.51 -2.53 -25.95
N GLN D 68 2.51 -3.32 -26.31
CA GLN D 68 3.18 -3.12 -27.60
C GLN D 68 2.21 -3.29 -28.76
N THR D 69 1.34 -4.29 -28.67
CA THR D 69 0.36 -4.50 -29.72
C THR D 69 -0.58 -3.29 -29.80
N TYR D 70 -0.98 -2.76 -28.65
CA TYR D 70 -1.82 -1.58 -28.63
C TYR D 70 -1.11 -0.41 -29.27
N TYR D 71 0.13 -0.16 -28.90
CA TYR D 71 0.88 0.91 -29.54
C TYR D 71 0.93 0.74 -31.05
N ASP D 72 1.22 -0.47 -31.52
CA ASP D 72 1.30 -0.74 -32.95
C ASP D 72 0.08 -0.24 -33.68
N LEU D 73 -1.09 -0.58 -33.19
CA LEU D 73 -2.32 -0.34 -33.94
C LEU D 73 -2.89 1.04 -33.64
N ALA D 74 -2.47 1.64 -32.53
CA ALA D 74 -2.94 2.97 -32.17
C ALA D 74 -2.25 4.02 -33.02
N LEU D 75 -2.73 5.24 -32.93
CA LEU D 75 -2.27 6.30 -33.79
C LEU D 75 -2.30 7.61 -33.02
N PRO D 76 -1.13 8.18 -32.73
CA PRO D 76 -1.17 9.40 -31.92
C PRO D 76 -1.83 10.51 -32.73
N MSE D 77 -2.46 11.46 -32.04
CA MSE D 77 -3.19 12.55 -32.68
C MSE D 77 -3.00 13.88 -31.94
O MSE D 77 -3.21 13.98 -30.73
CB MSE D 77 -4.68 12.25 -32.70
CG MSE D 77 -5.03 10.93 -33.32
SE MSE D 77 -5.53 11.20 -35.15
CE MSE D 77 -7.16 12.18 -34.86
N GLY D 78 -2.63 14.92 -32.67
CA GLY D 78 -2.71 16.23 -32.09
C GLY D 78 -4.18 16.58 -31.92
N VAL D 79 -4.45 17.67 -31.23
CA VAL D 79 -5.80 18.22 -31.24
C VAL D 79 -5.83 19.75 -31.37
N ASN D 80 -6.72 20.24 -32.23
CA ASN D 80 -6.93 21.66 -32.40
C ASN D 80 -8.18 22.05 -31.67
N ILE D 81 -8.18 23.25 -31.10
CA ILE D 81 -9.42 23.89 -30.67
C ILE D 81 -9.75 24.91 -31.75
N ALA D 82 -10.98 24.89 -32.22
CA ALA D 82 -11.43 25.86 -33.23
C ALA D 82 -12.63 26.64 -32.71
N ASP D 83 -12.95 27.73 -33.39
CA ASP D 83 -14.09 28.54 -32.98
C ASP D 83 -15.19 28.36 -34.01
N LYS D 84 -16.36 28.92 -33.73
CA LYS D 84 -17.52 28.83 -34.61
C LYS D 84 -17.19 29.25 -36.04
N LYS D 85 -16.10 29.97 -36.24
CA LYS D 85 -15.78 30.52 -37.55
C LYS D 85 -14.78 29.70 -38.36
N GLY D 86 -13.99 28.87 -37.71
CA GLY D 86 -13.01 28.07 -38.44
C GLY D 86 -11.61 28.52 -38.14
N ASN D 87 -11.51 29.46 -37.21
CA ASN D 87 -10.23 29.89 -36.70
C ASN D 87 -9.68 28.82 -35.76
N ILE D 88 -8.47 28.36 -36.02
CA ILE D 88 -7.79 27.51 -35.06
C ILE D 88 -7.36 28.38 -33.88
N LEU D 89 -8.00 28.18 -32.73
CA LEU D 89 -7.62 28.87 -31.52
C LEU D 89 -6.36 28.28 -30.91
N SER D 90 -6.28 26.96 -30.91
CA SER D 90 -5.14 26.28 -30.31
C SER D 90 -4.78 25.01 -31.07
N THR D 91 -3.55 24.55 -30.91
CA THR D 91 -3.16 23.30 -31.52
C THR D 91 -2.02 22.61 -30.76
N LYS D 92 -2.35 21.53 -30.04
CA LYS D 92 -1.32 20.69 -29.45
C LYS D 92 -0.98 19.49 -30.34
N ASN D 93 0.27 19.38 -30.74
CA ASN D 93 0.67 18.30 -31.63
C ASN D 93 1.33 17.14 -30.93
N VAL D 94 1.40 16.01 -31.62
CA VAL D 94 2.17 14.88 -31.11
C VAL D 94 3.64 15.26 -31.09
N LYS D 95 4.23 15.30 -29.90
CA LYS D 95 5.67 15.47 -29.77
C LYS D 95 6.31 14.11 -29.63
N PRO D 96 7.41 13.88 -30.35
CA PRO D 96 8.09 12.59 -30.47
C PRO D 96 8.24 11.88 -29.14
N GLU D 97 8.61 12.63 -28.10
CA GLU D 97 8.82 12.04 -26.80
C GLU D 97 7.49 11.61 -26.19
N ASN D 98 6.44 12.36 -26.47
CA ASN D 98 5.14 12.09 -25.88
C ASN D 98 4.12 11.46 -26.83
N ARG D 99 4.63 10.60 -27.72
CA ARG D 99 3.80 9.77 -28.60
C ARG D 99 2.94 8.90 -27.73
N PHE D 100 3.62 8.03 -27.01
CA PHE D 100 3.02 6.92 -26.32
C PHE D 100 2.11 7.32 -25.16
N ASP D 101 1.89 8.61 -24.97
CA ASP D 101 1.07 9.03 -23.85
C ASP D 101 -0.33 8.48 -24.01
N ASN D 102 -0.97 8.76 -25.14
CA ASN D 102 -2.30 8.25 -25.41
C ASN D 102 -2.72 8.26 -26.88
N PRO D 103 -2.15 7.34 -27.67
CA PRO D 103 -2.51 7.19 -29.07
C PRO D 103 -3.94 6.69 -29.21
N GLU D 104 -4.64 7.17 -30.23
CA GLU D 104 -6.03 6.83 -30.45
C GLU D 104 -6.12 5.48 -31.16
N ILE D 105 -7.02 4.64 -30.68
CA ILE D 105 -7.22 3.33 -31.30
C ILE D 105 -8.70 3.15 -31.62
N ASN D 106 -8.94 2.49 -32.75
CA ASN D 106 -10.28 2.20 -33.21
C ASN D 106 -10.93 1.09 -32.38
N ARG D 107 -12.18 1.28 -32.01
CA ARG D 107 -12.82 0.34 -31.10
C ARG D 107 -12.80 -1.09 -31.61
N ASN D 108 -12.91 -1.25 -32.91
CA ASN D 108 -12.86 -2.58 -33.47
C ASN D 108 -11.47 -3.17 -33.41
N ASP D 109 -10.48 -2.33 -33.66
CA ASP D 109 -9.09 -2.76 -33.66
C ASP D 109 -8.72 -3.27 -32.26
N LEU D 110 -9.09 -2.50 -31.23
CA LEU D 110 -8.83 -2.90 -29.87
C LEU D 110 -9.47 -4.26 -29.53
N ARG D 111 -10.68 -4.51 -30.01
CA ARG D 111 -11.34 -5.78 -29.74
C ARG D 111 -10.62 -6.90 -30.47
N ALA D 112 -10.06 -6.60 -31.63
CA ALA D 112 -9.28 -7.57 -32.35
C ALA D 112 -8.06 -7.94 -31.52
N ILE D 113 -7.43 -6.96 -30.88
CA ILE D 113 -6.24 -7.22 -30.07
C ILE D 113 -6.58 -8.09 -28.86
N LEU D 114 -7.53 -7.64 -28.07
CA LEU D 114 -8.00 -8.42 -26.94
C LEU D 114 -8.44 -9.82 -27.38
N LEU D 115 -9.35 -9.90 -28.35
CA LEU D 115 -9.89 -11.18 -28.78
C LEU D 115 -8.79 -12.17 -29.10
N ASN D 116 -7.79 -11.69 -29.82
CA ASN D 116 -6.63 -12.48 -30.24
C ASN D 116 -5.81 -13.03 -29.05
N SER D 117 -5.88 -12.37 -27.91
CA SER D 117 -5.10 -12.81 -26.76
C SER D 117 -5.80 -13.90 -25.95
N LEU D 118 -7.06 -14.20 -26.26
CA LEU D 118 -7.79 -15.22 -25.49
C LEU D 118 -7.71 -16.59 -26.18
N GLU D 119 -7.78 -17.67 -25.40
CA GLU D 119 -7.84 -18.99 -26.03
C GLU D 119 -9.10 -19.02 -26.89
N ASN D 120 -9.12 -19.87 -27.91
CA ASN D 120 -10.32 -20.05 -28.72
C ASN D 120 -11.58 -20.18 -27.90
N ASP D 121 -12.68 -19.71 -28.46
CA ASP D 121 -14.00 -19.93 -27.87
C ASP D 121 -14.14 -19.49 -26.43
N THR D 122 -13.35 -18.50 -26.04
CA THR D 122 -13.54 -17.86 -24.74
C THR D 122 -14.79 -17.00 -24.81
N VAL D 123 -14.95 -16.31 -25.94
CA VAL D 123 -16.14 -15.51 -26.15
C VAL D 123 -17.20 -16.41 -26.74
N ILE D 124 -18.42 -16.29 -26.27
CA ILE D 124 -19.53 -16.99 -26.90
C ILE D 124 -20.49 -15.97 -27.52
N TRP D 125 -20.48 -15.89 -28.84
CA TRP D 125 -21.18 -14.82 -29.54
C TRP D 125 -22.69 -15.05 -29.64
N ASP D 126 -23.41 -14.04 -30.11
CA ASP D 126 -24.88 -14.13 -30.22
C ASP D 126 -25.51 -14.59 -28.91
N ARG D 127 -25.10 -13.96 -27.82
CA ARG D 127 -25.58 -14.29 -26.49
C ARG D 127 -26.03 -13.04 -25.72
N LYS D 128 -27.32 -12.77 -25.75
CA LYS D 128 -27.90 -11.63 -25.04
C LYS D 128 -28.40 -12.14 -23.69
N LEU D 129 -27.78 -11.72 -22.59
CA LEU D 129 -28.23 -12.12 -21.27
C LEU D 129 -29.48 -11.33 -20.91
N VAL D 130 -30.53 -12.04 -20.52
CA VAL D 130 -31.77 -11.40 -20.14
C VAL D 130 -32.16 -11.69 -18.69
N MSE D 131 -31.57 -12.74 -18.10
CA MSE D 131 -31.99 -13.11 -16.76
C MSE D 131 -30.91 -13.84 -15.98
O MSE D 131 -30.19 -14.67 -16.52
CB MSE D 131 -33.25 -13.97 -16.84
CG MSE D 131 -34.29 -13.59 -15.78
SE MSE D 131 -35.81 -14.81 -15.60
CE MSE D 131 -34.83 -16.48 -15.42
N LEU D 132 -30.83 -13.53 -14.69
CA LEU D 132 -29.93 -14.22 -13.77
C LEU D 132 -30.75 -14.82 -12.64
N GLU D 133 -30.23 -15.85 -11.99
CA GLU D 133 -31.01 -16.56 -10.99
C GLU D 133 -30.09 -17.35 -10.09
N PRO D 134 -30.08 -17.00 -8.80
CA PRO D 134 -29.19 -17.64 -7.81
C PRO D 134 -29.50 -19.11 -7.65
N GLY D 135 -28.53 -19.96 -7.97
CA GLY D 135 -28.71 -21.38 -7.78
C GLY D 135 -28.33 -21.82 -6.37
N LYS D 136 -28.33 -23.14 -6.18
CA LYS D 136 -27.88 -23.74 -4.94
C LYS D 136 -26.50 -23.16 -4.60
N LYS D 137 -25.51 -23.49 -5.41
CA LYS D 137 -24.17 -22.94 -5.24
C LYS D 137 -23.62 -22.33 -6.54
N LYS D 138 -24.51 -22.02 -7.47
CA LYS D 138 -24.08 -21.31 -8.68
C LYS D 138 -25.21 -20.67 -9.49
N TRP D 139 -24.85 -19.62 -10.22
CA TRP D 139 -25.78 -18.77 -10.97
C TRP D 139 -26.32 -19.48 -12.18
N THR D 140 -27.52 -19.08 -12.60
CA THR D 140 -28.10 -19.60 -13.84
C THR D 140 -28.46 -18.48 -14.82
N LEU D 141 -27.77 -18.48 -15.95
CA LEU D 141 -27.85 -17.38 -16.89
C LEU D 141 -28.77 -17.75 -18.03
N THR D 142 -29.69 -16.83 -18.35
CA THR D 142 -30.73 -17.01 -19.37
C THR D 142 -30.45 -16.16 -20.59
N PHE D 143 -30.49 -16.75 -21.76
CA PHE D 143 -30.10 -16.03 -22.96
C PHE D 143 -31.23 -16.08 -23.95
N GLU D 144 -31.54 -14.94 -24.55
CA GLU D 144 -32.65 -14.88 -25.48
C GLU D 144 -32.52 -15.92 -26.56
N ASN D 145 -33.48 -16.84 -26.59
CA ASN D 145 -33.49 -17.91 -27.58
C ASN D 145 -32.13 -18.63 -27.72
N LYS D 146 -31.51 -18.93 -26.59
CA LYS D 146 -30.29 -19.74 -26.59
C LYS D 146 -30.19 -20.50 -25.28
N PRO D 147 -29.58 -21.69 -25.33
CA PRO D 147 -29.41 -22.53 -24.15
C PRO D 147 -28.85 -21.75 -22.97
N SER D 148 -29.30 -22.11 -21.77
CA SER D 148 -28.89 -21.44 -20.53
C SER D 148 -27.55 -21.95 -20.04
N GLU D 149 -26.93 -21.22 -19.11
CA GLU D 149 -25.58 -21.58 -18.64
C GLU D 149 -25.41 -21.32 -17.15
N THR D 150 -24.39 -21.94 -16.57
CA THR D 150 -24.17 -21.84 -15.14
C THR D 150 -22.79 -21.24 -14.83
N ALA D 151 -22.69 -20.57 -13.71
CA ALA D 151 -21.42 -19.98 -13.35
C ALA D 151 -21.32 -19.75 -11.85
N ASP D 152 -20.14 -20.02 -11.32
CA ASP D 152 -19.83 -19.82 -9.91
C ASP D 152 -19.68 -18.34 -9.61
N LEU D 153 -19.25 -17.57 -10.60
CA LEU D 153 -19.13 -16.12 -10.45
C LEU D 153 -19.59 -15.40 -11.71
N VAL D 154 -20.45 -14.40 -11.52
CA VAL D 154 -20.89 -13.57 -12.62
C VAL D 154 -20.27 -12.17 -12.51
N ILE D 155 -19.66 -11.72 -13.59
CA ILE D 155 -19.12 -10.37 -13.66
C ILE D 155 -19.84 -9.59 -14.75
N LEU D 156 -20.74 -8.72 -14.35
CA LEU D 156 -21.43 -7.81 -15.25
C LEU D 156 -20.44 -6.82 -15.86
N ALA D 157 -20.36 -6.81 -17.19
CA ALA D 157 -19.48 -5.89 -17.92
C ALA D 157 -20.19 -5.47 -19.19
N ASN D 158 -21.51 -5.34 -19.10
CA ASN D 158 -22.36 -5.23 -20.28
C ASN D 158 -22.93 -3.83 -20.53
N GLY D 159 -22.14 -2.81 -20.20
CA GLY D 159 -22.50 -1.46 -20.57
C GLY D 159 -23.34 -0.69 -19.57
N GLY D 160 -23.59 0.56 -19.89
CA GLY D 160 -24.20 1.46 -18.93
C GLY D 160 -25.70 1.34 -18.86
N MSE D 161 -26.26 0.41 -19.60
CA MSE D 161 -27.70 0.25 -19.62
C MSE D 161 -28.11 -1.13 -19.19
O MSE D 161 -29.22 -1.55 -19.46
CB MSE D 161 -28.24 0.50 -21.02
CG MSE D 161 -27.90 1.88 -21.53
SE MSE D 161 -28.93 3.29 -20.64
CE MSE D 161 -29.47 4.19 -22.32
N SER D 162 -27.18 -1.82 -18.54
CA SER D 162 -27.37 -3.18 -18.10
C SER D 162 -28.72 -3.31 -17.41
N LYS D 163 -29.51 -4.30 -17.82
CA LYS D 163 -30.85 -4.50 -17.26
C LYS D 163 -30.82 -5.45 -16.07
N VAL D 164 -29.66 -6.08 -15.84
CA VAL D 164 -29.53 -7.16 -14.87
C VAL D 164 -28.64 -6.76 -13.72
N ARG D 165 -28.87 -5.57 -13.17
CA ARG D 165 -28.06 -5.06 -12.06
C ARG D 165 -28.63 -5.35 -10.64
N LYS D 166 -29.84 -5.93 -10.57
CA LYS D 166 -30.59 -5.97 -9.32
C LYS D 166 -29.89 -6.64 -8.14
N PHE D 167 -29.29 -7.80 -8.35
CA PHE D 167 -28.66 -8.51 -7.24
C PHE D 167 -27.47 -7.77 -6.65
N VAL D 168 -27.09 -6.65 -7.25
CA VAL D 168 -25.94 -5.89 -6.74
C VAL D 168 -26.40 -4.55 -6.25
N THR D 169 -27.42 -3.99 -6.91
CA THR D 169 -27.99 -2.74 -6.46
C THR D 169 -29.28 -2.36 -7.21
N ASP D 170 -30.14 -1.63 -6.50
CA ASP D 170 -31.42 -1.20 -7.01
C ASP D 170 -31.31 0.22 -7.55
N THR D 171 -30.13 0.80 -7.40
CA THR D 171 -29.82 2.10 -7.99
C THR D 171 -30.00 1.99 -9.50
N GLU D 172 -30.55 3.02 -10.12
CA GLU D 172 -30.62 2.98 -11.56
C GLU D 172 -30.02 4.18 -12.28
N VAL D 173 -29.66 3.95 -13.53
CA VAL D 173 -29.06 4.96 -14.37
C VAL D 173 -29.98 6.19 -14.39
N GLU D 174 -29.41 7.34 -14.70
CA GLU D 174 -30.20 8.54 -14.89
C GLU D 174 -29.67 9.44 -15.99
N GLU D 175 -30.59 10.19 -16.61
CA GLU D 175 -30.24 11.12 -17.68
C GLU D 175 -29.54 12.27 -17.01
N THR D 176 -28.56 12.81 -17.69
CA THR D 176 -27.65 13.72 -17.04
C THR D 176 -28.07 15.18 -17.29
N GLY D 177 -28.77 15.41 -18.40
CA GLY D 177 -29.15 16.75 -18.80
C GLY D 177 -28.64 17.12 -20.19
N THR D 178 -27.57 16.48 -20.63
CA THR D 178 -27.04 16.73 -21.97
C THR D 178 -27.44 15.66 -22.99
N PHE D 179 -27.12 15.88 -24.25
CA PHE D 179 -27.50 14.97 -25.31
C PHE D 179 -26.44 14.88 -26.44
N ASN D 180 -26.34 13.74 -27.11
CA ASN D 180 -25.28 13.56 -28.10
C ASN D 180 -25.76 13.02 -29.44
N ILE D 181 -25.54 13.80 -30.49
CA ILE D 181 -25.74 13.31 -31.85
C ILE D 181 -24.37 13.03 -32.51
N GLN D 182 -24.24 11.92 -33.23
CA GLN D 182 -22.99 11.57 -33.90
C GLN D 182 -23.15 10.75 -35.19
N ALA D 183 -22.24 10.94 -36.13
CA ALA D 183 -22.30 10.23 -37.39
C ALA D 183 -20.90 9.92 -37.89
N ASP D 184 -20.79 9.14 -38.96
CA ASP D 184 -19.51 8.94 -39.64
C ASP D 184 -19.61 9.36 -41.10
N ILE D 185 -18.53 9.97 -41.59
CA ILE D 185 -18.46 10.36 -42.98
C ILE D 185 -17.31 9.64 -43.66
N HIS D 186 -17.60 8.89 -44.72
CA HIS D 186 -16.54 8.16 -45.40
C HIS D 186 -15.90 9.02 -46.48
N GLN D 187 -14.65 8.72 -46.84
CA GLN D 187 -13.89 9.57 -47.75
C GLN D 187 -14.03 11.05 -47.32
N PRO D 188 -13.78 11.33 -46.05
CA PRO D 188 -14.12 12.68 -45.60
C PRO D 188 -13.37 13.73 -46.37
N GLU D 189 -12.33 13.31 -47.08
CA GLU D 189 -11.47 14.24 -47.83
C GLU D 189 -12.11 14.81 -49.11
N ILE D 190 -13.10 14.12 -49.67
CA ILE D 190 -13.83 14.62 -50.83
C ILE D 190 -15.28 14.91 -50.53
N ASN D 191 -15.78 14.34 -49.42
CA ASN D 191 -17.18 14.49 -49.06
C ASN D 191 -17.41 15.66 -48.13
N CYS D 192 -16.40 15.99 -47.35
CA CYS D 192 -16.43 17.17 -46.52
C CYS D 192 -15.02 17.75 -46.42
N PRO D 193 -14.53 18.24 -47.55
CA PRO D 193 -13.12 18.64 -47.68
C PRO D 193 -12.79 19.84 -46.81
N GLY D 194 -13.76 20.71 -46.62
CA GLY D 194 -13.51 21.93 -45.89
C GLY D 194 -13.22 21.62 -44.45
N PHE D 195 -14.07 20.79 -43.86
CA PHE D 195 -13.90 20.44 -42.48
C PHE D 195 -12.73 19.49 -42.33
N PHE D 196 -12.59 18.56 -43.26
CA PHE D 196 -11.48 17.62 -43.19
C PHE D 196 -10.16 18.36 -43.20
N GLN D 197 -10.02 19.33 -44.11
CA GLN D 197 -8.81 20.16 -44.19
C GLN D 197 -8.60 21.00 -42.93
N LEU D 198 -9.70 21.37 -42.30
CA LEU D 198 -9.64 22.19 -41.11
C LEU D 198 -9.07 21.41 -39.91
N CYS D 199 -9.34 20.10 -39.87
CA CYS D 199 -8.83 19.23 -38.81
C CYS D 199 -7.35 19.08 -38.96
N ASN D 200 -6.92 19.25 -40.21
CA ASN D 200 -5.52 19.06 -40.58
C ASN D 200 -4.83 17.92 -39.84
N GLY D 201 -5.45 16.76 -39.79
CA GLY D 201 -4.83 15.58 -39.26
C GLY D 201 -4.91 15.44 -37.75
N ASN D 202 -5.61 16.36 -37.10
CA ASN D 202 -5.77 16.32 -35.66
C ASN D 202 -7.23 16.20 -35.26
N ARG D 203 -7.49 15.69 -34.06
CA ARG D 203 -8.86 15.71 -33.53
C ARG D 203 -9.20 17.17 -33.43
N LEU D 204 -10.48 17.51 -33.64
CA LEU D 204 -10.92 18.91 -33.65
C LEU D 204 -11.99 19.08 -32.59
N MSE D 205 -11.91 20.15 -31.82
CA MSE D 205 -13.05 20.50 -30.98
C MSE D 205 -13.37 21.99 -31.07
O MSE D 205 -12.47 22.83 -31.16
CB MSE D 205 -12.77 20.15 -29.54
CG MSE D 205 -12.27 18.75 -29.36
SE MSE D 205 -12.26 18.30 -27.48
CE MSE D 205 -13.74 17.05 -27.48
N ALA D 206 -14.66 22.29 -31.04
CA ALA D 206 -15.14 23.67 -30.96
C ALA D 206 -16.33 23.75 -30.01
N SER D 207 -16.47 24.88 -29.33
CA SER D 207 -17.62 25.11 -28.47
C SER D 207 -18.22 26.48 -28.69
N HIS D 208 -19.51 26.54 -28.95
CA HIS D 208 -20.15 27.82 -29.11
C HIS D 208 -21.56 27.87 -28.51
N GLN D 209 -21.75 28.81 -27.59
CA GLN D 209 -22.99 28.94 -26.82
C GLN D 209 -23.56 27.58 -26.47
N GLY D 210 -22.80 26.82 -25.70
CA GLY D 210 -23.26 25.54 -25.20
C GLY D 210 -23.49 24.46 -26.24
N ASN D 211 -22.85 24.58 -27.40
CA ASN D 211 -22.91 23.55 -28.43
C ASN D 211 -21.54 23.00 -28.71
N LEU D 212 -21.33 21.74 -28.41
CA LEU D 212 -20.01 21.12 -28.56
C LEU D 212 -19.91 20.32 -29.84
N LEU D 213 -18.92 20.62 -30.67
CA LEU D 213 -18.64 19.80 -31.84
C LEU D 213 -17.28 19.17 -31.68
N PHE D 214 -17.22 17.84 -31.73
CA PHE D 214 -15.96 17.14 -31.62
C PHE D 214 -15.81 16.18 -32.76
N ALA D 215 -14.64 16.14 -33.37
CA ALA D 215 -14.41 15.28 -34.53
C ALA D 215 -13.05 14.64 -34.51
N ASN D 216 -12.98 13.44 -35.09
CA ASN D 216 -11.72 12.81 -35.42
C ASN D 216 -11.67 12.52 -36.90
N PRO D 217 -10.71 13.12 -37.62
CA PRO D 217 -10.73 13.05 -39.09
C PRO D 217 -10.27 11.70 -39.63
N ASN D 218 -9.78 10.84 -38.77
CA ASN D 218 -9.12 9.62 -39.22
C ASN D 218 -9.33 8.43 -38.30
N ASN D 219 -10.56 7.91 -38.25
CA ASN D 219 -10.84 6.67 -37.53
C ASN D 219 -10.87 5.54 -38.54
N ASN D 220 -9.70 4.93 -38.77
CA ASN D 220 -9.56 3.99 -39.85
C ASN D 220 -10.11 4.57 -41.16
N GLY D 221 -9.76 5.81 -41.47
CA GLY D 221 -10.18 6.42 -42.72
C GLY D 221 -11.59 6.95 -42.81
N ALA D 222 -12.30 6.97 -41.69
CA ALA D 222 -13.59 7.66 -41.69
C ALA D 222 -13.48 8.84 -40.76
N LEU D 223 -14.31 9.84 -41.01
CA LEU D 223 -14.42 10.95 -40.11
C LEU D 223 -15.54 10.65 -39.13
N HIS D 224 -15.22 10.67 -37.85
CA HIS D 224 -16.26 10.53 -36.84
C HIS D 224 -16.45 11.89 -36.21
N PHE D 225 -17.69 12.23 -35.91
CA PHE D 225 -17.92 13.49 -35.24
C PHE D 225 -19.17 13.35 -34.41
N GLY D 226 -19.27 14.21 -33.39
CA GLY D 226 -20.44 14.23 -32.54
C GLY D 226 -20.75 15.65 -32.15
N ILE D 227 -22.03 15.96 -32.04
CA ILE D 227 -22.47 17.25 -31.57
C ILE D 227 -23.19 17.03 -30.25
N SER D 228 -22.81 17.79 -29.23
CA SER D 228 -23.44 17.69 -27.92
C SER D 228 -23.96 19.02 -27.39
N PHE D 229 -24.97 18.96 -26.52
CA PHE D 229 -25.71 20.14 -26.07
C PHE D 229 -26.67 19.81 -24.93
N LYS D 230 -27.13 20.82 -24.18
CA LYS D 230 -28.09 20.56 -23.11
C LYS D 230 -29.38 20.10 -23.74
N THR D 231 -30.04 19.10 -23.17
CA THR D 231 -31.25 18.58 -23.79
C THR D 231 -32.25 19.71 -23.92
N PRO D 232 -32.77 19.91 -25.14
CA PRO D 232 -33.82 20.91 -25.39
C PRO D 232 -34.95 20.73 -24.39
N ASP D 233 -35.33 21.82 -23.74
CA ASP D 233 -36.34 21.83 -22.67
C ASP D 233 -37.54 20.92 -22.95
N GLU D 234 -38.02 20.91 -24.19
CA GLU D 234 -39.23 20.17 -24.55
C GLU D 234 -39.12 18.64 -24.42
N TRP D 235 -38.22 18.02 -25.19
CA TRP D 235 -38.06 16.58 -25.12
C TRP D 235 -38.08 16.13 -23.66
N LYS D 236 -39.17 15.49 -23.24
CA LYS D 236 -39.34 15.09 -21.84
C LYS D 236 -39.22 13.58 -21.66
N VAL D 241 -38.11 14.86 -31.35
CA VAL D 241 -37.71 14.72 -32.76
C VAL D 241 -37.23 13.29 -33.05
N ASP D 242 -37.05 12.94 -34.33
CA ASP D 242 -36.84 11.53 -34.70
C ASP D 242 -35.59 11.22 -35.51
N PHE D 243 -34.70 10.41 -34.95
CA PHE D 243 -33.44 10.12 -35.61
C PHE D 243 -33.56 9.12 -36.75
N GLN D 244 -34.77 8.60 -36.95
CA GLN D 244 -35.00 7.64 -38.00
C GLN D 244 -34.70 8.31 -39.34
N ASN D 245 -35.48 9.33 -39.68
CA ASN D 245 -35.25 10.01 -40.95
C ASN D 245 -34.59 11.38 -40.84
N ARG D 246 -33.54 11.53 -41.63
CA ARG D 246 -32.50 12.52 -41.43
C ARG D 246 -32.91 13.97 -41.63
N ASN D 247 -33.87 14.22 -42.51
CA ASN D 247 -34.31 15.58 -42.74
C ASN D 247 -34.73 16.24 -41.43
N SER D 248 -35.30 15.45 -40.54
CA SER D 248 -35.66 15.94 -39.22
C SER D 248 -34.42 16.44 -38.48
N VAL D 249 -33.40 15.59 -38.39
CA VAL D 249 -32.18 15.91 -37.65
C VAL D 249 -31.41 17.06 -38.27
N VAL D 250 -31.26 17.03 -39.59
CA VAL D 250 -30.56 18.07 -40.35
C VAL D 250 -31.14 19.47 -40.12
N ASP D 251 -32.46 19.57 -40.14
CA ASP D 251 -33.08 20.87 -39.89
C ASP D 251 -32.68 21.36 -38.51
N PHE D 252 -32.71 20.44 -37.55
CA PHE D 252 -32.41 20.78 -36.17
C PHE D 252 -30.96 21.23 -35.98
N LEU D 253 -30.03 20.44 -36.49
CA LEU D 253 -28.61 20.73 -36.38
C LEU D 253 -28.28 22.03 -37.08
N LEU D 254 -28.69 22.12 -38.34
CA LEU D 254 -28.49 23.31 -39.15
C LEU D 254 -29.06 24.58 -38.50
N LYS D 255 -30.05 24.41 -37.64
CA LYS D 255 -30.59 25.56 -36.93
C LYS D 255 -29.61 26.01 -35.87
N LYS D 256 -29.36 25.16 -34.87
CA LYS D 256 -28.46 25.58 -33.79
C LYS D 256 -27.04 25.83 -34.30
N PHE D 257 -26.80 25.51 -35.56
CA PHE D 257 -25.49 25.73 -36.15
C PHE D 257 -25.43 26.80 -37.23
N SER D 258 -26.57 27.46 -37.49
CA SER D 258 -26.64 28.49 -38.54
C SER D 258 -25.60 29.54 -38.24
N ASP D 259 -25.35 29.73 -36.96
CA ASP D 259 -24.37 30.68 -36.47
C ASP D 259 -22.97 30.35 -37.00
N TRP D 260 -22.72 29.05 -37.24
CA TRP D 260 -21.40 28.50 -37.50
C TRP D 260 -20.94 28.56 -38.95
N ASP D 261 -19.64 28.33 -39.15
CA ASP D 261 -19.05 28.42 -40.47
C ASP D 261 -19.57 27.36 -41.42
N GLU D 262 -19.59 27.71 -42.70
CA GLU D 262 -20.11 26.82 -43.73
C GLU D 262 -19.43 25.46 -43.69
N ARG D 263 -18.15 25.43 -43.32
CA ARG D 263 -17.45 24.15 -43.23
C ARG D 263 -18.07 23.14 -42.28
N TYR D 264 -18.58 23.59 -41.14
CA TYR D 264 -19.22 22.68 -40.20
C TYR D 264 -20.61 22.31 -40.72
N LYS D 265 -21.25 23.23 -41.43
CA LYS D 265 -22.57 22.95 -41.97
C LYS D 265 -22.45 21.81 -42.98
N GLU D 266 -21.37 21.84 -43.75
CA GLU D 266 -21.16 20.90 -44.82
C GLU D 266 -20.97 19.55 -44.19
N LEU D 267 -20.61 19.57 -42.93
CA LEU D 267 -20.44 18.36 -42.16
C LEU D 267 -21.82 17.77 -41.89
N ILE D 268 -22.79 18.61 -41.57
CA ILE D 268 -24.15 18.18 -41.30
C ILE D 268 -24.94 17.86 -42.59
N HIS D 269 -24.56 18.48 -43.71
CA HIS D 269 -25.15 18.13 -44.98
C HIS D 269 -24.77 16.72 -45.49
N THR D 270 -23.47 16.38 -45.51
CA THR D 270 -23.04 15.12 -46.11
C THR D 270 -23.47 13.89 -45.31
N THR D 271 -23.43 13.99 -43.99
CA THR D 271 -23.76 12.83 -43.17
C THR D 271 -25.10 12.21 -43.56
N LEU D 272 -25.05 10.92 -43.89
CA LEU D 272 -26.20 10.18 -44.36
C LEU D 272 -27.16 9.78 -43.25
N SER D 273 -26.65 9.37 -42.12
CA SER D 273 -27.51 8.98 -41.00
C SER D 273 -26.90 9.43 -39.68
N PHE D 274 -27.76 9.79 -38.74
CA PHE D 274 -27.35 10.28 -37.44
C PHE D 274 -27.80 9.33 -36.35
N VAL D 275 -27.03 9.21 -35.28
CA VAL D 275 -27.52 8.45 -34.13
C VAL D 275 -27.54 9.33 -32.89
N GLY D 276 -28.67 9.28 -32.18
CA GLY D 276 -28.91 10.13 -31.03
C GLY D 276 -28.88 9.31 -29.76
N LEU D 277 -28.41 9.92 -28.69
CA LEU D 277 -28.25 9.24 -27.42
C LEU D 277 -28.17 10.31 -26.33
N ALA D 278 -28.87 10.09 -25.23
CA ALA D 278 -28.79 11.01 -24.09
C ALA D 278 -27.64 10.63 -23.16
N THR D 279 -26.89 11.61 -22.69
CA THR D 279 -25.85 11.34 -21.73
C THR D 279 -26.49 10.81 -20.47
N ARG D 280 -25.93 9.73 -19.93
CA ARG D 280 -26.44 9.13 -18.70
C ARG D 280 -25.31 8.90 -17.75
N ILE D 281 -25.67 8.72 -16.48
CA ILE D 281 -24.70 8.43 -15.47
C ILE D 281 -25.31 7.38 -14.57
N PHE D 282 -24.53 6.38 -14.21
CA PHE D 282 -24.94 5.43 -13.21
C PHE D 282 -24.21 5.80 -11.93
N PRO D 283 -24.87 6.61 -11.09
CA PRO D 283 -24.28 7.30 -9.94
C PRO D 283 -23.80 6.37 -8.82
N LEU D 284 -22.52 6.52 -8.43
CA LEU D 284 -21.97 5.82 -7.26
C LEU D 284 -22.35 6.56 -5.99
N GLU D 285 -23.63 6.51 -5.66
CA GLU D 285 -24.18 7.15 -4.48
C GLU D 285 -24.01 6.24 -3.26
N LYS D 286 -25.01 5.42 -3.00
CA LYS D 286 -25.03 4.54 -1.84
C LYS D 286 -24.24 3.28 -2.11
N PRO D 287 -23.80 2.59 -1.05
CA PRO D 287 -23.17 1.28 -1.20
C PRO D 287 -24.07 0.30 -1.95
N TRP D 288 -23.48 -0.78 -2.45
CA TRP D 288 -24.24 -1.82 -3.13
C TRP D 288 -24.68 -2.92 -2.14
N LYS D 289 -25.70 -3.70 -2.51
CA LYS D 289 -26.22 -4.73 -1.62
C LYS D 289 -25.06 -5.44 -0.92
N SER D 290 -25.08 -5.42 0.42
CA SER D 290 -24.09 -6.16 1.21
C SER D 290 -24.51 -7.63 1.28
N LYS D 291 -25.78 -7.85 0.96
CA LYS D 291 -26.45 -9.13 1.06
C LYS D 291 -26.62 -9.72 -0.35
N ARG D 292 -25.77 -10.69 -0.71
CA ARG D 292 -25.80 -11.25 -2.07
C ARG D 292 -25.70 -12.77 -2.10
N PRO D 293 -26.76 -13.42 -2.59
CA PRO D 293 -26.95 -14.88 -2.70
C PRO D 293 -25.70 -15.60 -3.17
N LEU D 294 -25.21 -15.25 -4.34
CA LEU D 294 -23.97 -15.81 -4.83
C LEU D 294 -23.01 -14.68 -5.18
N PRO D 295 -21.72 -15.00 -5.42
CA PRO D 295 -20.77 -13.96 -5.79
C PRO D 295 -21.17 -13.28 -7.11
N ILE D 296 -21.10 -11.95 -7.16
CA ILE D 296 -21.42 -11.21 -8.36
C ILE D 296 -20.93 -9.79 -8.21
N THR D 297 -20.42 -9.22 -9.30
CA THR D 297 -19.97 -7.82 -9.28
C THR D 297 -20.11 -7.12 -10.64
N MSE D 298 -19.59 -5.91 -10.74
CA MSE D 298 -19.73 -5.10 -11.95
C MSE D 298 -18.46 -4.32 -12.22
O MSE D 298 -17.88 -3.74 -11.30
CB MSE D 298 -20.91 -4.12 -11.84
CG MSE D 298 -22.09 -4.66 -11.06
SE MSE D 298 -23.81 -3.92 -11.60
CE MSE D 298 -23.61 -2.09 -10.94
N ILE D 299 -18.04 -4.27 -13.47
CA ILE D 299 -16.89 -3.46 -13.88
C ILE D 299 -17.26 -2.51 -15.02
N GLY D 300 -16.37 -1.57 -15.32
CA GLY D 300 -16.55 -0.69 -16.46
C GLY D 300 -17.86 0.06 -16.41
N ASP D 301 -18.53 0.19 -17.55
CA ASP D 301 -19.71 1.07 -17.65
C ASP D 301 -20.92 0.57 -16.86
N ALA D 302 -20.97 -0.74 -16.63
CA ALA D 302 -22.03 -1.31 -15.82
C ALA D 302 -21.89 -0.77 -14.41
N ALA D 303 -20.65 -0.51 -13.99
CA ALA D 303 -20.36 -0.11 -12.62
C ALA D 303 -20.44 1.38 -12.36
N HIS D 304 -20.17 2.19 -13.39
CA HIS D 304 -20.07 3.62 -13.16
C HIS D 304 -20.18 4.48 -14.41
N LEU D 305 -21.00 4.04 -15.37
CA LEU D 305 -21.37 4.88 -16.49
C LEU D 305 -21.26 6.37 -16.12
N MSE D 306 -20.58 7.14 -16.96
CA MSE D 306 -20.44 8.56 -16.66
C MSE D 306 -20.24 9.38 -17.95
O MSE D 306 -19.82 8.83 -18.97
CB MSE D 306 -19.35 8.78 -15.60
CG MSE D 306 -17.94 8.91 -16.16
SE MSE D 306 -16.48 8.99 -14.83
CE MSE D 306 -16.65 7.16 -14.12
N PRO D 307 -20.58 10.67 -17.91
CA PRO D 307 -20.39 11.55 -19.08
C PRO D 307 -18.96 11.51 -19.59
N PRO D 308 -18.78 11.52 -20.93
CA PRO D 308 -17.48 11.35 -21.59
C PRO D 308 -16.69 12.63 -21.85
N PHE D 309 -17.29 13.78 -21.66
CA PHE D 309 -16.66 15.03 -22.05
C PHE D 309 -15.36 15.31 -21.28
N ALA D 310 -15.19 14.60 -20.19
CA ALA D 310 -13.97 14.73 -19.40
C ALA D 310 -12.80 14.00 -20.04
N GLY D 311 -13.11 12.90 -20.72
CA GLY D 311 -12.11 11.98 -21.22
C GLY D 311 -12.16 10.67 -20.47
N GLN D 312 -13.21 10.49 -19.67
CA GLN D 312 -13.34 9.33 -18.81
C GLN D 312 -14.22 8.23 -19.39
N GLY D 313 -13.99 7.02 -18.89
CA GLY D 313 -14.63 5.82 -19.38
C GLY D 313 -13.50 4.91 -19.81
N VAL D 314 -13.75 3.63 -19.80
CA VAL D 314 -12.77 2.64 -20.27
C VAL D 314 -11.47 2.57 -19.49
N ASN D 315 -10.70 3.66 -19.40
CA ASN D 315 -9.49 3.59 -18.59
C ASN D 315 -9.94 3.22 -17.21
N SER D 316 -10.83 4.04 -16.68
CA SER D 316 -11.43 3.76 -15.40
C SER D 316 -12.04 2.36 -15.36
N GLY D 317 -12.53 1.88 -16.49
CA GLY D 317 -13.06 0.53 -16.54
C GLY D 317 -12.02 -0.56 -16.62
N LEU D 318 -10.90 -0.25 -17.25
CA LEU D 318 -9.82 -1.22 -17.41
C LEU D 318 -9.08 -1.33 -16.10
N VAL D 319 -9.03 -0.23 -15.36
CA VAL D 319 -8.54 -0.29 -14.00
C VAL D 319 -9.40 -1.28 -13.20
N ASP D 320 -10.72 -1.15 -13.26
CA ASP D 320 -11.58 -2.14 -12.62
C ASP D 320 -11.09 -3.53 -12.97
N ALA D 321 -10.87 -3.78 -14.25
CA ALA D 321 -10.41 -5.09 -14.67
C ALA D 321 -9.19 -5.46 -13.85
N LEU D 322 -8.17 -4.63 -13.93
CA LEU D 322 -6.89 -4.86 -13.28
C LEU D 322 -7.06 -5.21 -11.79
N ILE D 323 -7.68 -4.30 -11.05
CA ILE D 323 -7.89 -4.44 -9.62
C ILE D 323 -8.65 -5.73 -9.24
N LEU D 324 -9.81 -5.93 -9.83
CA LEU D 324 -10.57 -7.13 -9.53
C LEU D 324 -9.71 -8.33 -9.89
N SER D 325 -9.26 -8.37 -11.13
CA SER D 325 -8.43 -9.46 -11.60
C SER D 325 -7.33 -9.88 -10.63
N ASP D 326 -6.62 -8.92 -10.04
CA ASP D 326 -5.58 -9.22 -9.08
C ASP D 326 -6.18 -9.82 -7.81
N ASN D 327 -7.16 -9.14 -7.23
CA ASN D 327 -7.83 -9.65 -6.04
C ASN D 327 -8.17 -11.13 -6.06
N LEU D 328 -8.53 -11.66 -7.22
CA LEU D 328 -8.97 -13.03 -7.32
C LEU D 328 -7.84 -14.00 -7.64
N ALA D 329 -6.61 -13.50 -7.71
CA ALA D 329 -5.48 -14.37 -8.04
C ALA D 329 -4.31 -14.26 -7.06
N ASP D 330 -4.16 -13.09 -6.42
CA ASP D 330 -3.09 -12.87 -5.44
C ASP D 330 -3.35 -13.63 -4.13
N GLY D 331 -4.40 -14.43 -4.14
CA GLY D 331 -4.77 -15.27 -3.00
C GLY D 331 -4.80 -14.52 -1.68
N LYS D 332 -4.85 -13.20 -1.74
CA LYS D 332 -4.76 -12.40 -0.54
C LYS D 332 -6.11 -12.33 0.17
N PHE D 333 -7.00 -13.24 -0.22
CA PHE D 333 -8.33 -13.32 0.37
C PHE D 333 -8.74 -14.76 0.57
N ASN D 334 -9.52 -15.00 1.62
CA ASN D 334 -9.90 -16.38 1.97
C ASN D 334 -11.18 -16.81 1.26
N SER D 335 -11.82 -15.87 0.56
CA SER D 335 -13.07 -16.15 -0.14
C SER D 335 -13.20 -15.25 -1.35
N ILE D 336 -14.08 -15.63 -2.26
CA ILE D 336 -14.42 -14.76 -3.37
C ILE D 336 -15.07 -13.49 -2.85
N GLU D 337 -16.15 -13.64 -2.08
CA GLU D 337 -16.89 -12.49 -1.54
C GLU D 337 -16.00 -11.40 -0.98
N GLU D 338 -14.91 -11.79 -0.34
CA GLU D 338 -13.94 -10.83 0.22
C GLU D 338 -13.24 -10.07 -0.90
N ALA D 339 -12.68 -10.80 -1.85
CA ALA D 339 -11.95 -10.19 -2.97
C ALA D 339 -12.81 -9.18 -3.73
N VAL D 340 -14.04 -9.54 -4.07
CA VAL D 340 -14.89 -8.59 -4.75
C VAL D 340 -15.27 -7.45 -3.82
N LYS D 341 -15.62 -7.79 -2.59
CA LYS D 341 -15.87 -6.78 -1.56
C LYS D 341 -14.79 -5.72 -1.55
N ASN D 342 -13.53 -6.14 -1.60
CA ASN D 342 -12.42 -5.21 -1.59
C ASN D 342 -12.28 -4.39 -2.87
N TYR D 343 -12.37 -5.04 -4.02
CA TYR D 343 -12.29 -4.32 -5.27
C TYR D 343 -13.37 -3.25 -5.28
N GLU D 344 -14.60 -3.65 -5.04
CA GLU D 344 -15.70 -2.70 -5.03
C GLU D 344 -15.43 -1.53 -4.08
N GLN D 345 -14.52 -1.72 -3.12
CA GLN D 345 -14.23 -0.65 -2.18
C GLN D 345 -13.32 0.36 -2.83
N GLN D 346 -12.22 -0.12 -3.40
CA GLN D 346 -11.28 0.77 -4.08
C GLN D 346 -11.96 1.55 -5.18
N MSE D 347 -12.79 0.87 -5.96
CA MSE D 347 -13.37 1.48 -7.13
C MSE D 347 -14.37 2.54 -6.75
O MSE D 347 -14.52 3.53 -7.45
CB MSE D 347 -13.98 0.43 -8.07
CG MSE D 347 -15.44 0.11 -7.83
SE MSE D 347 -16.63 1.31 -8.79
CE MSE D 347 -18.24 0.85 -7.82
N PHE D 348 -15.04 2.38 -5.61
CA PHE D 348 -15.90 3.43 -5.09
C PHE D 348 -15.08 4.69 -4.78
N ILE D 349 -13.78 4.52 -4.54
CA ILE D 349 -12.94 5.68 -4.29
C ILE D 349 -12.70 6.49 -5.55
N TYR D 350 -12.05 5.89 -6.53
CA TYR D 350 -11.75 6.64 -7.74
C TYR D 350 -12.96 6.81 -8.66
N GLY D 351 -13.97 5.98 -8.48
CA GLY D 351 -15.21 6.11 -9.24
C GLY D 351 -15.91 7.39 -8.88
N LYS D 352 -16.16 7.60 -7.59
CA LYS D 352 -16.80 8.84 -7.15
C LYS D 352 -16.02 10.06 -7.65
N GLU D 353 -14.68 9.97 -7.62
CA GLU D 353 -13.85 11.11 -7.95
C GLU D 353 -13.94 11.45 -9.43
N ALA D 354 -13.84 10.41 -10.25
CA ALA D 354 -14.04 10.55 -11.68
C ALA D 354 -15.42 11.13 -11.99
N GLN D 355 -16.47 10.48 -11.50
CA GLN D 355 -17.84 10.93 -11.74
C GLN D 355 -18.00 12.38 -11.30
N GLU D 356 -17.22 12.78 -10.31
CA GLU D 356 -17.25 14.16 -9.83
C GLU D 356 -16.69 15.11 -10.87
N GLU D 357 -15.53 14.77 -11.43
CA GLU D 357 -14.93 15.61 -12.45
C GLU D 357 -15.85 15.70 -13.65
N SER D 358 -16.24 14.55 -14.19
CA SER D 358 -17.02 14.52 -15.41
C SER D 358 -18.35 15.27 -15.30
N THR D 359 -19.01 15.13 -14.15
CA THR D 359 -20.24 15.86 -13.91
C THR D 359 -20.01 17.35 -13.87
N GLN D 360 -19.02 17.76 -13.09
CA GLN D 360 -18.73 19.17 -12.94
C GLN D 360 -18.29 19.74 -14.27
N ASN D 361 -17.41 19.01 -14.95
CA ASN D 361 -16.94 19.41 -16.26
C ASN D 361 -18.06 19.53 -17.28
N GLU D 362 -18.99 18.59 -17.25
CA GLU D 362 -20.19 18.64 -18.05
C GLU D 362 -20.98 19.91 -17.80
N ILE D 363 -20.97 20.38 -16.57
CA ILE D 363 -21.65 21.62 -16.25
C ILE D 363 -20.85 22.82 -16.73
N GLU D 364 -19.53 22.69 -16.72
CA GLU D 364 -18.65 23.75 -17.21
C GLU D 364 -19.06 24.12 -18.62
N MSE D 365 -18.74 23.25 -19.58
CA MSE D 365 -19.25 23.43 -20.93
C MSE D 365 -20.72 23.14 -20.92
O MSE D 365 -21.21 22.54 -19.97
CB MSE D 365 -18.54 22.51 -21.92
CG MSE D 365 -18.50 21.06 -21.51
SE MSE D 365 -17.19 20.03 -22.59
CE MSE D 365 -15.72 19.94 -21.31
N PHE D 366 -21.44 23.56 -21.96
CA PHE D 366 -22.90 23.41 -21.97
C PHE D 366 -23.52 24.56 -21.20
N LYS D 367 -22.66 25.33 -20.55
CA LYS D 367 -23.00 26.68 -20.16
C LYS D 367 -23.00 27.46 -21.47
N PRO D 368 -24.10 28.19 -21.74
CA PRO D 368 -24.24 28.87 -23.03
C PRO D 368 -23.28 30.06 -23.13
N ASP D 369 -22.26 30.05 -22.27
CA ASP D 369 -21.18 31.04 -22.33
C ASP D 369 -19.80 30.39 -22.10
N PHE D 370 -19.79 29.06 -21.96
CA PHE D 370 -18.54 28.31 -21.91
C PHE D 370 -17.60 28.67 -23.06
N THR D 371 -16.34 28.87 -22.71
CA THR D 371 -15.27 29.00 -23.70
C THR D 371 -14.13 28.05 -23.33
N PHE D 372 -13.39 27.58 -24.32
CA PHE D 372 -12.20 26.78 -24.05
C PHE D 372 -11.01 27.67 -23.64
PA FAD E . 14.64 9.89 16.03
O1A FAD E . 15.11 10.82 14.91
O2A FAD E . 13.15 10.08 16.27
O5B FAD E . 15.45 10.14 17.36
C5B FAD E . 16.85 10.54 17.39
C4B FAD E . 17.18 11.29 18.59
O4B FAD E . 18.60 11.39 18.73
C3B FAD E . 16.68 12.66 18.49
O3B FAD E . 16.08 13.04 19.69
C2B FAD E . 17.80 13.47 18.28
O2B FAD E . 17.61 14.77 18.94
C1B FAD E . 18.93 12.74 18.86
N9A FAD E . 20.17 13.02 18.11
C8A FAD E . 20.49 13.25 16.84
N7A FAD E . 21.82 13.39 16.81
C5A FAD E . 22.32 13.24 18.05
C6A FAD E . 23.61 13.28 18.57
N6A FAD E . 24.75 13.54 17.64
N1A FAD E . 23.80 13.05 19.89
C2A FAD E . 22.76 12.82 20.67
N3A FAD E . 21.50 12.77 20.19
C4A FAD E . 21.26 12.98 18.89
N1 FAD E . 6.74 7.06 11.42
C2 FAD E . 5.57 6.56 11.86
O2 FAD E . 5.61 5.43 12.63
N3 FAD E . 4.40 7.13 11.55
C4 FAD E . 4.36 8.24 10.78
O4 FAD E . 3.13 8.87 10.46
C4X FAD E . 5.53 8.79 10.31
N5 FAD E . 5.50 9.91 9.56
C5X FAD E . 6.65 10.42 9.10
C6 FAD E . 6.62 11.58 8.31
C7 FAD E . 7.81 12.13 7.82
C7M FAD E . 7.78 13.41 6.93
C8 FAD E . 9.02 11.55 8.13
C8M FAD E . 10.27 12.16 7.61
C9 FAD E . 9.07 10.38 8.94
C9A FAD E . 7.88 9.82 9.43
N10 FAD E . 7.89 8.69 10.20
C10 FAD E . 6.74 8.17 10.64
C1' FAD E . 9.11 8.04 10.58
C2' FAD E . 9.66 8.31 11.99
O2' FAD E . 9.06 9.07 12.81
C3' FAD E . 11.04 7.69 12.53
O3' FAD E . 11.19 6.33 12.26
C4' FAD E . 11.25 7.86 13.99
O4' FAD E . 11.40 9.19 14.29
C5' FAD E . 12.50 7.13 14.41
O5' FAD E . 12.77 7.17 15.73
P FAD E . 14.22 7.14 16.16
O1P FAD E . 14.19 7.13 17.73
O2P FAD E . 14.94 6.01 15.59
O3P FAD E . 14.96 8.46 15.57
S SO4 F . -0.18 12.56 10.74
O1 SO4 F . 0.25 13.84 11.28
O2 SO4 F . -1.30 12.74 9.79
O3 SO4 F . -0.60 11.70 11.84
O4 SO4 F . 0.93 11.88 10.04
PA FAD G . -51.44 -26.51 -12.38
O1A FAD G . -50.19 -26.51 -11.51
O2A FAD G . -52.26 -27.75 -12.12
O5B FAD G . -50.98 -26.37 -13.89
C5B FAD G . -49.79 -25.58 -14.20
C4B FAD G . -49.31 -25.70 -15.56
O4B FAD G . -48.45 -24.60 -15.91
C3B FAD G . -48.49 -26.90 -15.68
O3B FAD G . -48.72 -27.45 -16.94
C2B FAD G . -47.17 -26.39 -15.62
O2B FAD G . -46.23 -27.38 -16.15
C1B FAD G . -47.26 -25.12 -16.36
N9A FAD G . -46.14 -24.22 -15.99
C8A FAD G . -45.46 -23.99 -14.88
N7A FAD G . -44.55 -23.05 -15.15
C5A FAD G . -44.68 -22.67 -16.43
C6A FAD G . -44.00 -21.72 -17.21
N6A FAD G . -42.91 -20.94 -16.58
N1A FAD G . -44.34 -21.54 -18.52
C2A FAD G . -45.34 -22.28 -19.03
N3A FAD G . -46.01 -23.19 -18.29
C4A FAD G . -45.71 -23.41 -16.99
N1 FAD G . -57.21 -30.58 -6.27
C2 FAD G . -58.37 -31.21 -6.56
O2 FAD G . -59.32 -30.54 -7.29
N3 FAD G . -58.59 -32.47 -6.15
C4 FAD G . -57.65 -33.12 -5.45
O4 FAD G . -57.88 -34.46 -5.02
C4X FAD G . -56.45 -32.50 -5.15
N5 FAD G . -55.50 -33.16 -4.45
C5X FAD G . -54.35 -32.55 -4.16
C6 FAD G . -53.39 -33.26 -3.42
C7 FAD G . -52.19 -32.65 -3.09
C7M FAD G . -51.11 -33.42 -2.26
C8 FAD G . -51.96 -31.35 -3.52
C8M FAD G . -50.64 -30.70 -3.17
C9 FAD G . -52.90 -30.63 -4.26
C9A FAD G . -54.11 -31.24 -4.58
N10 FAD G . -55.06 -30.58 -5.29
C10 FAD G . -56.23 -31.19 -5.58
C1' FAD G . -54.81 -29.24 -5.74
C2' FAD G . -54.77 -29.06 -7.25
O2' FAD G . -54.70 -30.09 -7.95
C3' FAD G . -54.79 -27.64 -8.03
O3' FAD G . -55.81 -26.84 -7.54
C4' FAD G . -54.96 -27.68 -9.51
O4' FAD G . -54.20 -28.72 -10.02
C5' FAD G . -54.51 -26.38 -10.21
O5' FAD G . -54.62 -26.32 -11.57
P FAD G . -53.91 -25.24 -12.37
O1P FAD G . -54.08 -25.52 -13.89
O2P FAD G . -54.44 -23.94 -12.04
O3P FAD G . -52.31 -25.27 -12.06
S SO4 H . -56.77 -39.34 -4.97
O1 SO4 H . -57.21 -37.97 -4.59
O2 SO4 H . -56.83 -39.43 -6.43
O3 SO4 H . -57.62 -40.38 -4.36
O4 SO4 H . -55.39 -39.67 -4.55
PA FAD I . 55.99 18.18 19.67
O1A FAD I . 55.51 16.81 20.14
O2A FAD I . 57.30 18.54 20.37
O5B FAD I . 54.84 19.25 19.99
C5B FAD I . 53.41 18.90 19.89
C4B FAD I . 52.52 19.68 20.74
O4B FAD I . 51.17 19.54 20.30
C3B FAD I . 52.53 19.18 22.14
O3B FAD I . 52.47 20.27 23.01
C2B FAD I . 51.36 18.41 22.25
O2B FAD I . 50.86 18.39 23.63
C1B FAD I . 50.43 19.11 21.38
N9A FAD I . 49.33 18.20 21.05
C8A FAD I . 49.16 16.90 20.88
N7A FAD I . 47.86 16.71 20.57
C5A FAD I . 47.23 17.90 20.55
C6A FAD I . 45.93 18.30 20.30
N6A FAD I . 44.90 17.28 19.97
N1A FAD I . 45.59 19.61 20.36
C2A FAD I . 46.53 20.52 20.67
N3A FAD I . 47.80 20.16 20.92
C4A FAD I . 48.18 18.87 20.86
N1 FAD I . 64.95 15.96 18.83
C2 FAD I . 66.03 16.79 18.88
O2 FAD I . 66.05 17.89 18.06
N3 FAD I . 67.05 16.55 19.70
C4 FAD I . 67.02 15.47 20.50
O4 FAD I . 68.09 15.17 21.37
C4X FAD I . 65.94 14.62 20.48
N5 FAD I . 65.95 13.56 21.30
C5X FAD I . 64.90 12.73 21.29
C6 FAD I . 64.95 11.62 22.15
C7 FAD I . 63.88 10.73 22.17
C7M FAD I . 63.95 9.50 23.12
C8 FAD I . 62.77 10.94 21.34
C8M FAD I . 61.66 9.94 21.39
C9 FAD I . 62.72 12.04 20.46
C9A FAD I . 63.80 12.95 20.44
N10 FAD I . 63.83 14.03 19.64
C10 FAD I . 64.89 14.87 19.63
C1' FAD I . 62.75 14.32 18.75
C2' FAD I . 61.88 15.49 19.10
O2' FAD I . 61.90 15.91 20.28
C3' FAD I . 60.93 16.20 18.02
O3' FAD I . 61.64 16.33 16.86
C4' FAD I . 60.26 17.50 18.35
O4' FAD I . 59.85 17.53 19.68
C5' FAD I . 59.00 17.81 17.54
O5' FAD I . 58.45 19.06 17.66
P FAD I . 56.99 19.30 17.34
O1P FAD I . 56.58 20.70 17.88
O2P FAD I . 56.78 19.22 15.91
O3P FAD I . 56.14 18.17 18.14
S SO4 J . 69.91 14.59 26.25
O1 SO4 J . 69.08 15.79 26.48
O2 SO4 J . 70.10 14.45 24.79
O3 SO4 J . 69.22 13.44 26.88
O4 SO4 J . 71.25 14.72 26.85
PA FAD K . -19.36 -1.37 -23.55
O1A FAD K . -20.78 -0.87 -23.69
O2A FAD K . -18.50 -0.68 -24.64
O5B FAD K . -19.43 -2.95 -23.73
C5B FAD K . -20.55 -3.80 -23.29
C4B FAD K . -20.73 -4.99 -24.09
O4B FAD K . -21.79 -5.78 -23.56
C3B FAD K . -21.13 -4.59 -25.45
O3B FAD K . -20.31 -5.10 -26.45
C2B FAD K . -22.44 -5.08 -25.64
O2B FAD K . -22.61 -5.51 -27.02
C1B FAD K . -22.59 -6.13 -24.64
N9A FAD K . -23.98 -6.15 -24.21
C8A FAD K . -24.97 -5.26 -24.06
N7A FAD K . -26.01 -5.94 -23.56
C5A FAD K . -25.65 -7.24 -23.38
C6A FAD K . -26.31 -8.38 -22.90
N6A FAD K . -27.73 -8.29 -22.44
N1A FAD K . -25.64 -9.56 -22.86
C2A FAD K . -24.37 -9.61 -23.28
N3A FAD K . -23.71 -8.54 -23.76
C4A FAD K . -24.33 -7.36 -23.80
N1 FAD K . -14.90 6.68 -23.34
C2 FAD K . -13.58 6.82 -23.52
O2 FAD K . -12.78 6.11 -22.70
N3 FAD K . -13.09 7.61 -24.46
C4 FAD K . -13.92 8.31 -25.26
O4 FAD K . -13.40 9.16 -26.24
C4X FAD K . -15.30 8.21 -25.10
N5 FAD K . -16.16 8.90 -25.89
C5X FAD K . -17.49 8.76 -25.71
C6 FAD K . -18.38 9.48 -26.52
C7 FAD K . -19.76 9.34 -26.33
C7M FAD K . -20.80 10.13 -27.22
C8 FAD K . -20.26 8.51 -25.35
C8M FAD K . -21.75 8.39 -25.20
C9 FAD K . -19.38 7.78 -24.53
C9A FAD K . -17.98 7.89 -24.72
N10 FAD K . -17.10 7.21 -23.95
C10 FAD K . -15.78 7.36 -24.13
C1' FAD K . -17.50 6.30 -22.93
C2' FAD K . -17.18 4.83 -23.30
O2' FAD K . -16.85 4.52 -24.48
C3' FAD K . -17.22 3.64 -22.21
O3' FAD K . -16.51 4.01 -21.09
C4' FAD K . -16.80 2.27 -22.66
O4' FAD K . -17.41 1.94 -23.85
C5' FAD K . -17.21 1.18 -21.69
O5' FAD K . -16.63 -0.04 -21.82
P FAD K . -17.41 -1.29 -21.41
O1P FAD K . -16.71 -2.56 -21.99
O2P FAD K . -17.50 -1.35 -19.97
O3P FAD K . -18.90 -1.11 -22.08
S SO4 L . -13.16 10.96 -31.27
O1 SO4 L . -12.56 12.21 -31.77
O2 SO4 L . -14.53 10.79 -31.77
O3 SO4 L . -13.06 10.99 -29.79
O4 SO4 L . -12.44 9.80 -31.78
#